data_2M8D
#
_entry.id   2M8D
#
loop_
_entity.id
_entity.type
_entity.pdbx_description
1 polymer "RNA (5'-R(*UP*GP*AP*AP*GP*GP*AP*C)-3')"
2 polymer 'Serine/arginine-rich splicing factor 1'
#
loop_
_entity_poly.entity_id
_entity_poly.type
_entity_poly.pdbx_seq_one_letter_code
_entity_poly.pdbx_strand_id
1 'polyribonucleotide' UGAAGGAC A
2 'polypeptide(L)'
;MAPRGRYGPPSRRSENRVVVSGLPPSGSWQDLKDHMREAGDVCYADVYRDGTGVVEFVRKEDMTYAVRKLDNTKFRSHEG
ETAYIRVKVDG
;
B
#
loop_
_chem_comp.id
_chem_comp.type
_chem_comp.name
_chem_comp.formula
A RNA linking ADENOSINE-5'-MONOPHOSPHATE 'C10 H14 N5 O7 P'
C RNA linking CYTIDINE-5'-MONOPHOSPHATE 'C9 H14 N3 O8 P'
G RNA linking GUANOSINE-5'-MONOPHOSPHATE 'C10 H14 N5 O8 P'
U RNA linking URIDINE-5'-MONOPHOSPHATE 'C9 H13 N2 O9 P'
#
# COMPACT_ATOMS: atom_id res chain seq x y z
N MET B 1 6.98 -12.10 11.48
CA MET B 1 5.96 -11.52 12.39
C MET B 1 4.79 -12.50 12.56
N ALA B 2 4.64 -13.05 13.77
CA ALA B 2 3.58 -13.97 14.15
C ALA B 2 3.16 -14.91 13.00
N PRO B 3 4.10 -15.67 12.43
CA PRO B 3 3.86 -16.51 11.27
C PRO B 3 2.98 -17.71 11.62
N ARG B 4 2.48 -18.39 10.57
CA ARG B 4 1.67 -19.59 10.72
C ARG B 4 1.99 -20.61 9.63
N GLY B 5 2.80 -20.22 8.62
CA GLY B 5 3.22 -21.11 7.54
C GLY B 5 2.06 -21.63 6.70
N ARG B 6 0.91 -20.97 6.75
CA ARG B 6 -0.32 -21.37 6.07
C ARG B 6 -1.11 -20.16 5.63
N TYR B 7 -2.14 -20.37 4.79
CA TYR B 7 -3.01 -19.30 4.33
C TYR B 7 -3.76 -18.66 5.49
N GLY B 8 -4.08 -17.37 5.35
CA GLY B 8 -4.84 -16.62 6.33
C GLY B 8 -4.47 -15.14 6.28
N PRO B 9 -5.17 -14.30 7.06
CA PRO B 9 -4.87 -12.88 7.20
C PRO B 9 -3.39 -12.67 7.50
N PRO B 10 -2.62 -12.10 6.56
CA PRO B 10 -1.17 -12.06 6.63
C PRO B 10 -0.56 -11.55 7.94
N SER B 11 -0.87 -10.34 8.41
CA SER B 11 -0.12 -9.84 9.56
C SER B 11 -0.68 -8.61 10.27
N ARG B 12 -1.37 -7.71 9.56
CA ARG B 12 -1.74 -6.42 10.13
C ARG B 12 -3.21 -6.06 9.91
N ARG B 13 -3.93 -6.84 9.10
CA ARG B 13 -5.35 -6.68 8.83
C ARG B 13 -5.71 -5.27 8.35
N SER B 14 -6.99 -4.98 8.16
CA SER B 14 -7.37 -3.62 7.77
C SER B 14 -8.83 -3.28 7.97
N GLU B 15 -9.14 -2.02 7.62
CA GLU B 15 -10.42 -1.38 7.85
C GLU B 15 -10.78 -0.34 6.79
N ASN B 16 -9.76 0.32 6.23
CA ASN B 16 -9.85 1.42 5.30
C ASN B 16 -8.77 1.23 4.24
N ARG B 17 -9.06 0.33 3.29
CA ARG B 17 -8.14 0.00 2.21
C ARG B 17 -8.33 0.95 1.02
N VAL B 18 -7.28 1.04 0.20
CA VAL B 18 -7.18 1.80 -1.05
C VAL B 18 -6.27 1.01 -1.99
N VAL B 19 -6.58 0.99 -3.29
CA VAL B 19 -5.73 0.28 -4.25
C VAL B 19 -4.48 1.13 -4.49
N VAL B 20 -3.42 0.52 -4.98
CA VAL B 20 -2.24 1.22 -5.44
C VAL B 20 -1.86 0.64 -6.79
N SER B 21 -2.17 1.37 -7.85
CA SER B 21 -1.93 0.88 -9.20
C SER B 21 -0.94 1.76 -9.96
N GLY B 22 -0.21 1.15 -10.89
CA GLY B 22 0.79 1.85 -11.71
C GLY B 22 2.18 1.57 -11.14
N LEU B 23 2.18 0.83 -10.03
CA LEU B 23 3.31 0.39 -9.25
C LEU B 23 4.31 -0.35 -10.14
N PRO B 24 5.62 -0.23 -9.90
CA PRO B 24 6.64 -0.93 -10.64
C PRO B 24 6.64 -2.41 -10.24
N PRO B 25 7.24 -3.28 -11.06
CA PRO B 25 7.34 -4.70 -10.76
C PRO B 25 8.27 -4.95 -9.57
N SER B 26 9.02 -3.92 -9.17
CA SER B 26 9.89 -3.95 -8.01
C SER B 26 9.10 -3.91 -6.71
N GLY B 27 7.87 -3.40 -6.76
CA GLY B 27 7.08 -3.16 -5.56
C GLY B 27 6.72 -4.46 -4.84
N SER B 28 6.40 -4.31 -3.54
CA SER B 28 6.01 -5.40 -2.66
C SER B 28 5.23 -4.80 -1.49
N TRP B 29 4.58 -5.63 -0.68
CA TRP B 29 3.80 -5.12 0.43
C TRP B 29 4.71 -4.42 1.46
N GLN B 30 5.97 -4.87 1.58
CA GLN B 30 6.92 -4.30 2.55
C GLN B 30 7.27 -2.86 2.21
N ASP B 31 7.40 -2.54 0.92
CA ASP B 31 7.81 -1.20 0.51
C ASP B 31 6.63 -0.25 0.45
N LEU B 32 5.40 -0.77 0.39
CA LEU B 32 4.23 0.07 0.27
C LEU B 32 3.98 0.78 1.60
N LYS B 33 4.33 0.14 2.71
CA LYS B 33 4.13 0.73 4.03
C LYS B 33 5.24 1.75 4.28
N ASP B 34 6.44 1.42 3.84
CA ASP B 34 7.64 2.25 3.99
C ASP B 34 7.56 3.57 3.21
N HIS B 35 6.44 3.84 2.52
CA HIS B 35 6.33 5.03 1.70
C HIS B 35 4.99 5.73 1.89
N MET B 36 3.90 4.96 1.98
CA MET B 36 2.60 5.55 2.27
C MET B 36 2.58 6.08 3.70
N ARG B 37 3.59 5.73 4.51
CA ARG B 37 3.80 6.31 5.84
C ARG B 37 3.71 7.85 5.83
N GLU B 38 3.91 8.48 4.66
CA GLU B 38 3.76 9.92 4.52
C GLU B 38 2.31 10.36 4.73
N ALA B 39 1.38 9.59 4.15
CA ALA B 39 -0.04 9.87 4.22
C ALA B 39 -0.59 9.69 5.63
N GLY B 40 0.07 8.82 6.41
CA GLY B 40 -0.40 8.48 7.73
C GLY B 40 0.25 7.19 8.19
N ASP B 41 -0.27 6.62 9.27
CA ASP B 41 0.28 5.43 9.87
C ASP B 41 -0.32 4.19 9.22
N VAL B 42 0.20 3.89 8.04
CA VAL B 42 -0.13 2.67 7.32
C VAL B 42 0.35 1.51 8.19
N CYS B 43 -0.43 0.44 8.22
CA CYS B 43 -0.11 -0.73 9.03
C CYS B 43 -0.15 -2.00 8.19
N TYR B 44 -0.89 -2.01 7.08
CA TYR B 44 -0.94 -3.22 6.25
C TYR B 44 -0.92 -2.84 4.78
N ALA B 45 -0.47 -3.80 3.97
CA ALA B 45 -0.45 -3.64 2.54
C ALA B 45 -0.57 -5.03 1.93
N ASP B 46 -0.88 -5.14 0.65
CA ASP B 46 -0.78 -6.40 -0.03
C ASP B 46 -0.40 -6.11 -1.47
N VAL B 47 0.27 -7.05 -2.12
CA VAL B 47 0.77 -6.82 -3.45
C VAL B 47 0.41 -7.98 -4.36
N TYR B 48 0.19 -7.65 -5.64
CA TYR B 48 -0.22 -8.64 -6.63
C TYR B 48 0.83 -8.88 -7.70
N ARG B 49 2.04 -8.35 -7.49
CA ARG B 49 3.20 -8.64 -8.35
C ARG B 49 2.97 -8.25 -9.81
N ASP B 50 1.97 -7.41 -10.09
CA ASP B 50 1.58 -7.14 -11.47
C ASP B 50 1.33 -5.65 -11.74
N GLY B 51 1.79 -4.76 -10.85
CA GLY B 51 1.61 -3.33 -11.04
C GLY B 51 0.45 -2.80 -10.19
N THR B 52 -0.11 -3.65 -9.33
CA THR B 52 -1.24 -3.31 -8.49
C THR B 52 -1.07 -3.92 -7.10
N GLY B 53 -1.78 -3.34 -6.13
CA GLY B 53 -1.77 -3.82 -4.75
C GLY B 53 -2.75 -3.02 -3.91
N VAL B 54 -2.70 -3.21 -2.59
CA VAL B 54 -3.54 -2.46 -1.65
C VAL B 54 -2.74 -2.03 -0.43
N VAL B 55 -3.26 -1.05 0.31
CA VAL B 55 -2.65 -0.53 1.52
C VAL B 55 -3.72 0.05 2.45
N GLU B 56 -3.44 0.11 3.75
CA GLU B 56 -4.38 0.62 4.74
C GLU B 56 -3.67 1.22 5.95
N PHE B 57 -4.37 2.14 6.63
CA PHE B 57 -3.85 2.90 7.76
C PHE B 57 -4.73 2.75 9.00
N VAL B 58 -4.16 3.13 10.13
CA VAL B 58 -4.81 3.05 11.43
C VAL B 58 -6.06 3.93 11.51
N ARG B 59 -6.29 4.77 10.49
CA ARG B 59 -7.44 5.67 10.46
C ARG B 59 -7.88 5.86 9.02
N LYS B 60 -9.19 5.77 8.78
CA LYS B 60 -9.74 5.87 7.43
C LYS B 60 -9.49 7.24 6.80
N GLU B 61 -9.22 8.27 7.61
CA GLU B 61 -9.01 9.61 7.09
C GLU B 61 -7.61 9.73 6.46
N ASP B 62 -6.64 8.95 6.96
CA ASP B 62 -5.29 8.98 6.45
C ASP B 62 -5.22 8.26 5.11
N MET B 63 -6.24 7.43 4.84
CA MET B 63 -6.36 6.66 3.63
C MET B 63 -6.85 7.54 2.48
N THR B 64 -7.96 8.24 2.68
CA THR B 64 -8.43 9.16 1.66
C THR B 64 -7.41 10.27 1.47
N TYR B 65 -6.54 10.49 2.47
CA TYR B 65 -5.46 11.47 2.34
C TYR B 65 -4.37 10.89 1.45
N ALA B 66 -4.19 9.57 1.47
CA ALA B 66 -3.20 8.89 0.67
C ALA B 66 -3.61 8.80 -0.80
N VAL B 67 -4.90 9.01 -1.10
CA VAL B 67 -5.36 9.08 -2.48
C VAL B 67 -5.85 10.48 -2.85
N ARG B 68 -5.21 11.51 -2.27
CA ARG B 68 -5.39 12.89 -2.68
C ARG B 68 -4.10 13.71 -2.63
N LYS B 69 -3.09 13.21 -1.90
CA LYS B 69 -1.76 13.82 -1.86
C LYS B 69 -0.66 12.83 -2.26
N LEU B 70 -0.90 11.53 -2.09
CA LEU B 70 0.10 10.51 -2.38
C LEU B 70 -0.27 9.75 -3.66
N ASP B 71 -1.42 10.09 -4.25
CA ASP B 71 -1.80 9.67 -5.58
C ASP B 71 -1.10 10.57 -6.60
N ASN B 72 -0.73 10.01 -7.76
CA ASN B 72 -0.14 10.74 -8.86
C ASN B 72 1.20 11.39 -8.48
N THR B 73 1.92 10.75 -7.54
CA THR B 73 3.24 11.21 -7.12
C THR B 73 4.23 10.06 -7.06
N LYS B 74 5.51 10.37 -6.90
CA LYS B 74 6.60 9.42 -6.87
C LYS B 74 6.41 8.35 -5.79
N PHE B 75 6.93 7.17 -6.08
CA PHE B 75 7.09 6.05 -5.14
C PHE B 75 8.42 5.35 -5.45
N ARG B 76 8.93 4.58 -4.48
CA ARG B 76 10.28 4.00 -4.52
C ARG B 76 10.25 2.57 -3.99
N SER B 77 11.23 1.77 -4.41
CA SER B 77 11.33 0.38 -3.99
C SER B 77 12.77 -0.04 -3.75
N HIS B 78 12.95 -1.15 -3.04
CA HIS B 78 14.25 -1.72 -2.67
C HIS B 78 15.12 -2.07 -3.87
N GLU B 79 14.52 -2.25 -5.05
CA GLU B 79 15.25 -2.66 -6.24
C GLU B 79 16.15 -1.53 -6.77
N GLY B 80 15.93 -0.30 -6.29
CA GLY B 80 16.81 0.82 -6.63
C GLY B 80 16.22 1.74 -7.70
N GLU B 81 14.89 1.70 -7.90
CA GLU B 81 14.24 2.53 -8.90
C GLU B 81 12.92 3.08 -8.38
N THR B 82 12.32 3.99 -9.16
CA THR B 82 11.12 4.70 -8.74
C THR B 82 10.12 4.84 -9.89
N ALA B 83 8.87 5.12 -9.55
CA ALA B 83 7.78 5.31 -10.50
C ALA B 83 6.61 5.98 -9.79
N TYR B 84 5.70 6.59 -10.54
CA TYR B 84 4.49 7.15 -9.97
C TYR B 84 3.53 6.04 -9.56
N ILE B 85 2.64 6.36 -8.62
CA ILE B 85 1.53 5.49 -8.29
C ILE B 85 0.21 6.25 -8.46
N ARG B 86 -0.83 5.49 -8.77
CA ARG B 86 -2.18 5.97 -8.96
C ARG B 86 -3.05 5.31 -7.91
N VAL B 87 -2.99 5.81 -6.68
CA VAL B 87 -3.80 5.25 -5.59
C VAL B 87 -5.28 5.31 -5.98
N LYS B 88 -6.05 4.30 -5.57
CA LYS B 88 -7.49 4.32 -5.73
C LYS B 88 -8.17 4.05 -4.39
N VAL B 89 -9.48 4.27 -4.33
CA VAL B 89 -10.31 4.14 -3.15
C VAL B 89 -10.31 2.74 -2.54
N ASP B 90 -10.13 1.70 -3.37
CA ASP B 90 -10.22 0.27 -3.04
C ASP B 90 -10.82 -0.47 -4.24
N GLY B 91 -10.69 -1.79 -4.25
CA GLY B 91 -11.27 -2.64 -5.27
C GLY B 91 -10.86 -4.10 -5.07
N MET B 1 -8.45 -19.08 -2.82
CA MET B 1 -7.94 -17.74 -2.47
C MET B 1 -9.03 -16.89 -1.84
N ALA B 2 -8.64 -15.71 -1.33
CA ALA B 2 -9.55 -14.77 -0.70
C ALA B 2 -9.02 -13.35 -0.90
N PRO B 3 -9.88 -12.32 -0.82
CA PRO B 3 -9.50 -10.93 -1.02
C PRO B 3 -8.62 -10.39 0.11
N ARG B 4 -8.12 -11.27 0.98
CA ARG B 4 -7.27 -10.91 2.10
C ARG B 4 -6.21 -11.99 2.34
N GLY B 5 -5.97 -12.84 1.34
CA GLY B 5 -5.03 -13.95 1.46
C GLY B 5 -4.60 -14.50 0.10
N ARG B 6 -4.50 -13.62 -0.91
CA ARG B 6 -4.13 -14.00 -2.27
C ARG B 6 -2.75 -14.67 -2.38
N TYR B 7 -1.89 -14.52 -1.37
CA TYR B 7 -0.53 -15.04 -1.40
C TYR B 7 -0.04 -15.51 -0.03
N GLY B 8 -0.93 -15.53 0.97
CA GLY B 8 -0.57 -15.92 2.32
C GLY B 8 -1.72 -15.69 3.29
N PRO B 9 -1.49 -15.87 4.60
CA PRO B 9 -2.50 -15.60 5.62
C PRO B 9 -2.71 -14.10 5.76
N PRO B 10 -3.84 -13.67 6.34
CA PRO B 10 -4.13 -12.27 6.56
C PRO B 10 -3.22 -11.72 7.65
N SER B 11 -2.92 -10.41 7.59
CA SER B 11 -2.06 -9.75 8.55
C SER B 11 -2.31 -8.25 8.49
N ARG B 12 -1.94 -7.55 9.58
CA ARG B 12 -1.89 -6.09 9.64
C ARG B 12 -3.17 -5.35 9.24
N ARG B 13 -4.27 -6.07 8.95
CA ARG B 13 -5.52 -5.45 8.49
C ARG B 13 -6.00 -4.36 9.44
N SER B 14 -6.86 -3.47 8.94
CA SER B 14 -7.31 -2.31 9.71
C SER B 14 -8.79 -1.99 9.53
N GLU B 15 -9.13 -1.08 8.62
CA GLU B 15 -10.45 -0.48 8.57
C GLU B 15 -10.93 0.04 7.22
N ASN B 16 -10.02 0.49 6.36
CA ASN B 16 -10.44 1.27 5.19
C ASN B 16 -9.93 0.77 3.83
N ARG B 17 -8.70 0.27 3.77
CA ARG B 17 -7.99 -0.02 2.52
C ARG B 17 -8.05 1.10 1.45
N VAL B 18 -7.17 0.97 0.46
CA VAL B 18 -7.05 1.71 -0.80
C VAL B 18 -6.24 0.86 -1.77
N VAL B 19 -6.69 0.74 -3.02
CA VAL B 19 -5.90 0.04 -4.03
C VAL B 19 -4.75 0.94 -4.44
N VAL B 20 -3.75 0.38 -5.11
CA VAL B 20 -2.70 1.18 -5.73
C VAL B 20 -2.45 0.59 -7.11
N SER B 21 -2.30 1.46 -8.11
CA SER B 21 -1.92 1.00 -9.43
C SER B 21 -0.85 1.87 -10.06
N GLY B 22 0.02 1.24 -10.87
CA GLY B 22 1.14 1.91 -11.52
C GLY B 22 2.44 1.46 -10.88
N LEU B 23 2.29 0.61 -9.85
CA LEU B 23 3.33 0.02 -9.03
C LEU B 23 4.37 -0.66 -9.93
N PRO B 24 5.67 -0.56 -9.61
CA PRO B 24 6.74 -1.20 -10.36
C PRO B 24 6.86 -2.66 -9.94
N PRO B 25 7.53 -3.50 -10.74
CA PRO B 25 7.85 -4.87 -10.38
C PRO B 25 8.91 -4.89 -9.29
N SER B 26 9.58 -3.74 -9.09
CA SER B 26 10.57 -3.53 -8.04
C SER B 26 9.92 -3.17 -6.71
N GLY B 27 8.60 -3.22 -6.62
CA GLY B 27 7.89 -2.92 -5.39
C GLY B 27 7.31 -4.19 -4.78
N SER B 28 6.92 -4.10 -3.51
CA SER B 28 6.35 -5.22 -2.76
C SER B 28 5.57 -4.66 -1.57
N TRP B 29 4.82 -5.51 -0.87
CA TRP B 29 4.00 -5.05 0.25
C TRP B 29 4.88 -4.44 1.34
N GLN B 30 6.13 -4.90 1.47
CA GLN B 30 7.04 -4.41 2.49
C GLN B 30 7.47 -2.97 2.24
N ASP B 31 7.64 -2.57 0.98
CA ASP B 31 8.14 -1.24 0.68
C ASP B 31 7.02 -0.23 0.52
N LEU B 32 5.80 -0.70 0.25
CA LEU B 32 4.66 0.19 0.02
C LEU B 32 4.21 0.78 1.35
N LYS B 33 4.44 0.09 2.46
CA LYS B 33 4.10 0.60 3.79
C LYS B 33 5.12 1.67 4.18
N ASP B 34 6.38 1.42 3.87
CA ASP B 34 7.52 2.28 4.17
C ASP B 34 7.48 3.61 3.43
N HIS B 35 6.43 3.86 2.65
CA HIS B 35 6.36 5.07 1.84
C HIS B 35 4.98 5.71 1.92
N MET B 36 3.92 4.90 1.95
CA MET B 36 2.58 5.44 2.10
C MET B 36 2.39 6.02 3.50
N ARG B 37 3.26 5.64 4.45
CA ARG B 37 3.28 6.22 5.79
C ARG B 37 3.32 7.75 5.80
N GLU B 38 3.74 8.37 4.69
CA GLU B 38 3.72 9.81 4.55
C GLU B 38 2.32 10.38 4.77
N ALA B 39 1.32 9.63 4.31
CA ALA B 39 -0.07 10.03 4.40
C ALA B 39 -0.57 10.08 5.85
N GLY B 40 0.11 9.35 6.73
CA GLY B 40 -0.31 9.30 8.12
C GLY B 40 0.36 8.16 8.88
N ASP B 41 -0.32 7.02 8.93
CA ASP B 41 0.22 5.80 9.51
C ASP B 41 -0.45 4.62 8.85
N VAL B 42 0.36 3.75 8.23
CA VAL B 42 -0.12 2.57 7.55
C VAL B 42 0.55 1.35 8.16
N CYS B 43 -0.17 0.23 8.11
CA CYS B 43 0.28 -0.99 8.74
C CYS B 43 0.19 -2.18 7.79
N TYR B 44 -0.64 -2.12 6.75
CA TYR B 44 -0.82 -3.26 5.85
C TYR B 44 -0.70 -2.87 4.40
N ALA B 45 -0.31 -3.85 3.59
CA ALA B 45 -0.28 -3.68 2.16
C ALA B 45 -0.33 -5.08 1.55
N ASP B 46 -0.69 -5.19 0.28
CA ASP B 46 -0.55 -6.46 -0.41
C ASP B 46 -0.19 -6.15 -1.84
N VAL B 47 0.59 -7.03 -2.47
CA VAL B 47 1.12 -6.77 -3.78
C VAL B 47 0.82 -7.94 -4.71
N TYR B 48 0.51 -7.60 -5.97
CA TYR B 48 0.16 -8.60 -6.96
C TYR B 48 1.32 -8.87 -7.93
N ARG B 49 2.48 -8.27 -7.67
CA ARG B 49 3.72 -8.57 -8.39
C ARG B 49 3.63 -8.26 -9.88
N ASP B 50 2.65 -7.46 -10.29
CA ASP B 50 2.42 -7.22 -11.72
C ASP B 50 2.12 -5.75 -12.07
N GLY B 51 1.85 -4.89 -11.08
CA GLY B 51 1.59 -3.47 -11.36
C GLY B 51 0.49 -2.88 -10.50
N THR B 52 -0.13 -3.72 -9.66
CA THR B 52 -1.22 -3.29 -8.78
C THR B 52 -1.06 -3.94 -7.42
N GLY B 53 -1.79 -3.41 -6.45
CA GLY B 53 -1.75 -3.89 -5.08
C GLY B 53 -2.72 -3.09 -4.21
N VAL B 54 -2.57 -3.22 -2.90
CA VAL B 54 -3.39 -2.50 -1.93
C VAL B 54 -2.53 -2.07 -0.74
N VAL B 55 -3.05 -1.09 0.02
CA VAL B 55 -2.43 -0.60 1.23
C VAL B 55 -3.53 -0.16 2.18
N GLU B 56 -3.24 -0.06 3.48
CA GLU B 56 -4.28 0.26 4.46
C GLU B 56 -3.70 0.92 5.71
N PHE B 57 -4.49 1.82 6.30
CA PHE B 57 -4.06 2.71 7.36
C PHE B 57 -4.81 2.49 8.65
N VAL B 58 -4.17 2.89 9.74
CA VAL B 58 -4.66 2.76 11.10
C VAL B 58 -5.98 3.51 11.32
N ARG B 59 -6.36 4.39 10.38
CA ARG B 59 -7.58 5.16 10.45
C ARG B 59 -8.05 5.49 9.04
N LYS B 60 -9.36 5.66 8.85
CA LYS B 60 -9.93 5.91 7.54
C LYS B 60 -9.55 7.28 6.97
N GLU B 61 -9.18 8.24 7.82
CA GLU B 61 -8.86 9.59 7.35
C GLU B 61 -7.46 9.64 6.74
N ASP B 62 -6.53 8.84 7.28
CA ASP B 62 -5.16 8.85 6.80
C ASP B 62 -5.08 8.19 5.43
N MET B 63 -6.12 7.43 5.07
CA MET B 63 -6.22 6.73 3.80
C MET B 63 -6.72 7.65 2.71
N THR B 64 -7.84 8.33 2.97
CA THR B 64 -8.36 9.25 1.98
C THR B 64 -7.32 10.35 1.73
N TYR B 65 -6.41 10.55 2.70
CA TYR B 65 -5.32 11.50 2.54
C TYR B 65 -4.26 10.91 1.61
N ALA B 66 -4.09 9.59 1.66
CA ALA B 66 -3.13 8.88 0.83
C ALA B 66 -3.61 8.77 -0.62
N VAL B 67 -4.89 9.08 -0.88
CA VAL B 67 -5.39 9.13 -2.24
C VAL B 67 -5.89 10.53 -2.61
N ARG B 68 -5.23 11.56 -2.04
CA ARG B 68 -5.42 12.95 -2.44
C ARG B 68 -4.12 13.76 -2.41
N LYS B 69 -3.10 13.24 -1.73
CA LYS B 69 -1.75 13.81 -1.74
C LYS B 69 -0.70 12.83 -2.19
N LEU B 70 -0.94 11.53 -2.01
CA LEU B 70 0.02 10.49 -2.37
C LEU B 70 -0.42 9.74 -3.62
N ASP B 71 -1.60 10.09 -4.14
CA ASP B 71 -2.07 9.64 -5.45
C ASP B 71 -1.34 10.41 -6.55
N ASN B 72 -1.04 9.73 -7.66
CA ASN B 72 -0.48 10.34 -8.85
C ASN B 72 0.82 11.11 -8.56
N THR B 73 1.63 10.58 -7.66
CA THR B 73 2.94 11.11 -7.33
C THR B 73 3.97 10.00 -7.23
N LYS B 74 5.23 10.38 -7.08
CA LYS B 74 6.36 9.46 -7.05
C LYS B 74 6.26 8.44 -5.94
N PHE B 75 6.75 7.24 -6.23
CA PHE B 75 6.98 6.17 -5.27
C PHE B 75 8.33 5.52 -5.52
N ARG B 76 8.89 4.89 -4.48
CA ARG B 76 10.24 4.33 -4.47
C ARG B 76 10.22 3.06 -3.62
N SER B 77 10.98 2.05 -4.05
CA SER B 77 11.00 0.75 -3.42
C SER B 77 12.35 0.09 -3.65
N HIS B 78 12.49 -1.16 -3.18
CA HIS B 78 13.71 -1.95 -3.36
C HIS B 78 14.05 -2.13 -4.85
N GLU B 79 15.12 -2.88 -5.11
CA GLU B 79 15.71 -3.09 -6.43
C GLU B 79 16.37 -1.83 -6.98
N GLY B 80 16.10 -0.66 -6.37
CA GLY B 80 16.78 0.58 -6.69
C GLY B 80 16.05 1.43 -7.73
N GLU B 81 14.72 1.32 -7.83
CA GLU B 81 13.94 2.05 -8.82
C GLU B 81 12.77 2.81 -8.21
N THR B 82 12.10 3.55 -9.09
CA THR B 82 10.99 4.42 -8.74
C THR B 82 9.87 4.29 -9.78
N ALA B 83 8.70 4.83 -9.44
CA ALA B 83 7.53 4.78 -10.29
C ALA B 83 6.52 5.83 -9.82
N TYR B 84 5.27 5.68 -10.26
CA TYR B 84 4.16 6.55 -9.87
C TYR B 84 3.04 5.67 -9.32
N ILE B 85 2.28 6.18 -8.35
CA ILE B 85 1.22 5.41 -7.73
C ILE B 85 -0.14 6.11 -7.83
N ARG B 86 -0.98 5.64 -8.75
CA ARG B 86 -2.37 6.06 -8.85
C ARG B 86 -3.17 5.29 -7.81
N VAL B 87 -3.24 5.88 -6.63
CA VAL B 87 -3.97 5.26 -5.51
C VAL B 87 -5.46 5.27 -5.85
N LYS B 88 -6.15 4.18 -5.54
CA LYS B 88 -7.61 4.15 -5.58
C LYS B 88 -8.16 3.88 -4.18
N VAL B 89 -9.44 4.17 -3.98
CA VAL B 89 -10.15 4.11 -2.72
C VAL B 89 -10.18 2.72 -2.07
N ASP B 90 -10.15 1.65 -2.87
CA ASP B 90 -10.30 0.25 -2.47
C ASP B 90 -11.08 -0.49 -3.57
N GLY B 91 -11.01 -1.82 -3.55
CA GLY B 91 -11.77 -2.64 -4.46
C GLY B 91 -11.48 -4.13 -4.22
N MET B 1 -1.02 -33.62 18.97
CA MET B 1 -2.36 -33.40 19.55
C MET B 1 -3.40 -33.23 18.45
N ALA B 2 -3.46 -32.06 17.82
CA ALA B 2 -4.41 -31.77 16.75
C ALA B 2 -3.84 -30.70 15.81
N PRO B 3 -4.28 -30.67 14.56
CA PRO B 3 -3.85 -29.69 13.57
C PRO B 3 -4.45 -28.33 13.87
N ARG B 4 -4.00 -27.30 13.13
CA ARG B 4 -4.45 -25.93 13.27
C ARG B 4 -4.47 -25.25 11.90
N GLY B 5 -5.06 -24.06 11.83
CA GLY B 5 -5.14 -23.29 10.59
C GLY B 5 -5.99 -22.04 10.78
N ARG B 6 -6.12 -21.25 9.71
CA ARG B 6 -6.92 -20.03 9.71
C ARG B 6 -7.41 -19.71 8.29
N TYR B 7 -8.33 -18.75 8.19
CA TYR B 7 -8.91 -18.33 6.92
C TYR B 7 -9.26 -16.85 6.94
N GLY B 8 -8.75 -16.11 7.95
CA GLY B 8 -9.00 -14.69 8.12
C GLY B 8 -7.78 -13.87 7.71
N PRO B 9 -7.79 -12.57 8.02
CA PRO B 9 -6.71 -11.64 7.73
C PRO B 9 -5.33 -12.23 8.05
N PRO B 10 -4.34 -12.03 7.17
CA PRO B 10 -3.01 -12.58 7.36
C PRO B 10 -2.26 -11.80 8.45
N SER B 11 -2.36 -10.48 8.44
CA SER B 11 -1.76 -9.61 9.44
C SER B 11 -2.14 -8.17 9.16
N ARG B 12 -1.96 -7.30 10.17
CA ARG B 12 -1.99 -5.84 10.03
C ARG B 12 -3.24 -5.19 9.41
N ARG B 13 -4.22 -5.95 8.91
CA ARG B 13 -5.40 -5.37 8.27
C ARG B 13 -6.21 -4.49 9.22
N SER B 14 -7.12 -3.69 8.65
CA SER B 14 -7.87 -2.68 9.38
C SER B 14 -9.30 -2.51 8.84
N GLU B 15 -9.65 -1.27 8.51
CA GLU B 15 -11.00 -0.84 8.21
C GLU B 15 -11.15 0.02 6.96
N ASN B 16 -10.06 0.70 6.59
CA ASN B 16 -10.04 1.70 5.55
C ASN B 16 -8.89 1.43 4.58
N ARG B 17 -9.15 0.47 3.69
CA ARG B 17 -8.28 0.09 2.58
C ARG B 17 -8.37 1.05 1.39
N VAL B 18 -7.33 1.05 0.54
CA VAL B 18 -7.19 1.77 -0.72
C VAL B 18 -6.29 0.96 -1.66
N VAL B 19 -6.58 0.94 -2.96
CA VAL B 19 -5.76 0.20 -3.91
C VAL B 19 -4.53 1.03 -4.27
N VAL B 20 -3.55 0.42 -4.95
CA VAL B 20 -2.44 1.14 -5.54
C VAL B 20 -2.16 0.50 -6.89
N SER B 21 -1.92 1.32 -7.92
CA SER B 21 -1.59 0.80 -9.25
C SER B 21 -0.53 1.66 -9.92
N GLY B 22 0.19 1.08 -10.89
CA GLY B 22 1.27 1.76 -11.59
C GLY B 22 2.62 1.33 -11.01
N LEU B 23 2.56 0.39 -10.06
CA LEU B 23 3.71 -0.13 -9.33
C LEU B 23 4.79 -0.64 -10.29
N PRO B 24 6.07 -0.51 -9.92
CA PRO B 24 7.20 -0.94 -10.72
C PRO B 24 7.28 -2.46 -10.78
N PRO B 25 8.07 -3.00 -11.73
CA PRO B 25 8.21 -4.42 -12.00
C PRO B 25 8.56 -5.31 -10.81
N SER B 26 8.87 -4.75 -9.63
CA SER B 26 9.30 -5.56 -8.50
C SER B 26 8.85 -4.99 -7.15
N GLY B 27 7.93 -4.02 -7.13
CA GLY B 27 7.40 -3.50 -5.86
C GLY B 27 6.89 -4.64 -4.99
N SER B 28 6.80 -4.42 -3.67
CA SER B 28 6.38 -5.45 -2.74
C SER B 28 5.58 -4.83 -1.58
N TRP B 29 4.93 -5.67 -0.78
CA TRP B 29 4.11 -5.18 0.31
C TRP B 29 4.95 -4.48 1.39
N GLN B 30 6.23 -4.85 1.52
CA GLN B 30 7.10 -4.25 2.52
C GLN B 30 7.40 -2.80 2.20
N ASP B 31 7.63 -2.49 0.92
CA ASP B 31 8.01 -1.14 0.51
C ASP B 31 6.79 -0.23 0.43
N LEU B 32 5.60 -0.80 0.30
CA LEU B 32 4.38 -0.01 0.20
C LEU B 32 4.07 0.65 1.54
N LYS B 33 4.42 -0.01 2.64
CA LYS B 33 4.16 0.52 3.98
C LYS B 33 5.22 1.54 4.33
N ASP B 34 6.46 1.29 3.91
CA ASP B 34 7.61 2.16 4.13
C ASP B 34 7.53 3.47 3.34
N HIS B 35 6.43 3.70 2.61
CA HIS B 35 6.31 4.88 1.77
C HIS B 35 4.96 5.56 1.98
N MET B 36 3.87 4.79 2.10
CA MET B 36 2.58 5.38 2.41
C MET B 36 2.57 5.89 3.85
N ARG B 37 3.57 5.52 4.67
CA ARG B 37 3.81 6.11 5.99
C ARG B 37 3.70 7.63 5.97
N GLU B 38 3.93 8.26 4.82
CA GLU B 38 3.81 9.69 4.67
C GLU B 38 2.37 10.16 4.87
N ALA B 39 1.43 9.40 4.32
CA ALA B 39 0.01 9.70 4.38
C ALA B 39 -0.54 9.52 5.78
N GLY B 40 0.06 8.60 6.54
CA GLY B 40 -0.42 8.23 7.85
C GLY B 40 0.23 6.94 8.32
N ASP B 41 -0.27 6.41 9.43
CA ASP B 41 0.27 5.21 10.05
C ASP B 41 -0.27 3.95 9.37
N VAL B 42 0.09 3.78 8.11
CA VAL B 42 -0.23 2.58 7.37
C VAL B 42 0.31 1.39 8.14
N CYS B 43 -0.45 0.31 8.14
CA CYS B 43 -0.09 -0.88 8.88
C CYS B 43 -0.02 -2.09 7.96
N TYR B 44 -0.82 -2.12 6.89
CA TYR B 44 -0.86 -3.28 6.00
C TYR B 44 -0.80 -2.86 4.54
N ALA B 45 -0.37 -3.81 3.72
CA ALA B 45 -0.35 -3.68 2.29
C ALA B 45 -0.46 -5.08 1.70
N ASP B 46 -0.69 -5.18 0.39
CA ASP B 46 -0.53 -6.45 -0.29
C ASP B 46 -0.11 -6.14 -1.71
N VAL B 47 0.57 -7.08 -2.36
CA VAL B 47 1.10 -6.84 -3.66
C VAL B 47 0.76 -7.99 -4.60
N TYR B 48 0.47 -7.63 -5.85
CA TYR B 48 0.07 -8.60 -6.85
C TYR B 48 1.18 -8.89 -7.85
N ARG B 49 2.37 -8.33 -7.61
CA ARG B 49 3.59 -8.65 -8.35
C ARG B 49 3.47 -8.34 -9.84
N ASP B 50 2.50 -7.50 -10.24
CA ASP B 50 2.25 -7.25 -11.65
C ASP B 50 1.99 -5.77 -11.97
N GLY B 51 2.03 -4.88 -10.97
CA GLY B 51 1.80 -3.46 -11.19
C GLY B 51 0.68 -2.89 -10.33
N THR B 52 0.11 -3.73 -9.47
CA THR B 52 -0.99 -3.34 -8.60
C THR B 52 -0.83 -3.98 -7.23
N GLY B 53 -1.61 -3.48 -6.27
CA GLY B 53 -1.59 -3.96 -4.90
C GLY B 53 -2.60 -3.17 -4.07
N VAL B 54 -2.51 -3.30 -2.75
CA VAL B 54 -3.37 -2.57 -1.82
C VAL B 54 -2.56 -2.07 -0.62
N VAL B 55 -3.11 -1.10 0.11
CA VAL B 55 -2.51 -0.56 1.32
C VAL B 55 -3.63 -0.09 2.25
N GLU B 56 -3.35 0.04 3.55
CA GLU B 56 -4.38 0.34 4.54
C GLU B 56 -3.79 0.98 5.80
N PHE B 57 -4.55 1.87 6.44
CA PHE B 57 -4.06 2.61 7.61
C PHE B 57 -4.93 2.37 8.82
N VAL B 58 -4.44 2.87 9.96
CA VAL B 58 -5.08 2.76 11.25
C VAL B 58 -6.35 3.59 11.34
N ARG B 59 -6.49 4.60 10.47
CA ARG B 59 -7.59 5.54 10.53
C ARG B 59 -8.02 5.93 9.11
N LYS B 60 -9.33 6.09 8.91
CA LYS B 60 -9.90 6.29 7.58
C LYS B 60 -9.58 7.65 6.96
N GLU B 61 -9.30 8.66 7.76
CA GLU B 61 -9.04 10.00 7.21
C GLU B 61 -7.64 10.07 6.59
N ASP B 62 -6.70 9.32 7.15
CA ASP B 62 -5.33 9.32 6.65
C ASP B 62 -5.25 8.52 5.35
N MET B 63 -6.26 7.70 5.09
CA MET B 63 -6.36 6.88 3.90
C MET B 63 -6.83 7.71 2.71
N THR B 64 -7.92 8.46 2.85
CA THR B 64 -8.36 9.36 1.79
C THR B 64 -7.32 10.47 1.61
N TYR B 65 -6.47 10.69 2.61
CA TYR B 65 -5.40 11.67 2.46
C TYR B 65 -4.33 11.09 1.52
N ALA B 66 -4.22 9.76 1.47
CA ALA B 66 -3.25 9.12 0.61
C ALA B 66 -3.71 9.17 -0.85
N VAL B 67 -5.01 9.03 -1.11
CA VAL B 67 -5.53 9.04 -2.45
C VAL B 67 -5.51 10.43 -3.10
N ARG B 68 -4.90 11.43 -2.44
CA ARG B 68 -4.95 12.80 -2.94
C ARG B 68 -3.61 13.50 -2.82
N LYS B 69 -2.75 13.08 -1.88
CA LYS B 69 -1.41 13.64 -1.75
C LYS B 69 -0.35 12.64 -2.23
N LEU B 70 -0.68 11.35 -2.13
CA LEU B 70 0.25 10.27 -2.42
C LEU B 70 -0.25 9.45 -3.62
N ASP B 71 -1.41 9.83 -4.17
CA ASP B 71 -1.93 9.30 -5.41
C ASP B 71 -1.46 10.18 -6.57
N ASN B 72 -1.12 9.56 -7.70
CA ASN B 72 -0.66 10.23 -8.91
C ASN B 72 0.67 10.95 -8.69
N THR B 73 1.47 10.44 -7.75
CA THR B 73 2.80 10.98 -7.45
C THR B 73 3.79 9.84 -7.25
N LYS B 74 5.08 10.19 -7.12
CA LYS B 74 6.18 9.26 -7.00
C LYS B 74 6.02 8.25 -5.86
N PHE B 75 6.62 7.08 -6.09
CA PHE B 75 6.83 6.01 -5.13
C PHE B 75 8.21 5.40 -5.39
N ARG B 76 8.74 4.67 -4.42
CA ARG B 76 10.11 4.18 -4.43
C ARG B 76 10.14 2.78 -3.81
N SER B 77 11.03 1.92 -4.33
CA SER B 77 11.12 0.55 -3.87
C SER B 77 12.56 0.07 -3.82
N HIS B 78 12.77 -1.11 -3.25
CA HIS B 78 14.09 -1.73 -3.08
C HIS B 78 14.83 -1.93 -4.40
N GLU B 79 14.14 -1.76 -5.54
CA GLU B 79 14.74 -1.96 -6.86
C GLU B 79 15.80 -0.90 -7.14
N GLY B 80 15.75 0.20 -6.39
CA GLY B 80 16.70 1.29 -6.53
C GLY B 80 16.16 2.42 -7.40
N GLU B 81 14.87 2.36 -7.75
CA GLU B 81 14.23 3.32 -8.64
C GLU B 81 12.87 3.75 -8.13
N THR B 82 12.23 4.60 -8.93
CA THR B 82 10.96 5.23 -8.61
C THR B 82 10.00 5.17 -9.80
N ALA B 83 8.71 5.36 -9.51
CA ALA B 83 7.65 5.41 -10.50
C ALA B 83 6.42 6.02 -9.83
N TYR B 84 5.49 6.57 -10.62
CA TYR B 84 4.24 7.07 -10.07
C TYR B 84 3.36 5.91 -9.64
N ILE B 85 2.48 6.20 -8.67
CA ILE B 85 1.43 5.27 -8.29
C ILE B 85 0.11 5.99 -8.20
N ARG B 86 -0.98 5.25 -8.42
CA ARG B 86 -2.33 5.74 -8.36
C ARG B 86 -3.04 5.02 -7.21
N VAL B 87 -2.91 5.58 -6.01
CA VAL B 87 -3.55 5.06 -4.81
C VAL B 87 -5.07 5.25 -4.87
N LYS B 88 -5.78 4.28 -5.43
CA LYS B 88 -7.24 4.34 -5.54
C LYS B 88 -7.91 4.18 -4.17
N VAL B 89 -9.22 4.40 -4.13
CA VAL B 89 -10.04 4.34 -2.93
C VAL B 89 -10.14 2.95 -2.29
N ASP B 90 -10.00 1.89 -3.10
CA ASP B 90 -10.17 0.47 -2.77
C ASP B 90 -11.07 -0.19 -3.83
N GLY B 91 -11.09 -1.51 -3.83
CA GLY B 91 -11.97 -2.28 -4.69
C GLY B 91 -11.63 -3.76 -4.63
N MET B 1 0.62 -30.25 20.67
CA MET B 1 0.17 -28.84 20.66
C MET B 1 0.41 -28.23 19.28
N ALA B 2 -0.60 -27.57 18.73
CA ALA B 2 -0.52 -26.92 17.44
C ALA B 2 -1.48 -25.73 17.38
N PRO B 3 -1.21 -24.75 16.51
CA PRO B 3 -2.06 -23.58 16.33
C PRO B 3 -3.35 -23.94 15.58
N ARG B 4 -4.29 -23.00 15.52
CA ARG B 4 -5.56 -23.19 14.84
C ARG B 4 -6.06 -21.91 14.17
N GLY B 5 -5.22 -20.87 14.12
CA GLY B 5 -5.57 -19.61 13.50
C GLY B 5 -4.42 -18.62 13.54
N ARG B 6 -4.62 -17.43 12.98
CA ARG B 6 -3.61 -16.38 12.96
C ARG B 6 -3.58 -15.60 14.27
N TYR B 7 -4.52 -15.88 15.17
CA TYR B 7 -4.67 -15.18 16.45
C TYR B 7 -4.67 -13.65 16.30
N GLY B 8 -4.99 -13.17 15.10
CA GLY B 8 -4.99 -11.74 14.80
C GLY B 8 -5.35 -11.50 13.33
N PRO B 9 -5.26 -10.24 12.88
CA PRO B 9 -5.53 -9.84 11.50
C PRO B 9 -4.77 -10.68 10.47
N PRO B 10 -5.18 -10.61 9.20
CA PRO B 10 -4.58 -11.34 8.09
C PRO B 10 -3.05 -11.29 8.04
N SER B 11 -2.44 -10.22 8.56
CA SER B 11 -1.00 -10.07 8.68
C SER B 11 -0.85 -8.87 9.59
N ARG B 12 -1.61 -7.83 9.23
CA ARG B 12 -1.86 -6.66 10.08
C ARG B 12 -2.90 -5.70 9.46
N ARG B 13 -3.78 -6.22 8.58
CA ARG B 13 -4.82 -5.45 7.90
C ARG B 13 -5.71 -4.69 8.90
N SER B 14 -6.54 -3.76 8.42
CA SER B 14 -7.33 -2.91 9.29
C SER B 14 -8.81 -2.84 8.90
N GLU B 15 -9.23 -1.82 8.16
CA GLU B 15 -10.64 -1.51 8.00
C GLU B 15 -11.07 -0.79 6.73
N ASN B 16 -10.19 0.03 6.15
CA ASN B 16 -10.65 0.98 5.13
C ASN B 16 -10.08 0.76 3.72
N ARG B 17 -8.82 0.33 3.62
CA ARG B 17 -8.04 0.09 2.39
C ARG B 17 -8.20 1.09 1.22
N VAL B 18 -7.18 1.10 0.36
CA VAL B 18 -7.05 1.90 -0.86
C VAL B 18 -6.13 1.14 -1.81
N VAL B 19 -6.40 1.17 -3.11
CA VAL B 19 -5.57 0.46 -4.07
C VAL B 19 -4.30 1.27 -4.31
N VAL B 20 -3.30 0.63 -4.92
CA VAL B 20 -2.12 1.32 -5.41
C VAL B 20 -1.79 0.70 -6.76
N SER B 21 -1.60 1.54 -7.79
CA SER B 21 -1.22 1.03 -9.10
C SER B 21 -0.16 1.90 -9.75
N GLY B 22 0.81 1.24 -10.39
CA GLY B 22 1.92 1.92 -11.05
C GLY B 22 3.25 1.37 -10.53
N LEU B 23 3.19 0.41 -9.60
CA LEU B 23 4.34 -0.23 -9.01
C LEU B 23 5.29 -0.77 -10.08
N PRO B 24 6.60 -0.73 -9.83
CA PRO B 24 7.62 -1.23 -10.74
C PRO B 24 7.62 -2.76 -10.72
N PRO B 25 8.36 -3.40 -11.64
CA PRO B 25 8.46 -4.85 -11.77
C PRO B 25 8.84 -5.60 -10.48
N SER B 26 9.18 -4.90 -9.39
CA SER B 26 9.59 -5.55 -8.16
C SER B 26 9.01 -4.90 -6.90
N GLY B 27 8.12 -3.92 -7.01
CA GLY B 27 7.52 -3.33 -5.82
C GLY B 27 6.88 -4.43 -4.97
N SER B 28 6.78 -4.20 -3.66
CA SER B 28 6.28 -5.21 -2.73
C SER B 28 5.53 -4.56 -1.57
N TRP B 29 4.82 -5.38 -0.78
CA TRP B 29 4.00 -4.86 0.31
C TRP B 29 4.84 -4.19 1.39
N GLN B 30 6.10 -4.61 1.58
CA GLN B 30 6.93 -4.05 2.64
C GLN B 30 7.26 -2.59 2.38
N ASP B 31 7.65 -2.28 1.14
CA ASP B 31 8.07 -0.93 0.80
C ASP B 31 6.86 -0.01 0.65
N LEU B 32 5.65 -0.58 0.49
CA LEU B 32 4.45 0.20 0.32
C LEU B 32 4.10 0.90 1.62
N LYS B 33 4.37 0.23 2.75
CA LYS B 33 4.07 0.80 4.05
C LYS B 33 5.10 1.86 4.40
N ASP B 34 6.35 1.60 4.02
CA ASP B 34 7.47 2.49 4.24
C ASP B 34 7.39 3.79 3.44
N HIS B 35 6.35 3.97 2.62
CA HIS B 35 6.25 5.15 1.78
C HIS B 35 4.90 5.85 1.95
N MET B 36 3.83 5.08 2.15
CA MET B 36 2.52 5.67 2.45
C MET B 36 2.49 6.22 3.88
N ARG B 37 3.49 5.87 4.71
CA ARG B 37 3.69 6.48 6.02
C ARG B 37 3.56 8.01 6.00
N GLU B 38 3.78 8.64 4.85
CA GLU B 38 3.63 10.07 4.68
C GLU B 38 2.17 10.50 4.86
N ALA B 39 1.27 9.73 4.28
CA ALA B 39 -0.16 10.02 4.32
C ALA B 39 -0.73 9.85 5.71
N GLY B 40 -0.15 8.92 6.49
CA GLY B 40 -0.68 8.57 7.78
C GLY B 40 -0.04 7.28 8.27
N ASP B 41 -0.57 6.77 9.37
CA ASP B 41 -0.07 5.56 10.01
C ASP B 41 -0.58 4.31 9.29
N VAL B 42 -0.03 4.08 8.11
CA VAL B 42 -0.26 2.85 7.37
C VAL B 42 0.31 1.71 8.21
N CYS B 43 -0.33 0.56 8.14
CA CYS B 43 0.05 -0.58 8.96
C CYS B 43 0.19 -1.84 8.10
N TYR B 44 -0.60 -1.95 7.02
CA TYR B 44 -0.61 -3.13 6.17
C TYR B 44 -0.64 -2.73 4.71
N ALA B 45 -0.27 -3.68 3.86
CA ALA B 45 -0.35 -3.53 2.43
C ALA B 45 -0.42 -4.91 1.82
N ASP B 46 -0.68 -5.01 0.51
CA ASP B 46 -0.54 -6.27 -0.18
C ASP B 46 -0.13 -5.95 -1.61
N VAL B 47 0.54 -6.89 -2.26
CA VAL B 47 1.05 -6.66 -3.59
C VAL B 47 0.69 -7.83 -4.49
N TYR B 48 0.39 -7.51 -5.74
CA TYR B 48 -0.03 -8.52 -6.72
C TYR B 48 1.05 -8.88 -7.73
N ARG B 49 2.29 -8.42 -7.48
CA ARG B 49 3.46 -8.83 -8.26
C ARG B 49 3.36 -8.47 -9.74
N ASP B 50 2.43 -7.57 -10.10
CA ASP B 50 2.19 -7.27 -11.51
C ASP B 50 2.07 -5.77 -11.80
N GLY B 51 2.24 -4.92 -10.77
CA GLY B 51 2.17 -3.47 -10.95
C GLY B 51 1.05 -2.85 -10.13
N THR B 52 0.38 -3.66 -9.30
CA THR B 52 -0.74 -3.21 -8.49
C THR B 52 -0.69 -3.84 -7.10
N GLY B 53 -1.50 -3.31 -6.19
CA GLY B 53 -1.57 -3.79 -4.83
C GLY B 53 -2.58 -2.99 -4.02
N VAL B 54 -2.52 -3.12 -2.69
CA VAL B 54 -3.36 -2.36 -1.77
C VAL B 54 -2.55 -1.90 -0.56
N VAL B 55 -3.08 -0.92 0.16
CA VAL B 55 -2.47 -0.42 1.39
C VAL B 55 -3.56 -0.04 2.39
N GLU B 56 -3.21 0.05 3.68
CA GLU B 56 -4.17 0.15 4.76
C GLU B 56 -3.60 0.96 5.92
N PHE B 57 -4.43 1.78 6.56
CA PHE B 57 -4.00 2.64 7.67
C PHE B 57 -4.92 2.45 8.87
N VAL B 58 -4.45 2.93 10.01
CA VAL B 58 -5.14 2.84 11.28
C VAL B 58 -6.44 3.66 11.29
N ARG B 59 -6.71 4.43 10.23
CA ARG B 59 -7.89 5.28 10.16
C ARG B 59 -8.33 5.44 8.71
N LYS B 60 -9.65 5.52 8.49
CA LYS B 60 -10.21 5.67 7.15
C LYS B 60 -9.94 7.06 6.57
N GLU B 61 -9.69 8.06 7.41
CA GLU B 61 -9.52 9.42 6.94
C GLU B 61 -8.07 9.73 6.58
N ASP B 62 -7.11 9.12 7.29
CA ASP B 62 -5.70 9.32 7.01
C ASP B 62 -5.31 8.57 5.74
N MET B 63 -6.23 7.74 5.25
CA MET B 63 -6.08 6.93 4.06
C MET B 63 -6.65 7.66 2.84
N THR B 64 -7.81 8.30 3.00
CA THR B 64 -8.37 9.14 1.95
C THR B 64 -7.44 10.34 1.76
N TYR B 65 -6.58 10.61 2.75
CA TYR B 65 -5.57 11.65 2.61
C TYR B 65 -4.48 11.17 1.64
N ALA B 66 -4.29 9.84 1.57
CA ALA B 66 -3.30 9.29 0.67
C ALA B 66 -3.79 9.35 -0.77
N VAL B 67 -5.07 9.13 -1.01
CA VAL B 67 -5.63 9.17 -2.36
C VAL B 67 -5.73 10.59 -2.92
N ARG B 68 -5.23 11.61 -2.20
CA ARG B 68 -5.40 13.00 -2.60
C ARG B 68 -4.11 13.81 -2.50
N LYS B 69 -3.12 13.31 -1.77
CA LYS B 69 -1.79 13.92 -1.71
C LYS B 69 -0.67 12.95 -2.08
N LEU B 70 -0.94 11.65 -1.97
CA LEU B 70 0.05 10.62 -2.25
C LEU B 70 -0.39 9.81 -3.47
N ASP B 71 -1.52 10.19 -4.07
CA ASP B 71 -2.01 9.62 -5.33
C ASP B 71 -1.29 10.31 -6.49
N ASN B 72 -1.00 9.56 -7.56
CA ASN B 72 -0.45 10.08 -8.80
C ASN B 72 0.83 10.90 -8.57
N THR B 73 1.64 10.46 -7.61
CA THR B 73 2.93 11.07 -7.30
C THR B 73 4.01 9.99 -7.15
N LYS B 74 5.24 10.43 -6.90
CA LYS B 74 6.39 9.55 -6.78
C LYS B 74 6.19 8.42 -5.77
N PHE B 75 6.85 7.30 -6.07
CA PHE B 75 7.05 6.15 -5.19
C PHE B 75 8.41 5.54 -5.53
N ARG B 76 8.88 4.61 -4.70
CA ARG B 76 10.20 4.01 -4.86
C ARG B 76 10.17 2.58 -4.34
N SER B 77 10.99 1.71 -4.94
CA SER B 77 11.07 0.31 -4.56
C SER B 77 12.51 -0.08 -4.30
N HIS B 78 12.68 -1.10 -3.45
CA HIS B 78 13.96 -1.64 -3.02
C HIS B 78 14.83 -2.14 -4.17
N GLU B 79 14.23 -2.42 -5.33
CA GLU B 79 14.97 -2.92 -6.48
C GLU B 79 14.26 -2.63 -7.80
N GLY B 80 13.45 -1.56 -7.81
CA GLY B 80 12.67 -1.17 -8.98
C GLY B 80 12.77 0.32 -9.27
N GLU B 81 13.73 1.01 -8.66
CA GLU B 81 13.92 2.45 -8.77
C GLU B 81 12.62 3.22 -8.49
N THR B 82 12.61 4.53 -8.76
CA THR B 82 11.42 5.35 -8.53
C THR B 82 10.38 5.11 -9.62
N ALA B 83 9.13 5.47 -9.32
CA ALA B 83 8.00 5.32 -10.22
C ALA B 83 6.90 6.28 -9.76
N TYR B 84 5.70 6.12 -10.30
CA TYR B 84 4.53 6.91 -9.92
C TYR B 84 3.42 5.95 -9.55
N ILE B 85 2.63 6.29 -8.53
CA ILE B 85 1.53 5.42 -8.11
C ILE B 85 0.22 6.15 -7.99
N ARG B 86 -0.82 5.55 -8.56
CA ARG B 86 -2.19 6.02 -8.49
C ARG B 86 -2.86 5.29 -7.33
N VAL B 87 -2.77 5.90 -6.14
CA VAL B 87 -3.41 5.37 -4.94
C VAL B 87 -4.93 5.53 -5.04
N LYS B 88 -5.63 4.51 -5.53
CA LYS B 88 -7.09 4.56 -5.63
C LYS B 88 -7.76 4.38 -4.27
N VAL B 89 -9.08 4.56 -4.24
CA VAL B 89 -9.92 4.49 -3.07
C VAL B 89 -10.00 3.11 -2.42
N ASP B 90 -9.84 2.05 -3.20
CA ASP B 90 -10.00 0.63 -2.84
C ASP B 90 -10.66 -0.11 -4.01
N GLY B 91 -10.57 -1.45 -3.99
CA GLY B 91 -11.23 -2.29 -4.96
C GLY B 91 -10.89 -3.76 -4.74
N MET B 1 -8.98 -23.54 -3.79
CA MET B 1 -8.65 -23.21 -5.18
C MET B 1 -7.92 -21.87 -5.26
N ALA B 2 -6.88 -21.79 -6.10
CA ALA B 2 -6.10 -20.58 -6.27
C ALA B 2 -5.53 -20.37 -7.68
N PRO B 3 -6.12 -20.93 -8.75
CA PRO B 3 -5.61 -20.73 -10.10
C PRO B 3 -5.89 -19.31 -10.58
N ARG B 4 -5.10 -18.85 -11.56
CA ARG B 4 -5.22 -17.53 -12.17
C ARG B 4 -5.43 -16.41 -11.14
N GLY B 5 -4.89 -16.57 -9.93
CA GLY B 5 -5.05 -15.61 -8.86
C GLY B 5 -4.05 -15.83 -7.74
N ARG B 6 -4.21 -15.08 -6.65
CA ARG B 6 -3.31 -15.14 -5.50
C ARG B 6 -4.04 -14.77 -4.22
N TYR B 7 -3.36 -14.93 -3.08
CA TYR B 7 -3.88 -14.58 -1.77
C TYR B 7 -2.73 -14.14 -0.88
N GLY B 8 -3.03 -13.75 0.36
CA GLY B 8 -2.02 -13.36 1.34
C GLY B 8 -2.58 -13.43 2.75
N PRO B 9 -1.71 -13.53 3.75
CA PRO B 9 -2.09 -13.66 5.14
C PRO B 9 -2.43 -12.30 5.77
N PRO B 10 -3.24 -12.30 6.83
CA PRO B 10 -3.51 -11.12 7.63
C PRO B 10 -2.32 -10.86 8.54
N SER B 11 -2.14 -9.61 8.97
CA SER B 11 -1.04 -9.25 9.87
C SER B 11 -1.28 -7.91 10.55
N ARG B 12 -1.79 -6.94 9.78
CA ARG B 12 -1.87 -5.54 10.17
C ARG B 12 -3.10 -4.88 9.55
N ARG B 13 -4.01 -5.68 9.00
CA ARG B 13 -5.22 -5.23 8.32
C ARG B 13 -6.10 -4.35 9.20
N SER B 14 -7.09 -3.69 8.59
CA SER B 14 -7.94 -2.72 9.26
C SER B 14 -9.34 -2.66 8.63
N GLU B 15 -9.74 -1.45 8.20
CA GLU B 15 -11.09 -1.11 7.80
C GLU B 15 -11.19 -0.23 6.56
N ASN B 16 -10.07 0.36 6.17
CA ASN B 16 -9.98 1.41 5.17
C ASN B 16 -8.77 1.18 4.26
N ARG B 17 -8.94 0.24 3.34
CA ARG B 17 -8.04 -0.08 2.24
C ARG B 17 -8.18 0.89 1.06
N VAL B 18 -7.10 1.03 0.28
CA VAL B 18 -7.00 1.78 -0.97
C VAL B 18 -6.04 1.05 -1.90
N VAL B 19 -6.43 0.87 -3.17
CA VAL B 19 -5.57 0.25 -4.16
C VAL B 19 -4.42 1.19 -4.51
N VAL B 20 -3.35 0.62 -5.08
CA VAL B 20 -2.21 1.37 -5.56
C VAL B 20 -1.83 0.82 -6.93
N SER B 21 -2.10 1.60 -7.98
CA SER B 21 -1.80 1.13 -9.33
C SER B 21 -0.78 2.01 -10.06
N GLY B 22 0.02 1.39 -10.92
CA GLY B 22 1.05 2.07 -11.70
C GLY B 22 2.44 1.73 -11.14
N LEU B 23 2.42 0.93 -10.08
CA LEU B 23 3.55 0.44 -9.30
C LEU B 23 4.58 -0.28 -10.19
N PRO B 24 5.86 -0.31 -9.81
CA PRO B 24 6.85 -1.13 -10.47
C PRO B 24 6.66 -2.59 -10.05
N PRO B 25 7.16 -3.54 -10.86
CA PRO B 25 7.01 -4.96 -10.56
C PRO B 25 7.93 -5.39 -9.41
N SER B 26 8.94 -4.58 -9.09
CA SER B 26 9.87 -4.84 -8.01
C SER B 26 9.30 -4.51 -6.65
N GLY B 27 8.15 -3.83 -6.59
CA GLY B 27 7.58 -3.41 -5.33
C GLY B 27 7.09 -4.61 -4.52
N SER B 28 6.90 -4.40 -3.21
CA SER B 28 6.43 -5.43 -2.29
C SER B 28 5.68 -4.79 -1.13
N TRP B 29 5.01 -5.59 -0.29
CA TRP B 29 4.23 -5.05 0.80
C TRP B 29 5.12 -4.34 1.83
N GLN B 30 6.38 -4.75 1.97
CA GLN B 30 7.30 -4.12 2.89
C GLN B 30 7.64 -2.70 2.44
N ASP B 31 7.75 -2.49 1.12
CA ASP B 31 8.16 -1.20 0.59
C ASP B 31 6.95 -0.26 0.46
N LEU B 32 5.77 -0.83 0.24
CA LEU B 32 4.55 -0.04 0.09
C LEU B 32 4.19 0.62 1.42
N LYS B 33 4.44 -0.08 2.53
CA LYS B 33 4.08 0.40 3.85
C LYS B 33 5.01 1.55 4.23
N ASP B 34 6.29 1.37 3.92
CA ASP B 34 7.37 2.31 4.21
C ASP B 34 7.28 3.62 3.43
N HIS B 35 6.24 3.81 2.61
CA HIS B 35 6.15 5.00 1.78
C HIS B 35 4.78 5.65 1.90
N MET B 36 3.70 4.86 2.00
CA MET B 36 2.39 5.41 2.24
C MET B 36 2.29 5.98 3.66
N ARG B 37 3.21 5.58 4.55
CA ARG B 37 3.38 6.19 5.88
C ARG B 37 3.39 7.73 5.84
N GLU B 38 3.65 8.33 4.68
CA GLU B 38 3.58 9.78 4.50
C GLU B 38 2.16 10.30 4.70
N ALA B 39 1.18 9.56 4.16
CA ALA B 39 -0.22 9.93 4.21
C ALA B 39 -0.75 9.91 5.64
N GLY B 40 -0.11 9.08 6.47
CA GLY B 40 -0.55 8.85 7.82
C GLY B 40 0.00 7.50 8.26
N ASP B 41 -0.44 7.02 9.42
CA ASP B 41 0.01 5.73 9.91
C ASP B 41 -0.65 4.61 9.11
N VAL B 42 0.16 3.87 8.37
CA VAL B 42 -0.31 2.71 7.62
C VAL B 42 0.46 1.50 8.13
N CYS B 43 -0.20 0.34 8.10
CA CYS B 43 0.38 -0.84 8.71
C CYS B 43 0.26 -2.06 7.81
N TYR B 44 -0.60 -2.07 6.78
CA TYR B 44 -0.72 -3.24 5.94
C TYR B 44 -0.75 -2.88 4.46
N ALA B 45 -0.32 -3.83 3.63
CA ALA B 45 -0.35 -3.70 2.19
C ALA B 45 -0.35 -5.08 1.57
N ASP B 46 -1.01 -5.27 0.43
CA ASP B 46 -1.02 -6.56 -0.23
C ASP B 46 -0.62 -6.33 -1.68
N VAL B 47 0.48 -6.95 -2.08
CA VAL B 47 1.09 -6.64 -3.36
C VAL B 47 0.86 -7.75 -4.36
N TYR B 48 0.77 -7.36 -5.63
CA TYR B 48 0.53 -8.30 -6.72
C TYR B 48 1.77 -8.43 -7.61
N ARG B 49 2.89 -7.84 -7.17
CA ARG B 49 4.20 -7.86 -7.80
C ARG B 49 4.17 -7.64 -9.31
N ASP B 50 3.14 -6.96 -9.83
CA ASP B 50 2.95 -6.87 -11.26
C ASP B 50 2.43 -5.52 -11.74
N GLY B 51 2.32 -4.53 -10.86
CA GLY B 51 1.93 -3.17 -11.23
C GLY B 51 0.77 -2.64 -10.41
N THR B 52 0.20 -3.48 -9.54
CA THR B 52 -0.94 -3.11 -8.72
C THR B 52 -0.81 -3.76 -7.35
N GLY B 53 -1.59 -3.23 -6.39
CA GLY B 53 -1.62 -3.76 -5.04
C GLY B 53 -2.62 -2.98 -4.21
N VAL B 54 -2.62 -3.18 -2.89
CA VAL B 54 -3.45 -2.42 -1.98
C VAL B 54 -2.67 -2.07 -0.72
N VAL B 55 -3.14 -1.06 0.01
CA VAL B 55 -2.53 -0.59 1.23
C VAL B 55 -3.63 -0.13 2.17
N GLU B 56 -3.37 -0.12 3.48
CA GLU B 56 -4.43 0.12 4.46
C GLU B 56 -3.88 0.79 5.72
N PHE B 57 -4.69 1.66 6.32
CA PHE B 57 -4.28 2.49 7.44
C PHE B 57 -4.97 2.13 8.73
N VAL B 58 -4.35 2.57 9.83
CA VAL B 58 -4.86 2.39 11.17
C VAL B 58 -6.18 3.12 11.37
N ARG B 59 -6.47 4.11 10.51
CA ARG B 59 -7.65 4.93 10.61
C ARG B 59 -8.07 5.41 9.22
N LYS B 60 -9.39 5.54 8.98
CA LYS B 60 -9.92 5.81 7.66
C LYS B 60 -9.56 7.19 7.10
N GLU B 61 -9.28 8.17 7.96
CA GLU B 61 -9.00 9.52 7.47
C GLU B 61 -7.61 9.58 6.82
N ASP B 62 -6.68 8.76 7.32
CA ASP B 62 -5.32 8.75 6.81
C ASP B 62 -5.27 8.07 5.45
N MET B 63 -6.32 7.31 5.11
CA MET B 63 -6.42 6.59 3.87
C MET B 63 -6.90 7.51 2.75
N THR B 64 -8.02 8.21 2.96
CA THR B 64 -8.49 9.18 1.98
C THR B 64 -7.50 10.32 1.86
N TYR B 65 -6.59 10.49 2.84
CA TYR B 65 -5.54 11.48 2.71
C TYR B 65 -4.51 11.00 1.70
N ALA B 66 -4.34 9.68 1.57
CA ALA B 66 -3.38 9.13 0.63
C ALA B 66 -3.89 9.26 -0.79
N VAL B 67 -5.20 9.13 -1.00
CA VAL B 67 -5.76 9.22 -2.34
C VAL B 67 -5.85 10.68 -2.83
N ARG B 68 -5.32 11.65 -2.07
CA ARG B 68 -5.47 13.06 -2.40
C ARG B 68 -4.16 13.83 -2.29
N LYS B 69 -3.16 13.25 -1.63
CA LYS B 69 -1.81 13.81 -1.60
C LYS B 69 -0.74 12.81 -2.06
N LEU B 70 -1.07 11.51 -1.99
CA LEU B 70 -0.13 10.46 -2.33
C LEU B 70 -0.64 9.70 -3.57
N ASP B 71 -1.75 10.16 -4.14
CA ASP B 71 -2.27 9.70 -5.42
C ASP B 71 -1.53 10.45 -6.53
N ASN B 72 -1.22 9.78 -7.65
CA ASN B 72 -0.63 10.43 -8.81
C ASN B 72 0.67 11.16 -8.43
N THR B 73 1.45 10.55 -7.55
CA THR B 73 2.76 11.01 -7.12
C THR B 73 3.69 9.84 -7.05
N LYS B 74 4.96 10.17 -6.89
CA LYS B 74 6.03 9.21 -7.00
C LYS B 74 6.02 8.15 -5.94
N PHE B 75 6.79 7.11 -6.23
CA PHE B 75 7.10 6.08 -5.27
C PHE B 75 8.47 5.47 -5.57
N ARG B 76 8.96 4.59 -4.68
CA ARG B 76 10.28 3.99 -4.81
C ARG B 76 10.23 2.59 -4.20
N SER B 77 10.97 1.66 -4.82
CA SER B 77 11.07 0.31 -4.28
C SER B 77 12.46 -0.27 -4.52
N HIS B 78 12.74 -1.39 -3.85
CA HIS B 78 13.96 -2.13 -4.04
C HIS B 78 14.07 -2.70 -5.46
N GLU B 79 15.17 -3.41 -5.74
CA GLU B 79 15.52 -3.98 -7.04
C GLU B 79 15.76 -2.93 -8.13
N GLY B 80 15.41 -1.67 -7.88
CA GLY B 80 15.51 -0.62 -8.87
C GLY B 80 15.45 0.75 -8.22
N GLU B 81 14.62 1.62 -8.78
CA GLU B 81 14.53 3.02 -8.36
C GLU B 81 13.07 3.47 -8.22
N THR B 82 12.83 4.73 -8.55
CA THR B 82 11.53 5.37 -8.38
C THR B 82 10.57 5.01 -9.52
N ALA B 83 9.31 5.35 -9.30
CA ALA B 83 8.21 5.16 -10.23
C ALA B 83 7.08 6.12 -9.80
N TYR B 84 5.86 5.90 -10.28
CA TYR B 84 4.71 6.69 -9.88
C TYR B 84 3.57 5.77 -9.46
N ILE B 85 2.66 6.29 -8.63
CA ILE B 85 1.49 5.55 -8.25
C ILE B 85 0.23 6.39 -8.40
N ARG B 86 -0.84 5.69 -8.76
CA ARG B 86 -2.19 6.23 -8.88
C ARG B 86 -3.01 5.52 -7.81
N VAL B 87 -2.89 6.01 -6.57
CA VAL B 87 -3.64 5.46 -5.45
C VAL B 87 -5.13 5.62 -5.73
N LYS B 88 -5.89 4.55 -5.49
CA LYS B 88 -7.33 4.53 -5.71
C LYS B 88 -8.05 4.03 -4.46
N VAL B 89 -9.34 4.34 -4.35
CA VAL B 89 -10.15 4.01 -3.17
C VAL B 89 -10.22 2.54 -2.86
N ASP B 90 -10.30 1.78 -3.94
CA ASP B 90 -10.42 0.33 -4.04
C ASP B 90 -11.54 -0.04 -5.01
N GLY B 91 -11.44 -1.24 -5.58
CA GLY B 91 -12.50 -1.78 -6.42
C GLY B 91 -12.12 -3.14 -6.96
N MET B 1 -19.85 -21.45 -4.99
CA MET B 1 -19.23 -20.22 -5.52
C MET B 1 -18.20 -19.69 -4.52
N ALA B 2 -17.00 -19.34 -5.01
CA ALA B 2 -15.90 -18.82 -4.21
C ALA B 2 -15.75 -19.52 -2.85
N PRO B 3 -15.63 -20.87 -2.84
CA PRO B 3 -15.53 -21.64 -1.62
C PRO B 3 -14.17 -21.48 -0.96
N ARG B 4 -13.25 -20.75 -1.58
CA ARG B 4 -11.91 -20.52 -1.06
C ARG B 4 -11.39 -19.18 -1.58
N GLY B 5 -10.35 -18.65 -0.93
CA GLY B 5 -9.75 -17.37 -1.32
C GLY B 5 -8.54 -17.00 -0.47
N ARG B 6 -8.28 -17.77 0.59
CA ARG B 6 -7.13 -17.57 1.46
C ARG B 6 -6.75 -18.88 2.14
N TYR B 7 -5.69 -18.86 2.95
CA TYR B 7 -5.21 -20.05 3.64
C TYR B 7 -4.70 -19.72 5.04
N GLY B 8 -4.97 -18.50 5.52
CA GLY B 8 -4.54 -18.06 6.84
C GLY B 8 -5.19 -16.75 7.24
N PRO B 9 -4.94 -16.30 8.48
CA PRO B 9 -5.48 -15.07 9.04
C PRO B 9 -4.76 -13.84 8.47
N PRO B 10 -5.31 -12.64 8.71
CA PRO B 10 -4.68 -11.38 8.36
C PRO B 10 -3.45 -11.14 9.23
N SER B 11 -2.79 -10.00 9.06
CA SER B 11 -1.57 -9.67 9.80
C SER B 11 -1.63 -8.28 10.41
N ARG B 12 -2.13 -7.31 9.64
CA ARG B 12 -2.11 -5.90 10.04
C ARG B 12 -3.30 -5.13 9.47
N ARG B 13 -4.23 -5.82 8.81
CA ARG B 13 -5.39 -5.21 8.17
C ARG B 13 -6.23 -4.36 9.14
N SER B 14 -7.14 -3.56 8.57
CA SER B 14 -7.90 -2.57 9.31
C SER B 14 -9.32 -2.39 8.76
N GLU B 15 -9.65 -1.15 8.38
CA GLU B 15 -10.98 -0.71 8.05
C GLU B 15 -11.08 0.13 6.78
N ASN B 16 -9.96 0.75 6.39
CA ASN B 16 -9.88 1.75 5.35
C ASN B 16 -8.73 1.44 4.39
N ARG B 17 -8.99 0.47 3.51
CA ARG B 17 -8.12 0.05 2.41
C ARG B 17 -8.20 0.97 1.19
N VAL B 18 -7.09 1.05 0.47
CA VAL B 18 -6.96 1.73 -0.82
C VAL B 18 -6.08 0.87 -1.73
N VAL B 19 -6.54 0.60 -2.94
CA VAL B 19 -5.75 -0.09 -3.96
C VAL B 19 -4.65 0.84 -4.44
N VAL B 20 -3.60 0.27 -5.01
CA VAL B 20 -2.51 1.02 -5.60
C VAL B 20 -2.20 0.43 -6.97
N SER B 21 -2.54 1.18 -8.02
CA SER B 21 -2.27 0.72 -9.38
C SER B 21 -1.33 1.66 -10.12
N GLY B 22 -0.57 1.10 -11.07
CA GLY B 22 0.40 1.84 -11.86
C GLY B 22 1.80 1.58 -11.32
N LEU B 23 1.85 0.70 -10.31
CA LEU B 23 3.00 0.28 -9.55
C LEU B 23 4.06 -0.34 -10.45
N PRO B 24 5.35 -0.17 -10.13
CA PRO B 24 6.43 -0.84 -10.85
C PRO B 24 6.52 -2.30 -10.40
N PRO B 25 7.16 -3.15 -11.20
CA PRO B 25 7.35 -4.55 -10.85
C PRO B 25 8.37 -4.71 -9.74
N SER B 26 9.07 -3.62 -9.39
CA SER B 26 10.06 -3.57 -8.33
C SER B 26 9.41 -3.57 -6.95
N GLY B 27 8.09 -3.36 -6.87
CA GLY B 27 7.42 -3.17 -5.60
C GLY B 27 7.20 -4.49 -4.86
N SER B 28 6.88 -4.37 -3.57
CA SER B 28 6.57 -5.47 -2.68
C SER B 28 5.77 -4.92 -1.50
N TRP B 29 5.14 -5.77 -0.70
CA TRP B 29 4.31 -5.29 0.40
C TRP B 29 5.15 -4.59 1.48
N GLN B 30 6.42 -5.00 1.67
CA GLN B 30 7.27 -4.39 2.68
C GLN B 30 7.55 -2.93 2.35
N ASP B 31 7.63 -2.59 1.06
CA ASP B 31 7.99 -1.24 0.64
C ASP B 31 6.75 -0.34 0.56
N LEU B 32 5.56 -0.93 0.43
CA LEU B 32 4.34 -0.16 0.28
C LEU B 32 3.98 0.50 1.62
N LYS B 33 4.35 -0.13 2.73
CA LYS B 33 4.03 0.41 4.06
C LYS B 33 5.03 1.50 4.40
N ASP B 34 6.30 1.27 4.05
CA ASP B 34 7.43 2.15 4.35
C ASP B 34 7.38 3.47 3.60
N HIS B 35 6.38 3.68 2.74
CA HIS B 35 6.32 4.87 1.91
C HIS B 35 4.96 5.54 2.01
N MET B 36 3.86 4.77 2.02
CA MET B 36 2.55 5.36 2.24
C MET B 36 2.47 5.94 3.65
N ARG B 37 3.39 5.53 4.54
CA ARG B 37 3.63 6.14 5.85
C ARG B 37 3.61 7.68 5.82
N GLU B 38 3.93 8.27 4.67
CA GLU B 38 3.88 9.72 4.49
C GLU B 38 2.47 10.26 4.69
N ALA B 39 1.49 9.53 4.17
CA ALA B 39 0.09 9.92 4.25
C ALA B 39 -0.43 9.87 5.67
N GLY B 40 0.17 8.99 6.47
CA GLY B 40 -0.28 8.71 7.81
C GLY B 40 0.22 7.33 8.20
N ASP B 41 -0.18 6.86 9.38
CA ASP B 41 0.28 5.56 9.86
C ASP B 41 -0.42 4.44 9.09
N VAL B 42 0.37 3.67 8.35
CA VAL B 42 -0.12 2.52 7.61
C VAL B 42 0.50 1.27 8.23
N CYS B 43 -0.23 0.15 8.12
CA CYS B 43 0.15 -1.08 8.76
C CYS B 43 0.07 -2.27 7.81
N TYR B 44 -0.77 -2.24 6.78
CA TYR B 44 -0.86 -3.40 5.91
C TYR B 44 -0.84 -3.03 4.44
N ALA B 45 -0.36 -3.98 3.66
CA ALA B 45 -0.36 -3.87 2.21
C ALA B 45 -0.49 -5.27 1.62
N ASP B 46 -0.72 -5.38 0.32
CA ASP B 46 -0.61 -6.66 -0.34
C ASP B 46 -0.19 -6.38 -1.78
N VAL B 47 0.68 -7.22 -2.33
CA VAL B 47 1.27 -6.93 -3.62
C VAL B 47 1.00 -8.05 -4.59
N TYR B 48 0.76 -7.65 -5.84
CA TYR B 48 0.44 -8.58 -6.92
C TYR B 48 1.61 -8.67 -7.90
N ARG B 49 2.75 -8.09 -7.51
CA ARG B 49 4.02 -8.07 -8.25
C ARG B 49 3.90 -7.82 -9.74
N ASP B 50 2.82 -7.18 -10.19
CA ASP B 50 2.55 -7.10 -11.61
C ASP B 50 1.94 -5.76 -12.05
N GLY B 51 1.91 -4.77 -11.17
CA GLY B 51 1.43 -3.42 -11.53
C GLY B 51 0.33 -2.92 -10.62
N THR B 52 -0.12 -3.76 -9.69
CA THR B 52 -1.20 -3.43 -8.78
C THR B 52 -0.94 -4.04 -7.40
N GLY B 53 -1.64 -3.51 -6.40
CA GLY B 53 -1.55 -3.98 -5.02
C GLY B 53 -2.56 -3.23 -4.17
N VAL B 54 -2.46 -3.37 -2.84
CA VAL B 54 -3.30 -2.63 -1.92
C VAL B 54 -2.51 -2.20 -0.69
N VAL B 55 -3.04 -1.21 0.03
CA VAL B 55 -2.46 -0.72 1.28
C VAL B 55 -3.57 -0.21 2.18
N GLU B 56 -3.33 -0.13 3.49
CA GLU B 56 -4.37 0.20 4.46
C GLU B 56 -3.80 0.84 5.71
N PHE B 57 -4.56 1.76 6.33
CA PHE B 57 -4.09 2.56 7.44
C PHE B 57 -4.84 2.31 8.73
N VAL B 58 -4.28 2.85 9.81
CA VAL B 58 -4.82 2.73 11.15
C VAL B 58 -6.04 3.64 11.36
N ARG B 59 -6.29 4.54 10.40
CA ARG B 59 -7.40 5.48 10.49
C ARG B 59 -7.85 5.85 9.09
N LYS B 60 -9.17 6.00 8.89
CA LYS B 60 -9.74 6.25 7.57
C LYS B 60 -9.32 7.59 6.98
N GLU B 61 -8.93 8.56 7.81
CA GLU B 61 -8.55 9.87 7.30
C GLU B 61 -7.16 9.82 6.65
N ASP B 62 -6.30 8.93 7.14
CA ASP B 62 -4.94 8.81 6.63
C ASP B 62 -4.96 8.14 5.26
N MET B 63 -6.05 7.43 4.96
CA MET B 63 -6.21 6.68 3.72
C MET B 63 -6.65 7.59 2.59
N THR B 64 -7.74 8.33 2.80
CA THR B 64 -8.20 9.27 1.80
C THR B 64 -7.14 10.35 1.60
N TYR B 65 -6.27 10.54 2.59
CA TYR B 65 -5.16 11.47 2.45
C TYR B 65 -4.11 10.88 1.51
N ALA B 66 -3.96 9.55 1.56
CA ALA B 66 -3.01 8.83 0.73
C ALA B 66 -3.49 8.74 -0.72
N VAL B 67 -4.76 9.03 -0.97
CA VAL B 67 -5.27 9.09 -2.34
C VAL B 67 -5.75 10.50 -2.70
N ARG B 68 -5.06 11.50 -2.14
CA ARG B 68 -5.23 12.90 -2.53
C ARG B 68 -3.92 13.69 -2.51
N LYS B 69 -2.90 13.17 -1.82
CA LYS B 69 -1.54 13.73 -1.82
C LYS B 69 -0.49 12.72 -2.28
N LEU B 70 -0.75 11.44 -2.07
CA LEU B 70 0.22 10.39 -2.40
C LEU B 70 -0.19 9.66 -3.67
N ASP B 71 -1.39 9.97 -4.17
CA ASP B 71 -1.85 9.57 -5.49
C ASP B 71 -1.18 10.42 -6.57
N ASN B 72 -0.93 9.83 -7.73
CA ASN B 72 -0.39 10.53 -8.89
C ASN B 72 0.95 11.19 -8.61
N THR B 73 1.71 10.63 -7.66
CA THR B 73 3.05 11.10 -7.33
C THR B 73 4.00 9.93 -7.16
N LYS B 74 5.28 10.24 -6.95
CA LYS B 74 6.37 9.28 -6.82
C LYS B 74 6.10 8.23 -5.74
N PHE B 75 6.58 7.02 -6.03
CA PHE B 75 6.72 5.92 -5.09
C PHE B 75 8.06 5.23 -5.37
N ARG B 76 8.57 4.48 -4.38
CA ARG B 76 9.92 3.95 -4.39
C ARG B 76 9.91 2.51 -3.90
N SER B 77 10.88 1.71 -4.38
CA SER B 77 10.97 0.30 -4.04
C SER B 77 12.41 -0.09 -3.72
N HIS B 78 12.56 -1.26 -3.10
CA HIS B 78 13.82 -1.82 -2.65
C HIS B 78 14.82 -2.05 -3.78
N GLU B 79 14.35 -2.07 -5.04
CA GLU B 79 15.21 -2.38 -6.18
C GLU B 79 16.11 -1.20 -6.58
N GLY B 80 15.83 0.00 -6.05
CA GLY B 80 16.69 1.15 -6.27
C GLY B 80 16.13 2.12 -7.31
N GLU B 81 14.83 2.03 -7.62
CA GLU B 81 14.21 2.89 -8.63
C GLU B 81 12.82 3.31 -8.19
N THR B 82 12.21 4.23 -8.95
CA THR B 82 10.93 4.84 -8.57
C THR B 82 9.99 4.92 -9.77
N ALA B 83 8.70 5.12 -9.47
CA ALA B 83 7.65 5.30 -10.46
C ALA B 83 6.44 5.92 -9.77
N TYR B 84 5.55 6.55 -10.52
CA TYR B 84 4.32 7.08 -9.96
C TYR B 84 3.38 5.95 -9.59
N ILE B 85 2.41 6.26 -8.72
CA ILE B 85 1.29 5.38 -8.44
C ILE B 85 -0.01 6.15 -8.56
N ARG B 86 -1.09 5.42 -8.82
CA ARG B 86 -2.44 5.95 -8.89
C ARG B 86 -3.30 5.21 -7.88
N VAL B 87 -3.28 5.75 -6.67
CA VAL B 87 -4.01 5.18 -5.56
C VAL B 87 -5.50 5.24 -5.85
N LYS B 88 -6.25 4.21 -5.47
CA LYS B 88 -7.71 4.21 -5.54
C LYS B 88 -8.31 3.69 -4.24
N VAL B 89 -9.57 4.05 -4.01
CA VAL B 89 -10.35 3.74 -2.81
C VAL B 89 -10.83 2.31 -2.74
N ASP B 90 -10.40 1.53 -3.74
CA ASP B 90 -10.57 0.09 -3.81
C ASP B 90 -11.87 -0.26 -4.51
N GLY B 91 -11.95 -1.48 -5.03
CA GLY B 91 -13.16 -1.99 -5.64
C GLY B 91 -12.96 -3.40 -6.19
N MET B 1 -5.78 -12.79 -8.80
CA MET B 1 -4.83 -12.67 -7.69
C MET B 1 -5.54 -12.80 -6.34
N ALA B 2 -6.38 -11.82 -6.01
CA ALA B 2 -7.12 -11.80 -4.75
C ALA B 2 -8.44 -11.07 -4.93
N PRO B 3 -9.44 -11.34 -4.07
CA PRO B 3 -10.76 -10.73 -4.12
C PRO B 3 -10.75 -9.29 -3.60
N ARG B 4 -9.56 -8.73 -3.31
CA ARG B 4 -9.41 -7.37 -2.78
C ARG B 4 -10.35 -7.11 -1.60
N GLY B 5 -10.56 -8.12 -0.76
CA GLY B 5 -11.46 -8.04 0.38
C GLY B 5 -10.82 -8.64 1.63
N ARG B 6 -11.59 -8.73 2.72
CA ARG B 6 -11.11 -9.22 4.00
C ARG B 6 -10.71 -10.69 3.96
N TYR B 7 -11.00 -11.40 2.86
CA TYR B 7 -10.63 -12.79 2.69
C TYR B 7 -9.10 -12.95 2.66
N GLY B 8 -8.62 -14.17 2.90
CA GLY B 8 -7.19 -14.46 2.92
C GLY B 8 -6.59 -14.19 4.31
N PRO B 9 -5.31 -14.52 4.49
CA PRO B 9 -4.61 -14.34 5.75
C PRO B 9 -4.33 -12.86 6.03
N PRO B 10 -4.86 -12.31 7.13
CA PRO B 10 -4.60 -10.93 7.55
C PRO B 10 -3.27 -10.86 8.30
N SER B 11 -2.84 -9.64 8.65
CA SER B 11 -1.64 -9.45 9.46
C SER B 11 -1.72 -8.12 10.21
N ARG B 12 -2.15 -7.07 9.51
CA ARG B 12 -2.16 -5.70 10.00
C ARG B 12 -3.33 -4.91 9.40
N ARG B 13 -4.24 -5.58 8.70
CA ARG B 13 -5.39 -4.97 8.02
C ARG B 13 -6.24 -4.12 8.97
N SER B 14 -7.17 -3.33 8.42
CA SER B 14 -7.96 -2.42 9.21
C SER B 14 -9.44 -2.38 8.83
N GLU B 15 -9.82 -1.44 7.95
CA GLU B 15 -11.21 -1.08 7.76
C GLU B 15 -11.56 -0.40 6.45
N ASN B 16 -10.61 0.32 5.85
CA ASN B 16 -11.00 1.29 4.84
C ASN B 16 -10.35 1.12 3.45
N ARG B 17 -9.17 0.49 3.39
CA ARG B 17 -8.32 0.21 2.23
C ARG B 17 -8.25 1.24 1.09
N VAL B 18 -7.14 1.16 0.37
CA VAL B 18 -6.84 1.91 -0.84
C VAL B 18 -5.96 1.05 -1.75
N VAL B 19 -6.42 0.80 -2.98
CA VAL B 19 -5.61 0.08 -3.97
C VAL B 19 -4.41 0.94 -4.36
N VAL B 20 -3.38 0.30 -4.90
CA VAL B 20 -2.22 1.00 -5.43
C VAL B 20 -1.92 0.41 -6.81
N SER B 21 -2.11 1.22 -7.85
CA SER B 21 -1.82 0.79 -9.21
C SER B 21 -0.80 1.71 -9.87
N GLY B 22 -0.03 1.17 -10.83
CA GLY B 22 1.06 1.91 -11.45
C GLY B 22 2.37 1.41 -10.83
N LEU B 23 2.40 0.11 -10.53
CA LEU B 23 3.44 -0.51 -9.73
C LEU B 23 4.36 -1.48 -10.49
N PRO B 24 4.66 -1.28 -11.80
CA PRO B 24 5.62 -2.09 -12.52
C PRO B 24 6.96 -2.34 -11.82
N PRO B 25 7.52 -1.40 -11.02
CA PRO B 25 8.72 -1.62 -10.23
C PRO B 25 8.71 -2.91 -9.43
N SER B 26 9.88 -3.29 -8.91
CA SER B 26 10.07 -4.51 -8.13
C SER B 26 9.42 -4.41 -6.74
N GLY B 27 8.47 -3.48 -6.58
CA GLY B 27 7.80 -3.20 -5.32
C GLY B 27 7.32 -4.46 -4.60
N SER B 28 7.18 -4.37 -3.29
CA SER B 28 6.76 -5.47 -2.43
C SER B 28 5.95 -4.89 -1.26
N TRP B 29 5.23 -5.74 -0.51
CA TRP B 29 4.38 -5.26 0.56
C TRP B 29 5.22 -4.58 1.66
N GLN B 30 6.48 -4.99 1.84
CA GLN B 30 7.33 -4.43 2.88
C GLN B 30 7.67 -2.96 2.60
N ASP B 31 7.63 -2.55 1.33
CA ASP B 31 8.02 -1.19 0.97
C ASP B 31 6.80 -0.29 0.79
N LEU B 32 5.62 -0.87 0.59
CA LEU B 32 4.42 -0.08 0.40
C LEU B 32 4.02 0.56 1.72
N LYS B 33 4.36 -0.09 2.85
CA LYS B 33 4.07 0.46 4.17
C LYS B 33 5.11 1.54 4.49
N ASP B 34 6.36 1.28 4.12
CA ASP B 34 7.50 2.13 4.40
C ASP B 34 7.50 3.43 3.60
N HIS B 35 6.50 3.65 2.74
CA HIS B 35 6.46 4.83 1.88
C HIS B 35 5.11 5.54 2.00
N MET B 36 4.02 4.79 2.18
CA MET B 36 2.73 5.38 2.40
C MET B 36 2.65 5.95 3.82
N ARG B 37 3.59 5.59 4.69
CA ARG B 37 3.76 6.15 6.02
C ARG B 37 3.73 7.68 6.03
N GLU B 38 3.98 8.31 4.88
CA GLU B 38 3.92 9.75 4.74
C GLU B 38 2.49 10.26 4.94
N ALA B 39 1.52 9.53 4.39
CA ALA B 39 0.12 9.90 4.45
C ALA B 39 -0.42 9.77 5.87
N GLY B 40 0.13 8.82 6.63
CA GLY B 40 -0.38 8.51 7.94
C GLY B 40 0.12 7.15 8.39
N ASP B 41 -0.44 6.66 9.49
CA ASP B 41 -0.07 5.37 10.07
C ASP B 41 -0.66 4.23 9.26
N VAL B 42 0.03 3.89 8.17
CA VAL B 42 -0.27 2.69 7.39
C VAL B 42 0.29 1.52 8.17
N CYS B 43 -0.40 0.38 8.07
CA CYS B 43 -0.03 -0.81 8.80
C CYS B 43 -0.01 -2.04 7.90
N TYR B 44 -0.75 -2.05 6.79
CA TYR B 44 -0.80 -3.24 5.96
C TYR B 44 -0.77 -2.91 4.49
N ALA B 45 -0.33 -3.89 3.70
CA ALA B 45 -0.34 -3.80 2.26
C ALA B 45 -0.49 -5.20 1.68
N ASP B 46 -0.77 -5.31 0.39
CA ASP B 46 -0.67 -6.59 -0.27
C ASP B 46 -0.24 -6.34 -1.70
N VAL B 47 0.67 -7.14 -2.21
CA VAL B 47 1.27 -6.87 -3.49
C VAL B 47 0.99 -8.00 -4.46
N TYR B 48 0.76 -7.60 -5.71
CA TYR B 48 0.42 -8.55 -6.77
C TYR B 48 1.59 -8.73 -7.74
N ARG B 49 2.75 -8.17 -7.36
CA ARG B 49 4.02 -8.23 -8.09
C ARG B 49 3.90 -8.04 -9.59
N ASP B 50 2.84 -7.35 -10.03
CA ASP B 50 2.58 -7.28 -11.47
C ASP B 50 2.02 -5.93 -11.94
N GLY B 51 1.98 -4.92 -11.05
CA GLY B 51 1.55 -3.58 -11.45
C GLY B 51 0.47 -3.02 -10.54
N THR B 52 -0.03 -3.83 -9.61
CA THR B 52 -1.10 -3.43 -8.71
C THR B 52 -0.90 -4.04 -7.33
N GLY B 53 -1.63 -3.51 -6.34
CA GLY B 53 -1.59 -3.98 -4.97
C GLY B 53 -2.59 -3.21 -4.13
N VAL B 54 -2.49 -3.32 -2.80
CA VAL B 54 -3.32 -2.54 -1.89
C VAL B 54 -2.51 -2.12 -0.67
N VAL B 55 -3.03 -1.14 0.06
CA VAL B 55 -2.43 -0.64 1.30
C VAL B 55 -3.55 -0.17 2.23
N GLU B 56 -3.26 -0.04 3.53
CA GLU B 56 -4.27 0.24 4.52
C GLU B 56 -3.66 0.96 5.73
N PHE B 57 -4.48 1.76 6.41
CA PHE B 57 -4.05 2.57 7.55
C PHE B 57 -5.00 2.34 8.72
N VAL B 58 -4.52 2.77 9.89
CA VAL B 58 -5.21 2.62 11.16
C VAL B 58 -6.51 3.44 11.21
N ARG B 59 -6.80 4.25 10.19
CA ARG B 59 -8.00 5.08 10.17
C ARG B 59 -8.42 5.35 8.72
N LYS B 60 -9.71 5.65 8.52
CA LYS B 60 -10.27 5.93 7.19
C LYS B 60 -9.76 7.26 6.63
N GLU B 61 -9.44 8.22 7.50
CA GLU B 61 -9.11 9.57 7.04
C GLU B 61 -7.62 9.72 6.73
N ASP B 62 -6.76 8.97 7.43
CA ASP B 62 -5.33 9.05 7.22
C ASP B 62 -4.97 8.37 5.89
N MET B 63 -5.95 7.70 5.31
CA MET B 63 -5.85 6.95 4.08
C MET B 63 -6.36 7.77 2.90
N THR B 64 -7.50 8.45 3.08
CA THR B 64 -8.00 9.38 2.08
C THR B 64 -7.00 10.51 1.90
N TYR B 65 -6.11 10.71 2.88
CA TYR B 65 -5.04 11.69 2.73
C TYR B 65 -4.01 11.18 1.72
N ALA B 66 -3.87 9.86 1.62
CA ALA B 66 -2.94 9.28 0.69
C ALA B 66 -3.46 9.41 -0.74
N VAL B 67 -4.78 9.27 -0.93
CA VAL B 67 -5.36 9.36 -2.26
C VAL B 67 -5.36 10.79 -2.82
N ARG B 68 -4.77 11.77 -2.10
CA ARG B 68 -4.84 13.17 -2.48
C ARG B 68 -3.48 13.87 -2.41
N LYS B 69 -2.52 13.26 -1.72
CA LYS B 69 -1.15 13.77 -1.70
C LYS B 69 -0.13 12.70 -2.12
N LEU B 70 -0.50 11.43 -2.01
CA LEU B 70 0.39 10.32 -2.31
C LEU B 70 -0.15 9.53 -3.50
N ASP B 71 -1.28 9.97 -4.05
CA ASP B 71 -1.85 9.43 -5.27
C ASP B 71 -1.41 10.27 -6.46
N ASN B 72 -1.16 9.60 -7.59
CA ASN B 72 -0.72 10.23 -8.82
C ASN B 72 0.65 10.89 -8.65
N THR B 73 1.44 10.41 -7.68
CA THR B 73 2.80 10.90 -7.47
C THR B 73 3.77 9.76 -7.19
N LYS B 74 5.02 10.14 -7.01
CA LYS B 74 6.17 9.26 -6.92
C LYS B 74 6.09 8.20 -5.84
N PHE B 75 6.65 7.03 -6.17
CA PHE B 75 6.93 5.92 -5.26
C PHE B 75 8.25 5.27 -5.69
N ARG B 76 8.86 4.51 -4.77
CA ARG B 76 10.19 3.96 -4.93
C ARG B 76 10.23 2.56 -4.34
N SER B 77 11.18 1.73 -4.79
CA SER B 77 11.29 0.35 -4.36
C SER B 77 12.72 0.00 -3.96
N HIS B 78 12.84 -1.12 -3.23
CA HIS B 78 14.07 -1.64 -2.65
C HIS B 78 15.10 -2.13 -3.66
N GLU B 79 14.95 -1.79 -4.95
CA GLU B 79 15.87 -2.27 -5.97
C GLU B 79 16.40 -1.13 -6.84
N GLY B 80 15.70 0.01 -6.88
CA GLY B 80 16.21 1.22 -7.53
C GLY B 80 15.17 1.86 -8.44
N GLU B 81 14.15 1.11 -8.86
CA GLU B 81 13.14 1.63 -9.77
C GLU B 81 12.17 2.56 -9.05
N THR B 82 11.53 3.44 -9.81
CA THR B 82 10.55 4.40 -9.30
C THR B 82 9.46 4.62 -10.36
N ALA B 83 8.26 4.99 -9.90
CA ALA B 83 7.14 5.27 -10.79
C ALA B 83 6.05 5.99 -10.00
N TYR B 84 5.14 6.66 -10.70
CA TYR B 84 3.96 7.23 -10.07
C TYR B 84 3.00 6.10 -9.68
N ILE B 85 2.26 6.30 -8.59
CA ILE B 85 1.25 5.36 -8.16
C ILE B 85 -0.10 6.05 -7.97
N ARG B 86 -1.15 5.37 -8.40
CA ARG B 86 -2.52 5.83 -8.30
C ARG B 86 -3.19 5.13 -7.12
N VAL B 87 -3.02 5.71 -5.93
CA VAL B 87 -3.58 5.18 -4.70
C VAL B 87 -5.11 5.37 -4.66
N LYS B 88 -5.84 4.47 -5.32
CA LYS B 88 -7.29 4.51 -5.40
C LYS B 88 -7.93 4.10 -4.06
N VAL B 89 -9.19 4.49 -3.87
CA VAL B 89 -9.97 4.28 -2.64
C VAL B 89 -10.46 2.87 -2.44
N ASP B 90 -10.05 2.01 -3.36
CA ASP B 90 -10.22 0.56 -3.32
C ASP B 90 -11.26 0.11 -4.33
N GLY B 91 -11.20 -1.16 -4.70
CA GLY B 91 -12.21 -1.77 -5.55
C GLY B 91 -11.76 -3.16 -6.03
N MET B 1 3.44 -7.16 24.99
CA MET B 1 2.97 -8.22 24.08
C MET B 1 1.96 -7.66 23.08
N ALA B 2 1.76 -8.37 21.97
CA ALA B 2 0.83 -7.96 20.93
C ALA B 2 0.31 -9.19 20.18
N PRO B 3 -0.87 -9.10 19.55
CA PRO B 3 -1.45 -10.18 18.79
C PRO B 3 -0.68 -10.40 17.48
N ARG B 4 -0.93 -11.54 16.83
CA ARG B 4 -0.28 -11.94 15.57
C ARG B 4 1.23 -11.71 15.60
N GLY B 5 1.85 -11.86 16.77
CA GLY B 5 3.29 -11.68 16.92
C GLY B 5 3.87 -12.46 18.09
N ARG B 6 3.05 -13.32 18.73
CA ARG B 6 3.47 -14.13 19.87
C ARG B 6 2.90 -15.55 19.76
N TYR B 7 2.17 -15.85 18.69
CA TYR B 7 1.57 -17.15 18.46
C TYR B 7 1.33 -17.42 16.98
N GLY B 8 1.82 -16.54 16.10
CA GLY B 8 1.61 -16.68 14.67
C GLY B 8 2.41 -15.63 13.89
N PRO B 9 2.35 -15.70 12.55
CA PRO B 9 3.07 -14.81 11.67
C PRO B 9 2.47 -13.41 11.65
N PRO B 10 3.23 -12.40 11.19
CA PRO B 10 2.80 -11.02 11.10
C PRO B 10 1.76 -10.83 9.98
N SER B 11 1.02 -9.73 10.08
CA SER B 11 -0.05 -9.27 9.19
C SER B 11 -0.97 -8.50 10.10
N ARG B 12 -1.59 -7.43 9.60
CA ARG B 12 -2.10 -6.47 10.53
C ARG B 12 -3.13 -5.52 9.92
N ARG B 13 -4.10 -6.07 9.17
CA ARG B 13 -5.17 -5.31 8.51
C ARG B 13 -5.94 -4.37 9.44
N SER B 14 -6.82 -3.56 8.83
CA SER B 14 -7.58 -2.52 9.50
C SER B 14 -9.01 -2.44 8.97
N GLU B 15 -9.42 -1.23 8.58
CA GLU B 15 -10.79 -0.87 8.28
C GLU B 15 -10.96 -0.07 6.99
N ASN B 16 -9.92 0.69 6.62
CA ASN B 16 -9.94 1.66 5.55
C ASN B 16 -8.79 1.40 4.58
N ARG B 17 -9.06 0.45 3.67
CA ARG B 17 -8.20 0.06 2.56
C ARG B 17 -8.28 1.02 1.38
N VAL B 18 -7.25 1.00 0.51
CA VAL B 18 -7.12 1.73 -0.75
C VAL B 18 -6.25 0.91 -1.71
N VAL B 19 -6.56 0.90 -3.00
CA VAL B 19 -5.75 0.18 -3.99
C VAL B 19 -4.53 1.02 -4.35
N VAL B 20 -3.59 0.43 -5.09
CA VAL B 20 -2.49 1.16 -5.69
C VAL B 20 -2.26 0.57 -7.08
N SER B 21 -2.05 1.43 -8.09
CA SER B 21 -1.81 0.94 -9.44
C SER B 21 -0.80 1.81 -10.19
N GLY B 22 -0.18 1.22 -11.22
CA GLY B 22 0.87 1.88 -12.00
C GLY B 22 2.23 1.46 -11.45
N LEU B 23 2.19 0.45 -10.59
CA LEU B 23 3.26 -0.03 -9.74
C LEU B 23 4.32 -0.81 -10.51
N PRO B 24 5.59 -0.40 -10.44
CA PRO B 24 6.71 -1.19 -10.94
C PRO B 24 6.72 -2.59 -10.35
N PRO B 25 7.35 -3.57 -11.03
CA PRO B 25 7.48 -4.93 -10.54
C PRO B 25 8.44 -4.98 -9.35
N SER B 26 9.16 -3.88 -9.10
CA SER B 26 10.09 -3.76 -8.00
C SER B 26 9.40 -3.57 -6.65
N GLY B 27 8.09 -3.35 -6.65
CA GLY B 27 7.36 -3.12 -5.42
C GLY B 27 6.96 -4.42 -4.74
N SER B 28 6.57 -4.31 -3.46
CA SER B 28 6.13 -5.43 -2.65
C SER B 28 5.25 -4.91 -1.52
N TRP B 29 4.55 -5.80 -0.80
CA TRP B 29 3.72 -5.38 0.30
C TRP B 29 4.57 -4.77 1.41
N GLN B 30 5.83 -5.22 1.55
CA GLN B 30 6.75 -4.71 2.56
C GLN B 30 7.15 -3.26 2.27
N ASP B 31 6.92 -2.78 1.04
CA ASP B 31 7.38 -1.45 0.66
C ASP B 31 6.24 -0.45 0.62
N LEU B 32 5.00 -0.91 0.46
CA LEU B 32 3.88 0.01 0.38
C LEU B 32 3.61 0.62 1.75
N LYS B 33 3.90 -0.12 2.82
CA LYS B 33 3.69 0.39 4.17
C LYS B 33 4.79 1.41 4.48
N ASP B 34 6.01 1.10 4.04
CA ASP B 34 7.20 1.92 4.26
C ASP B 34 7.17 3.22 3.48
N HIS B 35 6.13 3.48 2.68
CA HIS B 35 6.06 4.67 1.86
C HIS B 35 4.72 5.38 2.00
N MET B 36 3.65 4.62 2.20
CA MET B 36 2.33 5.21 2.37
C MET B 36 2.22 5.81 3.78
N ARG B 37 3.09 5.40 4.72
CA ARG B 37 3.13 5.98 6.06
C ARG B 37 3.24 7.49 6.05
N GLU B 38 3.66 8.10 4.94
CA GLU B 38 3.71 9.54 4.78
C GLU B 38 2.32 10.16 4.97
N ALA B 39 1.30 9.46 4.49
CA ALA B 39 -0.07 9.91 4.52
C ALA B 39 -0.58 10.00 5.95
N GLY B 40 0.05 9.26 6.86
CA GLY B 40 -0.36 9.24 8.25
C GLY B 40 0.30 8.10 8.99
N ASP B 41 -0.36 6.94 9.01
CA ASP B 41 0.21 5.71 9.51
C ASP B 41 -0.54 4.54 8.88
N VAL B 42 0.21 3.55 8.41
CA VAL B 42 -0.36 2.39 7.72
C VAL B 42 0.21 1.12 8.32
N CYS B 43 -0.52 0.03 8.15
CA CYS B 43 -0.19 -1.22 8.80
C CYS B 43 -0.13 -2.39 7.83
N TYR B 44 -1.00 -2.43 6.81
CA TYR B 44 -1.01 -3.59 5.92
C TYR B 44 -1.01 -3.20 4.46
N ALA B 45 -0.59 -4.16 3.64
CA ALA B 45 -0.60 -4.01 2.21
C ALA B 45 -0.67 -5.39 1.58
N ASP B 46 -0.88 -5.46 0.27
CA ASP B 46 -0.71 -6.71 -0.45
C ASP B 46 -0.25 -6.36 -1.85
N VAL B 47 0.43 -7.28 -2.52
CA VAL B 47 1.00 -7.01 -3.81
C VAL B 47 0.68 -8.14 -4.78
N TYR B 48 0.47 -7.76 -6.05
CA TYR B 48 0.11 -8.71 -7.09
C TYR B 48 1.26 -8.93 -8.06
N ARG B 49 2.48 -8.65 -7.60
CA ARG B 49 3.74 -8.92 -8.27
C ARG B 49 4.03 -7.97 -9.43
N ASP B 50 3.02 -7.23 -9.92
CA ASP B 50 3.23 -6.29 -11.00
C ASP B 50 2.03 -5.38 -11.20
N GLY B 51 2.29 -4.09 -11.44
CA GLY B 51 1.31 -3.11 -11.87
C GLY B 51 0.31 -2.67 -10.81
N THR B 52 -0.06 -3.54 -9.87
CA THR B 52 -1.09 -3.22 -8.90
C THR B 52 -0.84 -3.91 -7.55
N GLY B 53 -1.58 -3.44 -6.55
CA GLY B 53 -1.52 -3.96 -5.19
C GLY B 53 -2.53 -3.22 -4.33
N VAL B 54 -2.50 -3.43 -3.01
CA VAL B 54 -3.37 -2.70 -2.10
C VAL B 54 -2.62 -2.31 -0.84
N VAL B 55 -3.18 -1.37 -0.08
CA VAL B 55 -2.62 -0.89 1.17
C VAL B 55 -3.74 -0.41 2.09
N GLU B 56 -3.49 -0.32 3.40
CA GLU B 56 -4.53 -0.04 4.35
C GLU B 56 -3.99 0.67 5.59
N PHE B 57 -4.71 1.70 6.04
CA PHE B 57 -4.26 2.57 7.13
C PHE B 57 -4.95 2.31 8.45
N VAL B 58 -4.38 2.92 9.49
CA VAL B 58 -4.85 2.81 10.86
C VAL B 58 -6.03 3.75 11.11
N ARG B 59 -6.31 4.66 10.17
CA ARG B 59 -7.39 5.63 10.29
C ARG B 59 -7.88 6.01 8.90
N LYS B 60 -9.21 6.09 8.74
CA LYS B 60 -9.82 6.32 7.43
C LYS B 60 -9.47 7.70 6.85
N GLU B 61 -9.13 8.67 7.70
CA GLU B 61 -8.83 10.02 7.22
C GLU B 61 -7.45 10.07 6.60
N ASP B 62 -6.50 9.28 7.13
CA ASP B 62 -5.14 9.26 6.62
C ASP B 62 -5.08 8.51 5.29
N MET B 63 -6.10 7.69 5.04
CA MET B 63 -6.22 6.89 3.84
C MET B 63 -6.65 7.74 2.66
N THR B 64 -7.76 8.48 2.79
CA THR B 64 -8.18 9.40 1.74
C THR B 64 -7.16 10.52 1.57
N TYR B 65 -6.33 10.74 2.60
CA TYR B 65 -5.26 11.72 2.45
C TYR B 65 -4.18 11.15 1.53
N ALA B 66 -4.05 9.82 1.47
CA ALA B 66 -3.08 9.20 0.59
C ALA B 66 -3.55 9.27 -0.86
N VAL B 67 -4.86 9.12 -1.12
CA VAL B 67 -5.38 9.15 -2.47
C VAL B 67 -5.37 10.55 -3.07
N ARG B 68 -4.76 11.53 -2.41
CA ARG B 68 -4.79 12.92 -2.87
C ARG B 68 -3.43 13.59 -2.73
N LYS B 69 -2.58 13.12 -1.82
CA LYS B 69 -1.22 13.65 -1.67
C LYS B 69 -0.18 12.66 -2.18
N LEU B 70 -0.51 11.36 -2.12
CA LEU B 70 0.42 10.29 -2.44
C LEU B 70 -0.08 9.52 -3.66
N ASP B 71 -1.30 9.84 -4.12
CA ASP B 71 -1.82 9.35 -5.40
C ASP B 71 -1.34 10.27 -6.51
N ASN B 72 -1.05 9.70 -7.67
CA ASN B 72 -0.61 10.43 -8.85
C ASN B 72 0.74 11.10 -8.63
N THR B 73 1.52 10.56 -7.69
CA THR B 73 2.89 11.00 -7.44
C THR B 73 3.81 9.82 -7.19
N LYS B 74 5.09 10.15 -6.99
CA LYS B 74 6.18 9.20 -6.92
C LYS B 74 6.06 8.20 -5.76
N PHE B 75 6.60 7.01 -6.01
CA PHE B 75 6.83 5.95 -5.05
C PHE B 75 8.13 5.24 -5.42
N ARG B 76 8.89 4.79 -4.41
CA ARG B 76 10.24 4.29 -4.58
C ARG B 76 10.32 2.87 -4.02
N SER B 77 11.31 2.08 -4.48
CA SER B 77 11.44 0.69 -4.07
C SER B 77 12.90 0.31 -3.83
N HIS B 78 13.08 -0.85 -3.17
CA HIS B 78 14.37 -1.39 -2.77
C HIS B 78 15.22 -1.84 -3.96
N GLU B 79 14.63 -1.97 -5.15
CA GLU B 79 15.35 -2.49 -6.31
C GLU B 79 16.21 -1.43 -6.98
N GLY B 80 15.98 -0.14 -6.67
CA GLY B 80 16.84 0.94 -7.15
C GLY B 80 16.11 1.92 -8.07
N GLU B 81 14.78 1.86 -8.14
CA GLU B 81 14.03 2.73 -9.05
C GLU B 81 12.71 3.19 -8.44
N THR B 82 12.07 4.17 -9.10
CA THR B 82 10.85 4.79 -8.64
C THR B 82 9.97 5.18 -9.82
N ALA B 83 8.67 5.32 -9.57
CA ALA B 83 7.67 5.65 -10.55
C ALA B 83 6.43 6.19 -9.84
N TYR B 84 5.52 6.81 -10.58
CA TYR B 84 4.26 7.26 -10.02
C TYR B 84 3.37 6.08 -9.65
N ILE B 85 2.47 6.32 -8.70
CA ILE B 85 1.42 5.37 -8.36
C ILE B 85 0.09 6.09 -8.26
N ARG B 86 -0.98 5.35 -8.52
CA ARG B 86 -2.35 5.83 -8.47
C ARG B 86 -3.08 5.10 -7.34
N VAL B 87 -2.93 5.61 -6.12
CA VAL B 87 -3.57 5.05 -4.93
C VAL B 87 -5.09 5.25 -4.98
N LYS B 88 -5.83 4.25 -5.47
CA LYS B 88 -7.29 4.32 -5.55
C LYS B 88 -7.91 4.14 -4.16
N VAL B 89 -9.23 4.37 -4.06
CA VAL B 89 -10.02 4.29 -2.85
C VAL B 89 -10.13 2.90 -2.23
N ASP B 90 -10.02 1.85 -3.06
CA ASP B 90 -10.18 0.43 -2.75
C ASP B 90 -11.22 -0.18 -3.69
N GLY B 91 -11.26 -1.50 -3.74
CA GLY B 91 -12.25 -2.24 -4.51
C GLY B 91 -11.99 -3.74 -4.45
N MET B 1 0.98 -22.65 19.73
CA MET B 1 0.60 -21.23 19.58
C MET B 1 -0.90 -21.11 19.34
N ALA B 2 -1.51 -20.03 19.86
CA ALA B 2 -2.94 -19.79 19.71
C ALA B 2 -3.22 -18.28 19.81
N PRO B 3 -4.32 -17.80 19.23
CA PRO B 3 -4.72 -16.40 19.29
C PRO B 3 -5.25 -16.05 20.67
N ARG B 4 -5.46 -14.74 20.91
CA ARG B 4 -5.95 -14.24 22.19
C ARG B 4 -7.42 -14.62 22.42
N GLY B 5 -8.10 -15.11 21.38
CA GLY B 5 -9.49 -15.54 21.51
C GLY B 5 -10.21 -15.57 20.16
N ARG B 6 -9.66 -14.90 19.14
CA ARG B 6 -10.23 -14.87 17.80
C ARG B 6 -9.14 -14.63 16.77
N TYR B 7 -9.37 -15.07 15.53
CA TYR B 7 -8.43 -14.90 14.43
C TYR B 7 -9.21 -14.86 13.10
N GLY B 8 -8.53 -14.46 12.03
CA GLY B 8 -9.13 -14.37 10.71
C GLY B 8 -8.19 -13.70 9.69
N PRO B 9 -7.75 -12.46 9.95
CA PRO B 9 -6.83 -11.76 9.08
C PRO B 9 -5.42 -12.33 9.24
N PRO B 10 -4.57 -12.22 8.21
CA PRO B 10 -3.23 -12.75 8.24
C PRO B 10 -2.34 -11.92 9.17
N SER B 11 -2.35 -10.60 9.02
CA SER B 11 -1.60 -9.66 9.85
C SER B 11 -1.98 -8.24 9.48
N ARG B 12 -1.79 -7.31 10.42
CA ARG B 12 -1.84 -5.87 10.19
C ARG B 12 -3.13 -5.30 9.57
N ARG B 13 -4.11 -6.14 9.24
CA ARG B 13 -5.34 -5.69 8.56
C ARG B 13 -6.04 -4.55 9.30
N SER B 14 -6.90 -3.82 8.57
CA SER B 14 -7.59 -2.66 9.10
C SER B 14 -8.99 -2.51 8.51
N GLU B 15 -9.36 -1.26 8.21
CA GLU B 15 -10.72 -0.85 7.92
C GLU B 15 -10.89 0.02 6.68
N ASN B 16 -9.81 0.61 6.22
CA ASN B 16 -9.77 1.62 5.19
C ASN B 16 -8.64 1.35 4.20
N ARG B 17 -8.90 0.37 3.33
CA ARG B 17 -8.02 -0.02 2.24
C ARG B 17 -8.19 0.88 1.00
N VAL B 18 -7.09 1.05 0.29
CA VAL B 18 -6.97 1.73 -1.00
C VAL B 18 -6.08 0.88 -1.90
N VAL B 19 -6.52 0.60 -3.11
CA VAL B 19 -5.68 -0.08 -4.09
C VAL B 19 -4.54 0.85 -4.46
N VAL B 20 -3.41 0.29 -4.89
CA VAL B 20 -2.27 1.07 -5.32
C VAL B 20 -1.80 0.54 -6.66
N SER B 21 -2.08 1.29 -7.71
CA SER B 21 -1.59 0.93 -9.04
C SER B 21 -0.44 1.83 -9.44
N GLY B 22 0.46 1.33 -10.29
CA GLY B 22 1.63 2.08 -10.71
C GLY B 22 2.90 1.37 -10.27
N LEU B 23 2.75 0.08 -9.95
CA LEU B 23 3.80 -0.78 -9.44
C LEU B 23 4.54 -1.62 -10.49
N PRO B 24 4.43 -1.40 -11.82
CA PRO B 24 5.10 -2.23 -12.82
C PRO B 24 6.55 -2.61 -12.52
N PRO B 25 7.39 -1.74 -11.94
CA PRO B 25 8.76 -2.10 -11.57
C PRO B 25 8.84 -3.46 -10.89
N SER B 26 8.17 -3.58 -9.74
CA SER B 26 8.03 -4.83 -8.99
C SER B 26 7.22 -4.53 -7.74
N GLY B 27 7.55 -3.39 -7.11
CA GLY B 27 7.04 -3.00 -5.81
C GLY B 27 7.13 -4.14 -4.78
N SER B 28 6.55 -3.94 -3.60
CA SER B 28 6.45 -4.98 -2.58
C SER B 28 5.50 -4.51 -1.47
N TRP B 29 5.04 -5.40 -0.59
CA TRP B 29 4.17 -4.95 0.49
C TRP B 29 4.98 -4.24 1.57
N GLN B 30 6.24 -4.64 1.76
CA GLN B 30 7.11 -4.02 2.76
C GLN B 30 7.44 -2.59 2.35
N ASP B 31 7.69 -2.36 1.06
CA ASP B 31 8.06 -1.06 0.56
C ASP B 31 6.85 -0.14 0.47
N LEU B 32 5.65 -0.72 0.30
CA LEU B 32 4.43 0.07 0.24
C LEU B 32 4.16 0.70 1.60
N LYS B 33 4.49 -0.02 2.67
CA LYS B 33 4.25 0.49 4.02
C LYS B 33 5.27 1.59 4.32
N ASP B 34 6.51 1.38 3.89
CA ASP B 34 7.62 2.30 4.08
C ASP B 34 7.46 3.62 3.32
N HIS B 35 6.38 3.79 2.56
CA HIS B 35 6.22 4.97 1.73
C HIS B 35 4.86 5.62 1.94
N MET B 36 3.80 4.83 2.09
CA MET B 36 2.49 5.39 2.41
C MET B 36 2.50 5.91 3.85
N ARG B 37 3.50 5.54 4.66
CA ARG B 37 3.75 6.13 5.97
C ARG B 37 3.71 7.66 5.95
N GLU B 38 3.90 8.28 4.78
CA GLU B 38 3.80 9.71 4.61
C GLU B 38 2.36 10.20 4.81
N ALA B 39 1.42 9.45 4.25
CA ALA B 39 0.00 9.78 4.29
C ALA B 39 -0.57 9.63 5.70
N GLY B 40 0.04 8.74 6.49
CA GLY B 40 -0.45 8.45 7.81
C GLY B 40 0.14 7.13 8.30
N ASP B 41 -0.43 6.60 9.37
CA ASP B 41 0.05 5.37 9.99
C ASP B 41 -0.55 4.17 9.30
N VAL B 42 0.02 3.83 8.15
CA VAL B 42 -0.31 2.61 7.43
C VAL B 42 0.14 1.44 8.28
N CYS B 43 -0.58 0.33 8.19
CA CYS B 43 -0.27 -0.86 8.96
C CYS B 43 -0.18 -2.08 8.06
N TYR B 44 -0.94 -2.16 6.98
CA TYR B 44 -0.89 -3.32 6.10
C TYR B 44 -0.85 -2.90 4.65
N ALA B 45 -0.34 -3.82 3.82
CA ALA B 45 -0.30 -3.64 2.39
C ALA B 45 -0.34 -5.02 1.76
N ASP B 46 -0.62 -5.11 0.47
CA ASP B 46 -0.44 -6.38 -0.23
C ASP B 46 0.00 -6.05 -1.64
N VAL B 47 0.76 -6.95 -2.24
CA VAL B 47 1.33 -6.71 -3.54
C VAL B 47 1.07 -7.87 -4.47
N TYR B 48 0.77 -7.53 -5.72
CA TYR B 48 0.46 -8.50 -6.75
C TYR B 48 1.64 -8.68 -7.70
N ARG B 49 2.79 -8.11 -7.32
CA ARG B 49 4.07 -8.13 -8.04
C ARG B 49 3.95 -7.93 -9.54
N ASP B 50 2.90 -7.26 -9.98
CA ASP B 50 2.64 -7.19 -11.42
C ASP B 50 2.08 -5.85 -11.88
N GLY B 51 1.96 -4.86 -10.97
CA GLY B 51 1.57 -3.51 -11.34
C GLY B 51 0.55 -2.89 -10.40
N THR B 52 -0.02 -3.69 -9.50
CA THR B 52 -1.07 -3.25 -8.60
C THR B 52 -0.92 -3.90 -7.22
N GLY B 53 -1.65 -3.36 -6.25
CA GLY B 53 -1.61 -3.86 -4.88
C GLY B 53 -2.63 -3.13 -4.01
N VAL B 54 -2.50 -3.25 -2.69
CA VAL B 54 -3.36 -2.53 -1.74
C VAL B 54 -2.57 -2.07 -0.51
N VAL B 55 -3.13 -1.13 0.24
CA VAL B 55 -2.56 -0.61 1.48
C VAL B 55 -3.66 -0.02 2.36
N GLU B 56 -3.45 0.03 3.68
CA GLU B 56 -4.45 0.56 4.60
C GLU B 56 -3.82 1.07 5.90
N PHE B 57 -4.55 1.92 6.61
CA PHE B 57 -4.05 2.66 7.76
C PHE B 57 -4.92 2.46 8.99
N VAL B 58 -4.41 2.96 10.11
CA VAL B 58 -5.06 2.87 11.40
C VAL B 58 -6.31 3.77 11.48
N ARG B 59 -6.52 4.63 10.49
CA ARG B 59 -7.64 5.55 10.47
C ARG B 59 -8.05 5.83 9.03
N LYS B 60 -9.37 5.89 8.78
CA LYS B 60 -9.90 6.06 7.43
C LYS B 60 -9.53 7.42 6.82
N GLU B 61 -9.21 8.41 7.65
CA GLU B 61 -8.89 9.74 7.14
C GLU B 61 -7.49 9.75 6.51
N ASP B 62 -6.60 8.90 7.02
CA ASP B 62 -5.24 8.85 6.53
C ASP B 62 -5.20 8.16 5.16
N MET B 63 -6.24 7.39 4.87
CA MET B 63 -6.35 6.64 3.63
C MET B 63 -6.81 7.55 2.49
N THR B 64 -7.91 8.27 2.70
CA THR B 64 -8.36 9.23 1.70
C THR B 64 -7.30 10.30 1.52
N TYR B 65 -6.43 10.50 2.52
CA TYR B 65 -5.34 11.45 2.41
C TYR B 65 -4.26 10.86 1.50
N ALA B 66 -4.10 9.53 1.54
CA ALA B 66 -3.13 8.82 0.73
C ALA B 66 -3.55 8.75 -0.72
N VAL B 67 -4.84 9.02 -1.02
CA VAL B 67 -5.30 9.07 -2.41
C VAL B 67 -5.77 10.49 -2.78
N ARG B 68 -5.12 11.49 -2.20
CA ARG B 68 -5.29 12.89 -2.62
C ARG B 68 -3.98 13.66 -2.56
N LYS B 69 -2.97 13.15 -1.85
CA LYS B 69 -1.62 13.72 -1.83
C LYS B 69 -0.56 12.71 -2.23
N LEU B 70 -0.82 11.41 -2.05
CA LEU B 70 0.15 10.36 -2.34
C LEU B 70 -0.26 9.60 -3.60
N ASP B 71 -1.41 9.96 -4.18
CA ASP B 71 -1.84 9.51 -5.49
C ASP B 71 -1.07 10.26 -6.57
N ASN B 72 -0.74 9.56 -7.67
CA ASN B 72 -0.13 10.14 -8.85
C ASN B 72 1.17 10.89 -8.56
N THR B 73 1.88 10.49 -7.50
CA THR B 73 3.17 11.07 -7.15
C THR B 73 4.19 9.94 -6.98
N LYS B 74 5.47 10.29 -6.93
CA LYS B 74 6.58 9.34 -6.89
C LYS B 74 6.45 8.37 -5.74
N PHE B 75 6.87 7.13 -6.00
CA PHE B 75 7.03 6.05 -5.05
C PHE B 75 8.34 5.31 -5.34
N ARG B 76 8.83 4.56 -4.35
CA ARG B 76 10.16 3.95 -4.37
C ARG B 76 10.09 2.53 -3.82
N SER B 77 10.97 1.66 -4.31
CA SER B 77 11.00 0.27 -3.88
C SER B 77 12.43 -0.23 -3.69
N HIS B 78 12.55 -1.42 -3.11
CA HIS B 78 13.81 -2.08 -2.82
C HIS B 78 14.61 -2.40 -4.08
N GLU B 79 13.96 -2.34 -5.26
CA GLU B 79 14.59 -2.68 -6.52
C GLU B 79 15.75 -1.74 -6.81
N GLY B 80 15.52 -0.45 -6.56
CA GLY B 80 16.52 0.59 -6.73
C GLY B 80 15.98 1.70 -7.63
N GLU B 81 14.67 1.72 -7.86
CA GLU B 81 14.03 2.62 -8.80
C GLU B 81 12.72 3.18 -8.25
N THR B 82 12.10 4.04 -9.06
CA THR B 82 10.91 4.79 -8.64
C THR B 82 9.94 4.97 -9.81
N ALA B 83 8.67 5.24 -9.47
CA ALA B 83 7.61 5.47 -10.42
C ALA B 83 6.42 6.08 -9.68
N TYR B 84 5.48 6.71 -10.42
CA TYR B 84 4.25 7.20 -9.82
C TYR B 84 3.36 6.04 -9.40
N ILE B 85 2.52 6.28 -8.37
CA ILE B 85 1.51 5.33 -7.97
C ILE B 85 0.14 6.01 -7.89
N ARG B 86 -0.78 5.59 -8.77
CA ARG B 86 -2.14 6.09 -8.77
C ARG B 86 -2.97 5.29 -7.79
N VAL B 87 -3.09 5.83 -6.57
CA VAL B 87 -3.88 5.19 -5.52
C VAL B 87 -5.36 5.23 -5.91
N LYS B 88 -6.13 4.21 -5.53
CA LYS B 88 -7.57 4.21 -5.68
C LYS B 88 -8.24 3.70 -4.41
N VAL B 89 -9.51 4.07 -4.23
CA VAL B 89 -10.35 3.76 -3.08
C VAL B 89 -10.80 2.31 -3.03
N ASP B 90 -10.29 1.54 -3.99
CA ASP B 90 -10.41 0.09 -4.05
C ASP B 90 -11.65 -0.30 -4.85
N GLY B 91 -11.65 -1.52 -5.37
CA GLY B 91 -12.80 -2.08 -6.05
C GLY B 91 -12.51 -3.49 -6.56
N MET B 1 7.88 -11.25 23.50
CA MET B 1 8.37 -10.64 22.25
C MET B 1 7.24 -10.50 21.24
N ALA B 2 7.15 -9.32 20.61
CA ALA B 2 6.13 -9.03 19.61
C ALA B 2 6.60 -8.02 18.56
N PRO B 3 7.86 -8.08 18.09
CA PRO B 3 8.43 -7.10 17.18
C PRO B 3 7.80 -7.16 15.78
N ARG B 4 6.71 -7.93 15.61
CA ARG B 4 6.04 -8.10 14.34
C ARG B 4 4.52 -8.15 14.53
N GLY B 5 4.04 -7.85 15.74
CA GLY B 5 2.62 -7.94 16.07
C GLY B 5 2.29 -7.16 17.35
N ARG B 6 3.09 -6.12 17.66
CA ARG B 6 2.93 -5.33 18.87
C ARG B 6 1.57 -4.61 18.95
N TYR B 7 0.84 -4.53 17.83
CA TYR B 7 -0.43 -3.82 17.78
C TYR B 7 -1.47 -4.54 16.94
N GLY B 8 -1.19 -5.78 16.53
CA GLY B 8 -2.12 -6.55 15.71
C GLY B 8 -1.51 -7.89 15.29
N PRO B 9 -2.22 -8.67 14.47
CA PRO B 9 -1.77 -9.95 13.96
C PRO B 9 -0.57 -9.76 13.03
N PRO B 10 0.10 -10.85 12.63
CA PRO B 10 1.26 -10.88 11.73
C PRO B 10 1.10 -10.18 10.38
N SER B 11 0.03 -9.40 10.17
CA SER B 11 -0.27 -8.75 8.89
C SER B 11 -1.14 -7.54 9.14
N ARG B 12 -1.47 -7.35 10.42
CA ARG B 12 -2.04 -6.16 11.01
C ARG B 12 -3.02 -5.37 10.12
N ARG B 13 -3.96 -6.08 9.47
CA ARG B 13 -5.01 -5.49 8.63
C ARG B 13 -5.88 -4.47 9.38
N SER B 14 -6.75 -3.76 8.64
CA SER B 14 -7.58 -2.70 9.21
C SER B 14 -8.98 -2.65 8.57
N GLU B 15 -9.37 -1.45 8.13
CA GLU B 15 -10.73 -1.10 7.77
C GLU B 15 -10.88 -0.26 6.50
N ASN B 16 -9.81 0.40 6.08
CA ASN B 16 -9.81 1.43 5.05
C ASN B 16 -8.64 1.23 4.09
N ARG B 17 -8.82 0.25 3.20
CA ARG B 17 -7.93 -0.07 2.09
C ARG B 17 -8.08 0.89 0.90
N VAL B 18 -6.96 1.08 0.19
CA VAL B 18 -6.84 1.82 -1.07
C VAL B 18 -5.88 1.06 -1.98
N VAL B 19 -6.30 0.74 -3.22
CA VAL B 19 -5.44 0.11 -4.21
C VAL B 19 -4.29 1.05 -4.54
N VAL B 20 -3.21 0.47 -5.07
CA VAL B 20 -2.07 1.20 -5.58
C VAL B 20 -1.71 0.63 -6.94
N SER B 21 -1.84 1.44 -8.00
CA SER B 21 -1.49 0.99 -9.34
C SER B 21 -0.49 1.93 -10.01
N GLY B 22 0.42 1.34 -10.78
CA GLY B 22 1.50 2.06 -11.45
C GLY B 22 2.84 1.64 -10.85
N LEU B 23 2.75 0.77 -9.83
CA LEU B 23 3.83 0.22 -9.04
C LEU B 23 4.89 -0.42 -9.95
N PRO B 24 6.17 -0.38 -9.56
CA PRO B 24 7.28 -0.88 -10.37
C PRO B 24 7.31 -2.41 -10.38
N PRO B 25 8.03 -3.00 -11.35
CA PRO B 25 8.16 -4.44 -11.54
C PRO B 25 8.62 -5.24 -10.33
N SER B 26 9.08 -4.59 -9.25
CA SER B 26 9.59 -5.28 -8.09
C SER B 26 9.07 -4.72 -6.77
N GLY B 27 8.03 -3.88 -6.82
CA GLY B 27 7.44 -3.37 -5.60
C GLY B 27 6.97 -4.52 -4.70
N SER B 28 6.63 -4.20 -3.45
CA SER B 28 6.33 -5.22 -2.45
C SER B 28 5.31 -4.69 -1.45
N TRP B 29 4.71 -5.57 -0.63
CA TRP B 29 3.78 -5.08 0.39
C TRP B 29 4.54 -4.43 1.54
N GLN B 30 5.78 -4.86 1.79
CA GLN B 30 6.57 -4.33 2.90
C GLN B 30 6.94 -2.87 2.63
N ASP B 31 7.26 -2.54 1.38
CA ASP B 31 7.72 -1.22 1.02
C ASP B 31 6.56 -0.23 0.91
N LEU B 32 5.33 -0.73 0.73
CA LEU B 32 4.17 0.12 0.59
C LEU B 32 3.86 0.78 1.92
N LYS B 33 4.16 0.12 3.03
CA LYS B 33 3.90 0.68 4.36
C LYS B 33 5.00 1.70 4.67
N ASP B 34 6.23 1.37 4.28
CA ASP B 34 7.41 2.20 4.48
C ASP B 34 7.40 3.50 3.67
N HIS B 35 6.36 3.73 2.86
CA HIS B 35 6.31 4.91 2.01
C HIS B 35 4.98 5.63 2.15
N MET B 36 3.87 4.89 2.31
CA MET B 36 2.58 5.51 2.58
C MET B 36 2.51 6.06 4.00
N ARG B 37 3.50 5.73 4.86
CA ARG B 37 3.65 6.33 6.17
C ARG B 37 3.61 7.86 6.16
N GLU B 38 3.76 8.48 4.98
CA GLU B 38 3.65 9.92 4.83
C GLU B 38 2.18 10.36 4.95
N ALA B 39 1.28 9.60 4.35
CA ALA B 39 -0.14 9.91 4.33
C ALA B 39 -0.74 9.77 5.71
N GLY B 40 -0.16 8.89 6.53
CA GLY B 40 -0.66 8.57 7.83
C GLY B 40 -0.10 7.25 8.30
N ASP B 41 -0.66 6.71 9.39
CA ASP B 41 -0.20 5.45 9.96
C ASP B 41 -0.79 4.29 9.20
N VAL B 42 -0.18 4.00 8.06
CA VAL B 42 -0.46 2.81 7.27
C VAL B 42 -0.07 1.61 8.12
N CYS B 43 -0.76 0.49 7.92
CA CYS B 43 -0.61 -0.67 8.77
C CYS B 43 -0.50 -1.94 7.94
N TYR B 44 -1.23 -2.03 6.83
CA TYR B 44 -1.21 -3.22 5.99
C TYR B 44 -1.08 -2.83 4.54
N ALA B 45 -0.66 -3.79 3.73
CA ALA B 45 -0.57 -3.64 2.30
C ALA B 45 -0.64 -5.02 1.67
N ASP B 46 -0.81 -5.09 0.36
CA ASP B 46 -0.63 -6.33 -0.37
C ASP B 46 -0.12 -6.00 -1.75
N VAL B 47 0.52 -6.97 -2.40
CA VAL B 47 1.13 -6.73 -3.69
C VAL B 47 0.81 -7.88 -4.63
N TYR B 48 0.60 -7.53 -5.89
CA TYR B 48 0.24 -8.51 -6.91
C TYR B 48 1.38 -8.79 -7.88
N ARG B 49 2.55 -8.23 -7.60
CA ARG B 49 3.78 -8.55 -8.31
C ARG B 49 3.69 -8.22 -9.81
N ASP B 50 2.75 -7.36 -10.18
CA ASP B 50 2.49 -7.09 -11.60
C ASP B 50 2.25 -5.61 -11.92
N GLY B 51 2.42 -4.71 -10.95
CA GLY B 51 2.22 -3.28 -11.18
C GLY B 51 1.04 -2.74 -10.37
N THR B 52 0.43 -3.60 -9.55
CA THR B 52 -0.72 -3.23 -8.74
C THR B 52 -0.61 -3.89 -7.37
N GLY B 53 -1.36 -3.34 -6.40
CA GLY B 53 -1.40 -3.84 -5.04
C GLY B 53 -2.40 -3.03 -4.23
N VAL B 54 -2.34 -3.13 -2.91
CA VAL B 54 -3.19 -2.33 -2.03
C VAL B 54 -2.43 -1.92 -0.77
N VAL B 55 -2.96 -0.92 -0.07
CA VAL B 55 -2.40 -0.41 1.18
C VAL B 55 -3.55 0.10 2.06
N GLU B 56 -3.32 0.22 3.37
CA GLU B 56 -4.39 0.48 4.31
C GLU B 56 -3.83 1.11 5.60
N PHE B 57 -4.64 1.89 6.31
CA PHE B 57 -4.19 2.62 7.49
C PHE B 57 -5.05 2.34 8.71
N VAL B 58 -4.56 2.82 9.86
CA VAL B 58 -5.22 2.63 11.14
C VAL B 58 -6.50 3.47 11.26
N ARG B 59 -6.74 4.38 10.31
CA ARG B 59 -7.90 5.26 10.34
C ARG B 59 -8.33 5.61 8.93
N LYS B 60 -9.63 5.65 8.67
CA LYS B 60 -10.16 5.87 7.33
C LYS B 60 -9.81 7.27 6.80
N GLU B 61 -9.49 8.22 7.69
CA GLU B 61 -9.17 9.57 7.25
C GLU B 61 -7.75 9.64 6.68
N ASP B 62 -6.85 8.79 7.20
CA ASP B 62 -5.47 8.77 6.77
C ASP B 62 -5.38 8.14 5.38
N MET B 63 -6.39 7.36 5.02
CA MET B 63 -6.47 6.67 3.75
C MET B 63 -6.88 7.63 2.65
N THR B 64 -7.99 8.35 2.85
CA THR B 64 -8.45 9.36 1.90
C THR B 64 -7.43 10.48 1.80
N TYR B 65 -6.53 10.61 2.78
CA TYR B 65 -5.48 11.60 2.69
C TYR B 65 -4.41 11.13 1.71
N ALA B 66 -4.24 9.81 1.58
CA ALA B 66 -3.27 9.27 0.65
C ALA B 66 -3.75 9.43 -0.79
N VAL B 67 -5.06 9.31 -1.04
CA VAL B 67 -5.60 9.41 -2.37
C VAL B 67 -5.58 10.85 -2.92
N ARG B 68 -5.02 11.80 -2.16
CA ARG B 68 -5.08 13.21 -2.53
C ARG B 68 -3.74 13.92 -2.38
N LYS B 69 -2.81 13.31 -1.67
CA LYS B 69 -1.43 13.82 -1.58
C LYS B 69 -0.39 12.78 -1.95
N LEU B 70 -0.75 11.50 -1.87
CA LEU B 70 0.18 10.40 -2.14
C LEU B 70 -0.32 9.58 -3.34
N ASP B 71 -1.43 10.03 -3.95
CA ASP B 71 -1.94 9.46 -5.18
C ASP B 71 -1.41 10.28 -6.37
N ASN B 72 -1.10 9.61 -7.48
CA ASN B 72 -0.57 10.24 -8.67
C ASN B 72 0.74 11.00 -8.36
N THR B 73 1.54 10.42 -7.47
CA THR B 73 2.85 10.94 -7.12
C THR B 73 3.88 9.82 -7.03
N LYS B 74 5.14 10.19 -6.81
CA LYS B 74 6.28 9.28 -6.80
C LYS B 74 6.21 8.22 -5.71
N PHE B 75 6.79 7.07 -6.05
CA PHE B 75 7.10 5.94 -5.17
C PHE B 75 8.39 5.30 -5.69
N ARG B 76 9.04 4.45 -4.89
CA ARG B 76 10.34 3.90 -5.25
C ARG B 76 10.41 2.44 -4.83
N SER B 77 10.92 1.59 -5.72
CA SER B 77 11.06 0.16 -5.52
C SER B 77 12.13 -0.16 -4.48
N HIS B 78 12.43 -1.45 -4.27
CA HIS B 78 13.50 -1.90 -3.40
C HIS B 78 14.54 -2.65 -4.21
N GLU B 79 14.44 -2.58 -5.54
CA GLU B 79 15.35 -3.26 -6.46
C GLU B 79 15.94 -2.28 -7.47
N GLY B 80 15.37 -1.07 -7.58
CA GLY B 80 15.90 -0.02 -8.41
C GLY B 80 14.80 0.90 -8.94
N GLU B 81 15.21 2.12 -9.26
CA GLU B 81 14.40 3.17 -9.87
C GLU B 81 13.13 3.53 -9.11
N THR B 82 12.37 4.42 -9.75
CA THR B 82 11.16 5.00 -9.19
C THR B 82 9.97 4.74 -10.11
N ALA B 83 8.78 5.06 -9.61
CA ALA B 83 7.53 4.88 -10.33
C ALA B 83 6.49 5.85 -9.79
N TYR B 84 5.23 5.65 -10.16
CA TYR B 84 4.13 6.48 -9.72
C TYR B 84 3.05 5.58 -9.11
N ILE B 85 2.31 6.10 -8.13
CA ILE B 85 1.28 5.32 -7.46
C ILE B 85 -0.07 6.03 -7.47
N ARG B 86 -1.01 5.50 -8.26
CA ARG B 86 -2.39 5.94 -8.25
C ARG B 86 -3.12 5.22 -7.13
N VAL B 87 -3.07 5.84 -5.95
CA VAL B 87 -3.65 5.29 -4.74
C VAL B 87 -5.18 5.44 -4.74
N LYS B 88 -5.88 4.53 -5.43
CA LYS B 88 -7.34 4.59 -5.57
C LYS B 88 -8.04 3.98 -4.36
N VAL B 89 -9.31 4.34 -4.17
CA VAL B 89 -10.17 3.93 -3.05
C VAL B 89 -10.64 2.49 -3.12
N ASP B 90 -10.11 1.78 -4.11
CA ASP B 90 -10.26 0.33 -4.26
C ASP B 90 -11.51 0.01 -5.05
N GLY B 91 -11.51 -1.16 -5.69
CA GLY B 91 -12.69 -1.65 -6.39
C GLY B 91 -12.43 -3.01 -7.02
N MET B 1 -1.25 -23.55 7.36
CA MET B 1 -0.65 -23.70 8.69
C MET B 1 0.64 -24.52 8.60
N ALA B 2 1.77 -23.83 8.60
CA ALA B 2 3.09 -24.42 8.52
C ALA B 2 4.11 -23.43 9.12
N PRO B 3 5.35 -23.85 9.40
CA PRO B 3 6.40 -22.99 9.93
C PRO B 3 6.61 -21.68 9.16
N ARG B 4 6.12 -21.63 7.90
CA ARG B 4 6.19 -20.45 7.04
C ARG B 4 4.89 -20.34 6.23
N GLY B 5 3.78 -20.80 6.80
CA GLY B 5 2.47 -20.78 6.17
C GLY B 5 1.40 -20.51 7.22
N ARG B 6 1.76 -19.76 8.26
CA ARG B 6 0.90 -19.45 9.40
C ARG B 6 -0.24 -18.53 9.00
N TYR B 7 -0.11 -17.86 7.84
CA TYR B 7 -1.05 -16.83 7.40
C TYR B 7 -1.15 -16.84 5.88
N GLY B 8 -1.76 -15.80 5.32
CA GLY B 8 -1.93 -15.64 3.89
C GLY B 8 -1.88 -14.15 3.52
N PRO B 9 -2.23 -13.81 2.26
CA PRO B 9 -2.23 -12.45 1.76
C PRO B 9 -2.88 -11.42 2.70
N PRO B 10 -4.02 -11.71 3.36
CA PRO B 10 -4.60 -10.78 4.32
C PRO B 10 -3.82 -10.79 5.62
N SER B 11 -3.40 -9.62 6.06
CA SER B 11 -2.68 -9.39 7.32
C SER B 11 -2.86 -7.93 7.71
N ARG B 12 -2.40 -7.54 8.90
CA ARG B 12 -2.39 -6.14 9.35
C ARG B 12 -3.71 -5.39 9.08
N ARG B 13 -4.82 -6.12 8.90
CA ARG B 13 -6.12 -5.57 8.50
C ARG B 13 -6.56 -4.42 9.41
N SER B 14 -7.38 -3.51 8.87
CA SER B 14 -7.87 -2.36 9.60
C SER B 14 -9.36 -2.12 9.37
N GLU B 15 -9.72 -1.05 8.67
CA GLU B 15 -11.09 -0.56 8.63
C GLU B 15 -11.52 0.12 7.33
N ASN B 16 -10.58 0.69 6.58
CA ASN B 16 -10.94 1.59 5.48
C ASN B 16 -10.44 1.20 4.09
N ARG B 17 -9.26 0.55 4.00
CA ARG B 17 -8.56 0.09 2.79
C ARG B 17 -8.54 1.02 1.56
N VAL B 18 -7.48 0.90 0.75
CA VAL B 18 -7.28 1.59 -0.52
C VAL B 18 -6.44 0.70 -1.45
N VAL B 19 -6.66 0.77 -2.76
CA VAL B 19 -5.88 0.02 -3.75
C VAL B 19 -4.70 0.88 -4.18
N VAL B 20 -3.78 0.30 -4.95
CA VAL B 20 -2.72 1.05 -5.61
C VAL B 20 -2.53 0.45 -7.00
N SER B 21 -2.26 1.30 -7.99
CA SER B 21 -1.94 0.79 -9.32
C SER B 21 -0.87 1.65 -10.00
N GLY B 22 -0.09 1.02 -10.88
CA GLY B 22 1.01 1.67 -11.58
C GLY B 22 2.33 1.25 -10.93
N LEU B 23 2.20 0.45 -9.87
CA LEU B 23 3.26 -0.11 -9.07
C LEU B 23 4.32 -0.77 -9.96
N PRO B 24 5.59 -0.42 -9.82
CA PRO B 24 6.65 -0.97 -10.64
C PRO B 24 6.94 -2.42 -10.24
N PRO B 25 7.48 -3.24 -11.15
CA PRO B 25 7.90 -4.60 -10.86
C PRO B 25 8.87 -4.68 -9.69
N SER B 26 9.55 -3.57 -9.40
CA SER B 26 10.49 -3.46 -8.30
C SER B 26 9.81 -3.40 -6.94
N GLY B 27 8.47 -3.27 -6.91
CA GLY B 27 7.75 -3.09 -5.67
C GLY B 27 7.42 -4.41 -4.99
N SER B 28 7.02 -4.31 -3.72
CA SER B 28 6.63 -5.42 -2.87
C SER B 28 5.83 -4.83 -1.70
N TRP B 29 5.15 -5.67 -0.90
CA TRP B 29 4.32 -5.14 0.17
C TRP B 29 5.16 -4.43 1.23
N GLN B 30 6.44 -4.81 1.39
CA GLN B 30 7.29 -4.20 2.40
C GLN B 30 7.62 -2.75 2.07
N ASP B 31 7.68 -2.40 0.78
CA ASP B 31 8.03 -1.05 0.37
C ASP B 31 6.80 -0.17 0.27
N LEU B 32 5.62 -0.76 0.28
CA LEU B 32 4.36 -0.03 0.13
C LEU B 32 3.80 0.37 1.51
N LYS B 33 4.54 0.08 2.59
CA LYS B 33 4.22 0.58 3.91
C LYS B 33 5.30 1.61 4.31
N ASP B 34 6.53 1.35 3.88
CA ASP B 34 7.67 2.22 4.12
C ASP B 34 7.58 3.54 3.35
N HIS B 35 6.55 3.71 2.53
CA HIS B 35 6.40 4.91 1.72
C HIS B 35 5.02 5.53 1.92
N MET B 36 3.99 4.69 2.09
CA MET B 36 2.65 5.20 2.32
C MET B 36 2.55 5.84 3.70
N ARG B 37 3.49 5.54 4.62
CA ARG B 37 3.63 6.19 5.91
C ARG B 37 3.62 7.72 5.80
N GLU B 38 3.90 8.27 4.62
CA GLU B 38 3.86 9.70 4.38
C GLU B 38 2.45 10.26 4.54
N ALA B 39 1.46 9.52 4.04
CA ALA B 39 0.07 9.93 4.10
C ALA B 39 -0.45 9.91 5.52
N GLY B 40 0.12 9.02 6.33
CA GLY B 40 -0.31 8.77 7.68
C GLY B 40 0.18 7.40 8.10
N ASP B 41 -0.17 6.96 9.30
CA ASP B 41 0.30 5.70 9.82
C ASP B 41 -0.38 4.55 9.09
N VAL B 42 0.42 3.73 8.41
CA VAL B 42 -0.06 2.55 7.70
C VAL B 42 0.51 1.30 8.36
N CYS B 43 -0.23 0.19 8.26
CA CYS B 43 0.17 -1.05 8.88
C CYS B 43 0.11 -2.22 7.90
N TYR B 44 -0.67 -2.11 6.83
CA TYR B 44 -0.87 -3.23 5.91
C TYR B 44 -0.55 -2.86 4.49
N ALA B 45 -0.08 -3.86 3.74
CA ALA B 45 0.13 -3.71 2.33
C ALA B 45 0.11 -5.09 1.70
N ASP B 46 -0.38 -5.24 0.47
CA ASP B 46 -0.20 -6.49 -0.23
C ASP B 46 0.05 -6.18 -1.69
N VAL B 47 0.73 -7.09 -2.38
CA VAL B 47 1.21 -6.84 -3.72
C VAL B 47 0.85 -8.01 -4.62
N TYR B 48 0.57 -7.68 -5.88
CA TYR B 48 0.17 -8.68 -6.86
C TYR B 48 1.25 -8.96 -7.89
N ARG B 49 2.45 -8.38 -7.71
CA ARG B 49 3.63 -8.71 -8.49
C ARG B 49 3.46 -8.41 -9.98
N ASP B 50 2.47 -7.59 -10.34
CA ASP B 50 2.17 -7.37 -11.75
C ASP B 50 1.86 -5.91 -12.10
N GLY B 51 1.64 -5.03 -11.11
CA GLY B 51 1.39 -3.62 -11.39
C GLY B 51 0.34 -3.02 -10.47
N THR B 52 -0.27 -3.83 -9.60
CA THR B 52 -1.29 -3.40 -8.68
C THR B 52 -1.07 -4.02 -7.32
N GLY B 53 -1.80 -3.51 -6.32
CA GLY B 53 -1.67 -3.98 -4.95
C GLY B 53 -2.67 -3.27 -4.05
N VAL B 54 -2.49 -3.41 -2.75
CA VAL B 54 -3.34 -2.78 -1.75
C VAL B 54 -2.52 -2.29 -0.57
N VAL B 55 -3.11 -1.37 0.20
CA VAL B 55 -2.50 -0.80 1.40
C VAL B 55 -3.62 -0.33 2.32
N GLU B 56 -3.34 -0.16 3.61
CA GLU B 56 -4.36 0.28 4.55
C GLU B 56 -3.75 0.92 5.80
N PHE B 57 -4.51 1.81 6.44
CA PHE B 57 -4.03 2.65 7.52
C PHE B 57 -4.82 2.47 8.80
N VAL B 58 -4.22 2.94 9.88
CA VAL B 58 -4.76 2.84 11.22
C VAL B 58 -6.02 3.69 11.41
N ARG B 59 -6.35 4.53 10.42
CA ARG B 59 -7.54 5.38 10.47
C ARG B 59 -8.02 5.68 9.05
N LYS B 60 -9.31 5.96 8.88
CA LYS B 60 -9.90 6.22 7.57
C LYS B 60 -9.41 7.53 6.95
N GLU B 61 -8.98 8.50 7.79
CA GLU B 61 -8.56 9.80 7.28
C GLU B 61 -7.11 9.77 6.80
N ASP B 62 -6.28 8.94 7.44
CA ASP B 62 -4.87 8.81 7.11
C ASP B 62 -4.71 8.12 5.75
N MET B 63 -5.83 7.72 5.15
CA MET B 63 -5.88 6.92 3.95
C MET B 63 -6.45 7.73 2.78
N THR B 64 -7.55 8.45 3.00
CA THR B 64 -8.08 9.35 2.00
C THR B 64 -7.05 10.45 1.75
N TYR B 65 -6.13 10.67 2.69
CA TYR B 65 -5.04 11.60 2.50
C TYR B 65 -4.05 11.03 1.47
N ALA B 66 -3.91 9.70 1.43
CA ALA B 66 -3.01 9.08 0.49
C ALA B 66 -3.55 9.17 -0.93
N VAL B 67 -4.87 9.11 -1.10
CA VAL B 67 -5.46 9.18 -2.42
C VAL B 67 -5.42 10.60 -3.00
N ARG B 68 -4.77 11.55 -2.32
CA ARG B 68 -4.79 12.96 -2.74
C ARG B 68 -3.41 13.60 -2.71
N LYS B 69 -2.46 13.01 -1.99
CA LYS B 69 -1.06 13.47 -2.02
C LYS B 69 -0.09 12.37 -2.40
N LEU B 70 -0.51 11.11 -2.26
CA LEU B 70 0.34 9.95 -2.53
C LEU B 70 -0.24 9.17 -3.71
N ASP B 71 -1.34 9.68 -4.29
CA ASP B 71 -1.96 9.17 -5.50
C ASP B 71 -1.57 10.08 -6.66
N ASN B 72 -1.22 9.46 -7.79
CA ASN B 72 -0.80 10.16 -9.00
C ASN B 72 0.51 10.91 -8.76
N THR B 73 1.33 10.42 -7.84
CA THR B 73 2.64 10.99 -7.53
C THR B 73 3.68 9.88 -7.34
N LYS B 74 4.93 10.29 -7.05
CA LYS B 74 6.07 9.39 -6.93
C LYS B 74 5.88 8.28 -5.90
N PHE B 75 6.51 7.15 -6.18
CA PHE B 75 6.70 6.02 -5.29
C PHE B 75 8.05 5.37 -5.63
N ARG B 76 8.61 4.62 -4.67
CA ARG B 76 9.98 4.12 -4.78
C ARG B 76 10.06 2.76 -4.08
N SER B 77 11.01 1.92 -4.51
CA SER B 77 11.11 0.55 -4.00
C SER B 77 12.55 0.16 -3.67
N HIS B 78 12.70 -1.00 -3.03
CA HIS B 78 13.97 -1.53 -2.55
C HIS B 78 15.02 -1.70 -3.66
N GLU B 79 14.59 -1.75 -4.91
CA GLU B 79 15.50 -1.94 -6.04
C GLU B 79 16.23 -0.65 -6.38
N GLY B 80 15.79 0.47 -5.79
CA GLY B 80 16.42 1.77 -5.95
C GLY B 80 15.71 2.63 -6.99
N GLU B 81 14.98 1.99 -7.91
CA GLU B 81 14.21 2.70 -8.93
C GLU B 81 12.96 3.32 -8.34
N THR B 82 12.30 4.14 -9.15
CA THR B 82 11.08 4.86 -8.75
C THR B 82 10.03 4.78 -9.86
N ALA B 83 8.81 5.19 -9.54
CA ALA B 83 7.69 5.19 -10.45
C ALA B 83 6.59 6.08 -9.89
N TYR B 84 5.39 6.00 -10.47
CA TYR B 84 4.21 6.68 -9.95
C TYR B 84 3.20 5.62 -9.49
N ILE B 85 2.34 6.01 -8.56
CA ILE B 85 1.26 5.14 -8.14
C ILE B 85 -0.05 5.91 -8.05
N ARG B 86 -1.14 5.19 -8.31
CA ARG B 86 -2.50 5.69 -8.24
C ARG B 86 -3.20 4.98 -7.09
N VAL B 87 -3.03 5.50 -5.87
CA VAL B 87 -3.64 4.97 -4.66
C VAL B 87 -5.16 5.18 -4.67
N LYS B 88 -5.89 4.23 -5.26
CA LYS B 88 -7.34 4.29 -5.37
C LYS B 88 -8.00 3.95 -4.02
N VAL B 89 -9.26 4.36 -3.88
CA VAL B 89 -10.10 4.30 -2.70
C VAL B 89 -10.36 2.93 -2.08
N ASP B 90 -10.31 1.86 -2.87
CA ASP B 90 -10.69 0.48 -2.54
C ASP B 90 -12.10 0.20 -3.05
N GLY B 91 -12.20 -0.86 -3.83
CA GLY B 91 -13.49 -1.37 -4.28
C GLY B 91 -13.32 -2.61 -5.15
N MET B 1 10.04 -22.19 -0.92
CA MET B 1 8.64 -22.64 -1.01
C MET B 1 8.44 -23.95 -0.26
N ALA B 2 7.34 -24.04 0.50
CA ALA B 2 6.98 -25.24 1.23
C ALA B 2 5.47 -25.31 1.41
N PRO B 3 4.90 -26.51 1.56
CA PRO B 3 3.47 -26.73 1.71
C PRO B 3 2.95 -26.36 3.10
N ARG B 4 3.79 -25.74 3.94
CA ARG B 4 3.43 -25.40 5.33
C ARG B 4 2.25 -24.42 5.41
N GLY B 5 1.84 -23.81 4.30
CA GLY B 5 0.71 -22.89 4.28
C GLY B 5 0.98 -21.64 5.13
N ARG B 6 -0.10 -20.94 5.49
CA ARG B 6 -0.03 -19.75 6.34
C ARG B 6 -1.10 -19.79 7.43
N TYR B 7 -2.04 -20.74 7.34
CA TYR B 7 -3.16 -20.92 8.27
C TYR B 7 -3.95 -19.63 8.54
N GLY B 8 -3.74 -18.59 7.73
CA GLY B 8 -4.40 -17.31 7.91
C GLY B 8 -3.63 -16.17 7.23
N PRO B 9 -3.55 -16.18 5.89
CA PRO B 9 -2.80 -15.20 5.13
C PRO B 9 -3.05 -13.73 5.52
N PRO B 10 -4.29 -13.32 5.81
CA PRO B 10 -4.60 -11.96 6.24
C PRO B 10 -3.76 -11.53 7.44
N SER B 11 -3.43 -10.23 7.51
CA SER B 11 -2.64 -9.66 8.58
C SER B 11 -2.91 -8.17 8.68
N ARG B 12 -2.44 -7.54 9.77
CA ARG B 12 -2.44 -6.08 9.92
C ARG B 12 -3.80 -5.44 9.59
N ARG B 13 -4.89 -6.21 9.76
CA ARG B 13 -6.24 -5.79 9.38
C ARG B 13 -6.65 -4.44 9.96
N SER B 14 -7.61 -3.78 9.28
CA SER B 14 -8.12 -2.47 9.69
C SER B 14 -9.53 -2.23 9.15
N GLU B 15 -9.77 -1.02 8.64
CA GLU B 15 -11.09 -0.50 8.33
C GLU B 15 -11.18 0.28 7.01
N ASN B 16 -10.06 0.86 6.59
CA ASN B 16 -10.01 1.80 5.47
C ASN B 16 -8.89 1.44 4.49
N ARG B 17 -9.20 0.46 3.63
CA ARG B 17 -8.34 -0.02 2.55
C ARG B 17 -8.32 0.89 1.30
N VAL B 18 -7.19 0.93 0.61
CA VAL B 18 -7.02 1.58 -0.70
C VAL B 18 -6.10 0.74 -1.58
N VAL B 19 -6.47 0.57 -2.86
CA VAL B 19 -5.65 -0.12 -3.85
C VAL B 19 -4.51 0.80 -4.28
N VAL B 20 -3.47 0.21 -4.88
CA VAL B 20 -2.37 0.95 -5.47
C VAL B 20 -2.07 0.35 -6.84
N SER B 21 -2.48 1.06 -7.89
CA SER B 21 -2.24 0.57 -9.25
C SER B 21 -1.22 1.44 -10.00
N GLY B 22 -0.50 0.83 -10.95
CA GLY B 22 0.49 1.53 -11.77
C GLY B 22 1.89 1.23 -11.25
N LEU B 23 1.96 0.28 -10.31
CA LEU B 23 3.14 -0.12 -9.56
C LEU B 23 4.24 -0.64 -10.49
N PRO B 24 5.51 -0.42 -10.15
CA PRO B 24 6.65 -0.96 -10.89
C PRO B 24 6.80 -2.45 -10.59
N PRO B 25 7.59 -3.18 -11.39
CA PRO B 25 7.80 -4.61 -11.22
C PRO B 25 8.58 -4.91 -9.94
N SER B 26 9.33 -3.93 -9.42
CA SER B 26 10.02 -4.05 -8.16
C SER B 26 9.08 -3.98 -6.98
N GLY B 27 7.85 -3.52 -7.19
CA GLY B 27 6.92 -3.28 -6.09
C GLY B 27 6.71 -4.51 -5.21
N SER B 28 6.47 -4.27 -3.93
CA SER B 28 6.23 -5.31 -2.95
C SER B 28 5.42 -4.75 -1.79
N TRP B 29 4.85 -5.61 -0.94
CA TRP B 29 4.01 -5.15 0.14
C TRP B 29 4.81 -4.46 1.24
N GLN B 30 6.10 -4.83 1.42
CA GLN B 30 6.89 -4.24 2.50
C GLN B 30 7.09 -2.75 2.29
N ASP B 31 7.16 -2.30 1.04
CA ASP B 31 7.42 -0.90 0.75
C ASP B 31 6.15 -0.06 0.83
N LEU B 32 4.97 -0.69 0.71
CA LEU B 32 3.72 0.07 0.71
C LEU B 32 3.37 0.54 2.11
N LYS B 33 3.98 -0.05 3.14
CA LYS B 33 3.78 0.43 4.50
C LYS B 33 4.83 1.50 4.79
N ASP B 34 6.07 1.22 4.40
CA ASP B 34 7.22 2.08 4.64
C ASP B 34 7.18 3.38 3.84
N HIS B 35 6.30 3.52 2.86
CA HIS B 35 6.30 4.70 2.00
C HIS B 35 4.97 5.44 2.08
N MET B 36 3.87 4.72 2.32
CA MET B 36 2.59 5.35 2.50
C MET B 36 2.47 5.96 3.90
N ARG B 37 3.37 5.59 4.83
CA ARG B 37 3.50 6.24 6.14
C ARG B 37 3.44 7.77 6.10
N GLU B 38 3.71 8.37 4.93
CA GLU B 38 3.66 9.81 4.73
C GLU B 38 2.24 10.34 4.85
N ALA B 39 1.29 9.61 4.27
CA ALA B 39 -0.11 9.98 4.30
C ALA B 39 -0.66 9.91 5.71
N GLY B 40 -0.06 9.03 6.51
CA GLY B 40 -0.50 8.75 7.86
C GLY B 40 0.00 7.35 8.22
N ASP B 41 -0.34 6.91 9.43
CA ASP B 41 0.13 5.63 9.92
C ASP B 41 -0.54 4.49 9.17
N VAL B 42 0.27 3.62 8.58
CA VAL B 42 -0.21 2.45 7.86
C VAL B 42 0.39 1.20 8.50
N CYS B 43 -0.31 0.08 8.35
CA CYS B 43 0.07 -1.16 9.00
C CYS B 43 0.00 -2.33 8.04
N TYR B 44 -0.83 -2.26 6.99
CA TYR B 44 -0.98 -3.39 6.06
C TYR B 44 -0.76 -2.97 4.64
N ALA B 45 -0.35 -3.95 3.84
CA ALA B 45 -0.26 -3.81 2.41
C ALA B 45 -0.34 -5.19 1.80
N ASP B 46 -0.54 -5.27 0.49
CA ASP B 46 -0.36 -6.53 -0.22
C ASP B 46 0.03 -6.19 -1.65
N VAL B 47 0.62 -7.14 -2.36
CA VAL B 47 1.10 -6.89 -3.70
C VAL B 47 0.71 -8.05 -4.61
N TYR B 48 0.43 -7.74 -5.87
CA TYR B 48 -0.01 -8.73 -6.83
C TYR B 48 1.05 -9.03 -7.89
N ARG B 49 2.25 -8.46 -7.71
CA ARG B 49 3.42 -8.78 -8.52
C ARG B 49 3.23 -8.45 -10.00
N ASP B 50 2.22 -7.62 -10.33
CA ASP B 50 1.87 -7.39 -11.73
C ASP B 50 1.54 -5.92 -12.06
N GLY B 51 1.80 -4.99 -11.14
CA GLY B 51 1.52 -3.57 -11.38
C GLY B 51 0.37 -3.06 -10.53
N THR B 52 -0.13 -3.90 -9.62
CA THR B 52 -1.23 -3.56 -8.74
C THR B 52 -0.99 -4.17 -7.37
N GLY B 53 -1.62 -3.58 -6.35
CA GLY B 53 -1.51 -4.02 -4.98
C GLY B 53 -2.49 -3.26 -4.11
N VAL B 54 -2.31 -3.35 -2.79
CA VAL B 54 -3.17 -2.65 -1.85
C VAL B 54 -2.39 -2.19 -0.62
N VAL B 55 -2.98 -1.25 0.12
CA VAL B 55 -2.44 -0.72 1.37
C VAL B 55 -3.60 -0.27 2.25
N GLU B 56 -3.38 -0.18 3.55
CA GLU B 56 -4.46 0.14 4.47
C GLU B 56 -3.92 0.77 5.76
N PHE B 57 -4.65 1.77 6.27
CA PHE B 57 -4.18 2.59 7.38
C PHE B 57 -4.96 2.35 8.67
N VAL B 58 -4.41 2.88 9.75
CA VAL B 58 -4.96 2.77 11.09
C VAL B 58 -6.16 3.69 11.29
N ARG B 59 -6.41 4.62 10.37
CA ARG B 59 -7.51 5.58 10.46
C ARG B 59 -7.98 5.96 9.06
N LYS B 60 -9.29 6.13 8.89
CA LYS B 60 -9.87 6.37 7.58
C LYS B 60 -9.44 7.70 6.97
N GLU B 61 -9.08 8.68 7.80
CA GLU B 61 -8.66 9.98 7.28
C GLU B 61 -7.27 9.89 6.65
N ASP B 62 -6.43 9.00 7.16
CA ASP B 62 -5.07 8.86 6.68
C ASP B 62 -5.06 8.15 5.32
N MET B 63 -6.16 7.44 5.02
CA MET B 63 -6.29 6.68 3.80
C MET B 63 -6.68 7.60 2.64
N THR B 64 -7.78 8.34 2.80
CA THR B 64 -8.22 9.30 1.79
C THR B 64 -7.18 10.40 1.65
N TYR B 65 -6.30 10.56 2.64
CA TYR B 65 -5.20 11.52 2.52
C TYR B 65 -4.16 10.98 1.55
N ALA B 66 -3.99 9.65 1.49
CA ALA B 66 -3.01 9.06 0.61
C ALA B 66 -3.46 9.16 -0.85
N VAL B 67 -4.77 9.07 -1.09
CA VAL B 67 -5.30 9.15 -2.44
C VAL B 67 -5.28 10.58 -2.99
N ARG B 68 -4.74 11.56 -2.24
CA ARG B 68 -4.83 12.96 -2.62
C ARG B 68 -3.48 13.69 -2.51
N LYS B 69 -2.52 13.11 -1.79
CA LYS B 69 -1.16 13.61 -1.76
C LYS B 69 -0.13 12.56 -2.16
N LEU B 70 -0.50 11.28 -2.04
CA LEU B 70 0.42 10.19 -2.31
C LEU B 70 -0.05 9.42 -3.54
N ASP B 71 -1.16 9.87 -4.14
CA ASP B 71 -1.62 9.42 -5.43
C ASP B 71 -0.79 10.12 -6.52
N ASN B 72 -0.55 9.44 -7.64
CA ASN B 72 0.15 10.01 -8.79
C ASN B 72 1.50 10.64 -8.42
N THR B 73 2.23 10.03 -7.48
CA THR B 73 3.59 10.46 -7.14
C THR B 73 4.53 9.28 -7.08
N LYS B 74 5.84 9.57 -7.03
CA LYS B 74 6.88 8.57 -7.09
C LYS B 74 6.84 7.59 -5.92
N PHE B 75 7.13 6.33 -6.25
CA PHE B 75 7.38 5.25 -5.30
C PHE B 75 8.19 4.13 -5.95
N ARG B 76 9.05 3.46 -5.16
CA ARG B 76 9.71 2.19 -5.44
C ARG B 76 10.83 1.99 -4.41
N SER B 77 11.79 2.91 -4.45
CA SER B 77 12.84 3.12 -3.45
C SER B 77 13.59 1.88 -2.94
N HIS B 78 13.66 0.76 -3.68
CA HIS B 78 14.48 -0.35 -3.20
C HIS B 78 15.23 -1.11 -4.31
N GLU B 79 15.12 -0.68 -5.57
CA GLU B 79 15.81 -1.39 -6.65
C GLU B 79 16.65 -0.45 -7.52
N GLY B 80 16.44 0.86 -7.44
CA GLY B 80 17.33 1.83 -8.08
C GLY B 80 16.65 3.11 -8.53
N GLU B 81 15.31 3.15 -8.53
CA GLU B 81 14.56 4.29 -9.02
C GLU B 81 13.17 4.31 -8.39
N THR B 82 12.20 4.97 -9.02
CA THR B 82 10.79 5.00 -8.62
C THR B 82 9.88 5.20 -9.83
N ALA B 83 8.60 5.00 -9.61
CA ALA B 83 7.54 5.07 -10.61
C ALA B 83 6.30 5.63 -9.93
N TYR B 84 5.44 6.31 -10.69
CA TYR B 84 4.22 6.85 -10.14
C TYR B 84 3.28 5.72 -9.72
N ILE B 85 2.54 5.96 -8.63
CA ILE B 85 1.50 5.04 -8.18
C ILE B 85 0.17 5.77 -8.09
N ARG B 86 -0.90 5.12 -8.56
CA ARG B 86 -2.22 5.69 -8.62
C ARG B 86 -3.07 5.07 -7.51
N VAL B 87 -2.89 5.56 -6.28
CA VAL B 87 -3.64 5.06 -5.13
C VAL B 87 -5.12 5.31 -5.36
N LYS B 88 -5.96 4.28 -5.15
CA LYS B 88 -7.41 4.43 -5.28
C LYS B 88 -8.17 3.80 -4.12
N VAL B 89 -9.45 4.15 -3.99
CA VAL B 89 -10.34 3.76 -2.90
C VAL B 89 -10.82 2.31 -2.96
N ASP B 90 -9.84 1.46 -3.18
CA ASP B 90 -9.97 0.00 -3.17
C ASP B 90 -11.06 -0.50 -4.10
N GLY B 91 -11.36 0.31 -5.12
CA GLY B 91 -12.49 0.05 -6.00
C GLY B 91 -12.04 -0.23 -7.42
N MET B 1 -15.12 -26.39 -6.00
CA MET B 1 -14.30 -25.20 -5.70
C MET B 1 -12.90 -25.35 -6.31
N ALA B 2 -12.16 -24.24 -6.40
CA ALA B 2 -10.82 -24.23 -6.94
C ALA B 2 -10.00 -23.09 -6.31
N PRO B 3 -8.67 -23.13 -6.40
CA PRO B 3 -7.78 -22.09 -5.91
C PRO B 3 -8.15 -20.69 -6.41
N ARG B 4 -7.71 -19.68 -5.67
CA ARG B 4 -7.94 -18.26 -5.96
C ARG B 4 -6.71 -17.46 -5.52
N GLY B 5 -6.73 -16.14 -5.73
CA GLY B 5 -5.62 -15.28 -5.36
C GLY B 5 -6.01 -13.80 -5.38
N ARG B 6 -5.05 -12.95 -4.97
CA ARG B 6 -5.12 -11.49 -4.89
C ARG B 6 -5.31 -11.06 -3.44
N TYR B 7 -5.50 -12.03 -2.54
CA TYR B 7 -5.67 -11.79 -1.12
C TYR B 7 -5.28 -13.03 -0.32
N GLY B 8 -5.28 -12.93 1.01
CA GLY B 8 -4.88 -14.02 1.89
C GLY B 8 -5.10 -13.63 3.35
N PRO B 9 -4.63 -14.46 4.29
CA PRO B 9 -4.71 -14.22 5.73
C PRO B 9 -4.24 -12.82 6.13
N PRO B 10 -4.75 -12.28 7.24
CA PRO B 10 -4.41 -10.96 7.74
C PRO B 10 -3.04 -10.96 8.42
N SER B 11 -2.50 -9.76 8.66
CA SER B 11 -1.23 -9.57 9.34
C SER B 11 -1.22 -8.25 10.11
N ARG B 12 -1.73 -7.19 9.47
CA ARG B 12 -1.73 -5.84 10.01
C ARG B 12 -2.93 -5.02 9.53
N ARG B 13 -3.82 -5.60 8.71
CA ARG B 13 -4.93 -4.89 8.08
C ARG B 13 -5.89 -4.27 9.09
N SER B 14 -6.84 -3.46 8.59
CA SER B 14 -7.70 -2.62 9.41
C SER B 14 -9.17 -2.69 9.02
N GLU B 15 -9.66 -1.65 8.35
CA GLU B 15 -11.09 -1.42 8.16
C GLU B 15 -11.49 -0.67 6.89
N ASN B 16 -10.58 0.12 6.32
CA ASN B 16 -10.94 1.08 5.29
C ASN B 16 -10.36 0.83 3.89
N ARG B 17 -9.14 0.29 3.78
CA ARG B 17 -8.38 0.02 2.55
C ARG B 17 -8.43 1.08 1.41
N VAL B 18 -7.40 1.04 0.56
CA VAL B 18 -7.23 1.79 -0.68
C VAL B 18 -6.32 0.99 -1.61
N VAL B 19 -6.55 1.07 -2.93
CA VAL B 19 -5.73 0.33 -3.89
C VAL B 19 -4.50 1.19 -4.24
N VAL B 20 -3.53 0.57 -4.92
CA VAL B 20 -2.41 1.27 -5.51
C VAL B 20 -2.18 0.68 -6.89
N SER B 21 -2.07 1.54 -7.92
CA SER B 21 -1.81 1.05 -9.27
C SER B 21 -0.80 1.90 -10.01
N GLY B 22 -0.11 1.29 -10.98
CA GLY B 22 0.93 1.94 -11.77
C GLY B 22 2.30 1.54 -11.22
N LEU B 23 2.25 0.62 -10.26
CA LEU B 23 3.35 0.11 -9.46
C LEU B 23 4.39 -0.61 -10.32
N PRO B 24 5.69 -0.42 -10.06
CA PRO B 24 6.76 -1.10 -10.77
C PRO B 24 6.94 -2.51 -10.20
N PRO B 25 7.49 -3.45 -10.97
CA PRO B 25 7.83 -4.79 -10.51
C PRO B 25 8.77 -4.74 -9.30
N SER B 26 9.49 -3.63 -9.13
CA SER B 26 10.42 -3.38 -8.05
C SER B 26 9.72 -3.12 -6.71
N GLY B 27 8.40 -3.29 -6.64
CA GLY B 27 7.67 -3.02 -5.41
C GLY B 27 7.20 -4.31 -4.75
N SER B 28 6.85 -4.22 -3.47
CA SER B 28 6.39 -5.35 -2.66
C SER B 28 5.56 -4.81 -1.50
N TRP B 29 4.91 -5.68 -0.71
CA TRP B 29 4.10 -5.24 0.40
C TRP B 29 4.97 -4.54 1.46
N GLN B 30 6.24 -4.95 1.60
CA GLN B 30 7.15 -4.34 2.57
C GLN B 30 7.46 -2.89 2.20
N ASP B 31 7.32 -2.52 0.93
CA ASP B 31 7.71 -1.19 0.49
C ASP B 31 6.54 -0.22 0.49
N LEU B 32 5.31 -0.74 0.38
CA LEU B 32 4.13 0.11 0.32
C LEU B 32 3.85 0.75 1.69
N LYS B 33 4.33 0.11 2.77
CA LYS B 33 4.15 0.68 4.10
C LYS B 33 5.22 1.76 4.33
N ASP B 34 6.44 1.49 3.85
CA ASP B 34 7.61 2.33 4.03
C ASP B 34 7.55 3.65 3.27
N HIS B 35 6.47 3.92 2.53
CA HIS B 35 6.38 5.14 1.75
C HIS B 35 5.02 5.80 1.91
N MET B 36 3.94 5.02 1.98
CA MET B 36 2.63 5.59 2.28
C MET B 36 2.61 6.09 3.72
N ARG B 37 3.62 5.74 4.53
CA ARG B 37 3.86 6.30 5.86
C ARG B 37 3.72 7.84 5.87
N GLU B 38 3.92 8.49 4.73
CA GLU B 38 3.75 9.94 4.61
C GLU B 38 2.30 10.34 4.82
N ALA B 39 1.38 9.56 4.26
CA ALA B 39 -0.05 9.80 4.33
C ALA B 39 -0.58 9.62 5.74
N GLY B 40 0.04 8.72 6.48
CA GLY B 40 -0.41 8.34 7.80
C GLY B 40 0.25 7.05 8.24
N ASP B 41 -0.22 6.51 9.37
CA ASP B 41 0.33 5.28 9.93
C ASP B 41 -0.25 4.07 9.23
N VAL B 42 0.27 3.82 8.03
CA VAL B 42 -0.04 2.62 7.28
C VAL B 42 0.52 1.43 8.06
N CYS B 43 -0.21 0.33 8.04
CA CYS B 43 0.17 -0.87 8.78
C CYS B 43 0.21 -2.08 7.85
N TYR B 44 -0.59 -2.10 6.78
CA TYR B 44 -0.67 -3.29 5.94
C TYR B 44 -0.65 -2.91 4.48
N ALA B 45 -0.26 -3.88 3.66
CA ALA B 45 -0.28 -3.72 2.23
C ALA B 45 -0.42 -5.12 1.64
N ASP B 46 -0.71 -5.24 0.35
CA ASP B 46 -0.60 -6.51 -0.32
C ASP B 46 -0.20 -6.23 -1.75
N VAL B 47 0.57 -7.12 -2.35
CA VAL B 47 1.13 -6.85 -3.65
C VAL B 47 0.83 -7.97 -4.62
N TYR B 48 0.56 -7.58 -5.87
CA TYR B 48 0.23 -8.51 -6.94
C TYR B 48 1.42 -8.65 -7.90
N ARG B 49 2.57 -8.12 -7.50
CA ARG B 49 3.85 -8.15 -8.21
C ARG B 49 3.76 -7.90 -9.71
N ASP B 50 2.71 -7.21 -10.16
CA ASP B 50 2.47 -7.11 -11.59
C ASP B 50 1.91 -5.76 -12.04
N GLY B 51 1.81 -4.79 -11.11
CA GLY B 51 1.40 -3.43 -11.47
C GLY B 51 0.39 -2.83 -10.50
N THR B 52 -0.15 -3.65 -9.59
CA THR B 52 -1.19 -3.22 -8.67
C THR B 52 -1.00 -3.88 -7.32
N GLY B 53 -1.73 -3.36 -6.33
CA GLY B 53 -1.70 -3.86 -4.96
C GLY B 53 -2.68 -3.09 -4.09
N VAL B 54 -2.61 -3.30 -2.78
CA VAL B 54 -3.44 -2.58 -1.81
C VAL B 54 -2.58 -2.11 -0.64
N VAL B 55 -3.07 -1.11 0.08
CA VAL B 55 -2.42 -0.57 1.27
C VAL B 55 -3.49 -0.07 2.23
N GLU B 56 -3.17 0.02 3.52
CA GLU B 56 -4.16 0.39 4.52
C GLU B 56 -3.50 0.98 5.77
N PHE B 57 -4.27 1.77 6.51
CA PHE B 57 -3.79 2.54 7.66
C PHE B 57 -4.68 2.33 8.86
N VAL B 58 -4.19 2.81 9.99
CA VAL B 58 -4.84 2.71 11.28
C VAL B 58 -6.15 3.51 11.33
N ARG B 59 -6.39 4.40 10.35
CA ARG B 59 -7.59 5.22 10.28
C ARG B 59 -8.06 5.33 8.82
N LYS B 60 -9.36 5.61 8.63
CA LYS B 60 -9.99 5.72 7.32
C LYS B 60 -9.71 7.09 6.67
N GLU B 61 -9.51 8.14 7.46
CA GLU B 61 -9.30 9.48 6.93
C GLU B 61 -7.85 9.73 6.53
N ASP B 62 -6.90 9.09 7.24
CA ASP B 62 -5.49 9.22 6.95
C ASP B 62 -5.11 8.36 5.74
N MET B 63 -6.13 7.79 5.08
CA MET B 63 -5.99 6.89 3.97
C MET B 63 -6.60 7.54 2.71
N THR B 64 -7.77 8.14 2.83
CA THR B 64 -8.30 8.94 1.74
C THR B 64 -7.34 10.10 1.49
N TYR B 65 -6.56 10.47 2.52
CA TYR B 65 -5.53 11.47 2.39
C TYR B 65 -4.43 10.98 1.45
N ALA B 66 -4.21 9.66 1.39
CA ALA B 66 -3.21 9.09 0.51
C ALA B 66 -3.68 9.16 -0.94
N VAL B 67 -4.99 8.95 -1.18
CA VAL B 67 -5.56 9.06 -2.52
C VAL B 67 -5.88 10.52 -2.89
N ARG B 68 -5.14 11.48 -2.32
CA ARG B 68 -5.24 12.87 -2.73
C ARG B 68 -3.92 13.63 -2.62
N LYS B 69 -3.01 13.20 -1.74
CA LYS B 69 -1.70 13.81 -1.62
C LYS B 69 -0.59 12.91 -2.15
N LEU B 70 -0.82 11.59 -2.11
CA LEU B 70 0.19 10.59 -2.45
C LEU B 70 -0.23 9.81 -3.70
N ASP B 71 -1.38 10.17 -4.27
CA ASP B 71 -1.84 9.67 -5.56
C ASP B 71 -1.20 10.49 -6.68
N ASN B 72 -0.89 9.83 -7.81
CA ASN B 72 -0.33 10.47 -8.99
C ASN B 72 1.03 11.13 -8.70
N THR B 73 1.73 10.60 -7.70
CA THR B 73 3.08 11.02 -7.31
C THR B 73 3.91 9.79 -7.07
N LYS B 74 5.22 10.03 -7.07
CA LYS B 74 6.17 8.96 -7.10
C LYS B 74 6.22 8.11 -5.86
N PHE B 75 6.74 6.91 -6.06
CA PHE B 75 7.11 6.06 -4.96
C PHE B 75 8.37 5.29 -5.32
N ARG B 76 9.20 4.99 -4.32
CA ARG B 76 10.51 4.39 -4.51
C ARG B 76 10.63 3.20 -3.55
N SER B 77 11.17 2.10 -4.06
CA SER B 77 11.20 0.84 -3.33
C SER B 77 12.49 0.08 -3.63
N HIS B 78 12.55 -1.18 -3.19
CA HIS B 78 13.68 -2.06 -3.42
C HIS B 78 13.95 -2.28 -4.92
N GLU B 79 14.92 -3.14 -5.24
CA GLU B 79 15.44 -3.41 -6.57
C GLU B 79 16.16 -2.19 -7.19
N GLY B 80 15.84 -0.97 -6.73
CA GLY B 80 16.60 0.22 -7.10
C GLY B 80 15.80 1.17 -8.01
N GLU B 81 14.47 1.16 -7.92
CA GLU B 81 13.65 1.92 -8.87
C GLU B 81 12.51 2.68 -8.19
N THR B 82 11.77 3.41 -9.03
CA THR B 82 10.66 4.25 -8.61
C THR B 82 9.76 4.59 -9.80
N ALA B 83 8.50 4.90 -9.50
CA ALA B 83 7.49 5.27 -10.48
C ALA B 83 6.31 5.92 -9.75
N TYR B 84 5.49 6.67 -10.49
CA TYR B 84 4.28 7.25 -9.93
C TYR B 84 3.30 6.15 -9.55
N ILE B 85 2.45 6.40 -8.55
CA ILE B 85 1.43 5.47 -8.12
C ILE B 85 0.10 6.18 -8.01
N ARG B 86 -0.95 5.57 -8.57
CA ARG B 86 -2.30 6.09 -8.45
C ARG B 86 -3.04 5.34 -7.35
N VAL B 87 -3.04 5.94 -6.17
CA VAL B 87 -3.74 5.37 -5.02
C VAL B 87 -5.24 5.48 -5.28
N LYS B 88 -5.94 4.36 -5.40
CA LYS B 88 -7.39 4.39 -5.51
C LYS B 88 -8.02 4.30 -4.12
N VAL B 89 -9.34 4.48 -4.05
CA VAL B 89 -10.13 4.43 -2.84
C VAL B 89 -10.21 3.05 -2.20
N ASP B 90 -10.10 1.98 -3.00
CA ASP B 90 -10.28 0.57 -2.65
C ASP B 90 -10.99 -0.15 -3.79
N GLY B 91 -10.93 -1.49 -3.78
CA GLY B 91 -11.63 -2.30 -4.75
C GLY B 91 -11.35 -3.79 -4.53
N MET B 1 1.21 -33.78 17.08
CA MET B 1 0.90 -33.60 15.65
C MET B 1 1.30 -32.21 15.19
N ALA B 2 1.99 -32.13 14.05
CA ALA B 2 2.44 -30.87 13.48
C ALA B 2 2.57 -30.94 11.95
N PRO B 3 1.57 -31.49 11.24
CA PRO B 3 1.62 -31.65 9.80
C PRO B 3 1.48 -30.31 9.06
N ARG B 4 1.19 -29.23 9.78
CA ARG B 4 1.05 -27.89 9.22
C ARG B 4 1.57 -26.84 10.19
N GLY B 5 1.73 -25.61 9.71
CA GLY B 5 2.25 -24.51 10.51
C GLY B 5 2.39 -23.24 9.65
N ARG B 6 1.43 -23.00 8.76
CA ARG B 6 1.52 -21.96 7.76
C ARG B 6 0.21 -21.16 7.63
N TYR B 7 -0.68 -21.28 8.62
CA TYR B 7 -1.94 -20.56 8.61
C TYR B 7 -2.27 -20.03 10.01
N GLY B 8 -3.14 -19.03 10.07
CA GLY B 8 -3.53 -18.38 11.30
C GLY B 8 -4.22 -17.05 11.00
N PRO B 9 -4.48 -16.24 12.04
CA PRO B 9 -5.04 -14.89 11.90
C PRO B 9 -4.27 -14.05 10.88
N PRO B 10 -4.91 -12.98 10.37
CA PRO B 10 -4.29 -12.05 9.44
C PRO B 10 -2.93 -11.51 9.90
N SER B 11 -2.18 -10.91 8.98
CA SER B 11 -0.87 -10.35 9.28
C SER B 11 -0.98 -9.05 10.04
N ARG B 12 -2.05 -8.31 9.74
CA ARG B 12 -2.25 -6.93 10.17
C ARG B 12 -3.67 -6.48 9.86
N ARG B 13 -4.27 -7.05 8.79
CA ARG B 13 -5.62 -6.78 8.29
C ARG B 13 -5.91 -5.29 8.06
N SER B 14 -7.16 -4.93 7.75
CA SER B 14 -7.51 -3.54 7.45
C SER B 14 -8.93 -3.15 7.79
N GLU B 15 -9.22 -1.88 7.48
CA GLU B 15 -10.49 -1.20 7.70
C GLU B 15 -10.81 -0.14 6.65
N ASN B 16 -9.77 0.47 6.07
CA ASN B 16 -9.78 1.60 5.17
C ASN B 16 -8.72 1.35 4.11
N ARG B 17 -9.04 0.49 3.14
CA ARG B 17 -8.11 0.13 2.07
C ARG B 17 -8.20 1.05 0.86
N VAL B 18 -7.07 1.18 0.18
CA VAL B 18 -6.90 1.92 -1.07
C VAL B 18 -5.99 1.09 -1.98
N VAL B 19 -6.43 0.84 -3.21
CA VAL B 19 -5.59 0.14 -4.19
C VAL B 19 -4.44 1.04 -4.58
N VAL B 20 -3.36 0.44 -5.07
CA VAL B 20 -2.23 1.16 -5.61
C VAL B 20 -1.88 0.52 -6.95
N SER B 21 -2.04 1.28 -8.03
CA SER B 21 -1.81 0.76 -9.37
C SER B 21 -0.88 1.65 -10.19
N GLY B 22 -0.07 1.02 -11.05
CA GLY B 22 0.92 1.69 -11.86
C GLY B 22 2.31 1.39 -11.29
N LEU B 23 2.28 0.64 -10.18
CA LEU B 23 3.40 0.19 -9.38
C LEU B 23 4.43 -0.54 -10.25
N PRO B 24 5.73 -0.40 -9.95
CA PRO B 24 6.78 -1.11 -10.67
C PRO B 24 6.84 -2.56 -10.20
N PRO B 25 7.45 -3.45 -10.98
CA PRO B 25 7.60 -4.85 -10.61
C PRO B 25 8.60 -4.99 -9.45
N SER B 26 9.32 -3.90 -9.15
CA SER B 26 10.27 -3.83 -8.05
C SER B 26 9.60 -3.63 -6.71
N GLY B 27 8.29 -3.38 -6.70
CA GLY B 27 7.57 -3.09 -5.46
C GLY B 27 7.16 -4.36 -4.72
N SER B 28 6.78 -4.20 -3.46
CA SER B 28 6.33 -5.27 -2.60
C SER B 28 5.50 -4.67 -1.47
N TRP B 29 4.79 -5.49 -0.69
CA TRP B 29 3.94 -4.97 0.37
C TRP B 29 4.74 -4.23 1.43
N GLN B 30 6.02 -4.60 1.63
CA GLN B 30 6.83 -3.96 2.66
C GLN B 30 7.12 -2.51 2.30
N ASP B 31 7.52 -2.24 1.05
CA ASP B 31 7.83 -0.88 0.63
C ASP B 31 6.55 -0.07 0.55
N LEU B 32 5.41 -0.75 0.35
CA LEU B 32 4.13 -0.08 0.25
C LEU B 32 3.65 0.42 1.63
N LYS B 33 4.17 -0.15 2.72
CA LYS B 33 3.82 0.35 4.04
C LYS B 33 4.74 1.52 4.41
N ASP B 34 6.00 1.45 3.98
CA ASP B 34 6.99 2.45 4.33
C ASP B 34 6.78 3.77 3.60
N HIS B 35 6.41 3.73 2.32
CA HIS B 35 6.26 4.96 1.56
C HIS B 35 4.92 5.60 1.84
N MET B 36 3.86 4.81 2.03
CA MET B 36 2.54 5.34 2.27
C MET B 36 2.43 5.90 3.69
N ARG B 37 3.31 5.51 4.62
CA ARG B 37 3.38 6.09 5.95
C ARG B 37 3.47 7.63 5.91
N GLU B 38 3.84 8.20 4.77
CA GLU B 38 3.85 9.65 4.57
C GLU B 38 2.44 10.23 4.73
N ALA B 39 1.44 9.50 4.24
CA ALA B 39 0.05 9.93 4.27
C ALA B 39 -0.48 9.98 5.70
N GLY B 40 0.20 9.30 6.62
CA GLY B 40 -0.24 9.27 8.00
C GLY B 40 0.52 8.22 8.79
N ASP B 41 -0.07 7.02 8.91
CA ASP B 41 0.57 5.85 9.43
C ASP B 41 -0.18 4.64 8.91
N VAL B 42 0.56 3.64 8.41
CA VAL B 42 -0.05 2.48 7.78
C VAL B 42 0.33 1.21 8.52
N CYS B 43 -0.55 0.21 8.44
CA CYS B 43 -0.39 -1.03 9.16
C CYS B 43 -0.49 -2.24 8.23
N TYR B 44 -1.10 -2.13 7.05
CA TYR B 44 -1.13 -3.30 6.17
C TYR B 44 -1.02 -2.92 4.71
N ALA B 45 -0.56 -3.90 3.92
CA ALA B 45 -0.55 -3.75 2.48
C ALA B 45 -0.64 -5.12 1.85
N ASP B 46 -0.85 -5.18 0.55
CA ASP B 46 -0.69 -6.44 -0.16
C ASP B 46 -0.22 -6.11 -1.57
N VAL B 47 0.49 -7.03 -2.21
CA VAL B 47 1.02 -6.78 -3.52
C VAL B 47 0.70 -7.96 -4.44
N TYR B 48 0.37 -7.62 -5.68
CA TYR B 48 -0.06 -8.62 -6.65
C TYR B 48 1.04 -8.92 -7.66
N ARG B 49 2.23 -8.34 -7.46
CA ARG B 49 3.43 -8.69 -8.23
C ARG B 49 3.28 -8.41 -9.73
N ASP B 50 2.28 -7.61 -10.12
CA ASP B 50 1.97 -7.40 -11.53
C ASP B 50 1.70 -5.92 -11.88
N GLY B 51 1.89 -5.00 -10.93
CA GLY B 51 1.68 -3.58 -11.17
C GLY B 51 0.57 -3.01 -10.29
N THR B 52 0.03 -3.83 -9.40
CA THR B 52 -1.09 -3.44 -8.56
C THR B 52 -0.93 -4.03 -7.15
N GLY B 53 -1.66 -3.46 -6.19
CA GLY B 53 -1.64 -3.90 -4.81
C GLY B 53 -2.62 -3.08 -3.98
N VAL B 54 -2.56 -3.21 -2.64
CA VAL B 54 -3.38 -2.43 -1.74
C VAL B 54 -2.59 -2.02 -0.50
N VAL B 55 -3.12 -1.06 0.25
CA VAL B 55 -2.53 -0.57 1.49
C VAL B 55 -3.63 0.00 2.38
N GLU B 56 -3.40 0.05 3.71
CA GLU B 56 -4.39 0.55 4.64
C GLU B 56 -3.74 1.17 5.88
N PHE B 57 -4.50 2.06 6.53
CA PHE B 57 -3.97 2.91 7.58
C PHE B 57 -4.67 2.73 8.92
N VAL B 58 -3.99 3.24 9.95
CA VAL B 58 -4.42 3.17 11.33
C VAL B 58 -5.72 3.95 11.56
N ARG B 59 -6.11 4.77 10.56
CA ARG B 59 -7.32 5.56 10.60
C ARG B 59 -7.77 5.80 9.16
N LYS B 60 -9.09 5.77 8.91
CA LYS B 60 -9.63 5.91 7.57
C LYS B 60 -9.30 7.28 6.96
N GLU B 61 -9.00 8.29 7.79
CA GLU B 61 -8.73 9.63 7.30
C GLU B 61 -7.33 9.70 6.69
N ASP B 62 -6.40 8.88 7.18
CA ASP B 62 -5.03 8.88 6.69
C ASP B 62 -4.99 8.21 5.32
N MET B 63 -6.02 7.43 5.01
CA MET B 63 -6.17 6.75 3.75
C MET B 63 -6.61 7.71 2.66
N THR B 64 -7.70 8.44 2.92
CA THR B 64 -8.17 9.47 1.98
C THR B 64 -7.11 10.55 1.81
N TYR B 65 -6.17 10.66 2.76
CA TYR B 65 -5.08 11.61 2.62
C TYR B 65 -4.07 11.09 1.59
N ALA B 66 -3.94 9.77 1.48
CA ALA B 66 -3.02 9.19 0.54
C ALA B 66 -3.52 9.35 -0.89
N VAL B 67 -4.85 9.32 -1.08
CA VAL B 67 -5.43 9.46 -2.40
C VAL B 67 -5.35 10.89 -2.94
N ARG B 68 -4.71 11.83 -2.21
CA ARG B 68 -4.72 13.24 -2.56
C ARG B 68 -3.34 13.87 -2.51
N LYS B 69 -2.39 13.25 -1.79
CA LYS B 69 -1.01 13.69 -1.78
C LYS B 69 -0.04 12.59 -2.20
N LEU B 70 -0.48 11.33 -2.11
CA LEU B 70 0.36 10.19 -2.44
C LEU B 70 -0.22 9.45 -3.66
N ASP B 71 -1.30 10.00 -4.22
CA ASP B 71 -1.90 9.54 -5.46
C ASP B 71 -1.45 10.47 -6.59
N ASN B 72 -1.16 9.90 -7.76
CA ASN B 72 -0.74 10.67 -8.92
C ASN B 72 0.62 11.33 -8.67
N THR B 73 1.39 10.72 -7.77
CA THR B 73 2.75 11.11 -7.44
C THR B 73 3.60 9.86 -7.35
N LYS B 74 4.91 10.09 -7.27
CA LYS B 74 5.91 9.06 -7.39
C LYS B 74 5.99 8.19 -6.16
N PHE B 75 6.47 6.97 -6.36
CA PHE B 75 6.82 6.08 -5.28
C PHE B 75 8.12 5.36 -5.57
N ARG B 76 8.71 4.74 -4.54
CA ARG B 76 10.05 4.18 -4.58
C ARG B 76 10.05 2.77 -3.99
N SER B 77 10.99 1.94 -4.45
CA SER B 77 11.07 0.54 -4.02
C SER B 77 12.51 0.15 -3.67
N HIS B 78 12.65 -0.97 -2.97
CA HIS B 78 13.91 -1.49 -2.47
C HIS B 78 14.92 -1.85 -3.58
N GLU B 79 14.47 -1.92 -4.84
CA GLU B 79 15.34 -2.34 -5.94
C GLU B 79 16.19 -1.20 -6.49
N GLY B 80 15.83 0.05 -6.19
CA GLY B 80 16.63 1.20 -6.57
C GLY B 80 16.01 2.06 -7.67
N GLU B 81 14.70 1.95 -7.91
CA GLU B 81 14.02 2.72 -8.94
C GLU B 81 12.66 3.22 -8.48
N THR B 82 12.03 4.09 -9.27
CA THR B 82 10.78 4.76 -8.90
C THR B 82 9.80 4.80 -10.06
N ALA B 83 8.52 5.03 -9.74
CA ALA B 83 7.45 5.17 -10.71
C ALA B 83 6.23 5.78 -10.01
N TYR B 84 5.35 6.43 -10.77
CA TYR B 84 4.13 7.00 -10.22
C TYR B 84 3.14 5.91 -9.86
N ILE B 85 2.21 6.24 -8.95
CA ILE B 85 1.17 5.33 -8.54
C ILE B 85 -0.17 6.06 -8.45
N ARG B 86 -1.23 5.33 -8.79
CA ARG B 86 -2.59 5.81 -8.56
C ARG B 86 -3.16 5.08 -7.35
N VAL B 87 -3.17 5.80 -6.23
CA VAL B 87 -3.69 5.30 -4.96
C VAL B 87 -5.20 5.50 -4.90
N LYS B 88 -5.95 4.60 -5.54
CA LYS B 88 -7.40 4.70 -5.63
C LYS B 88 -8.07 4.15 -4.37
N VAL B 89 -9.31 4.58 -4.14
CA VAL B 89 -10.16 4.21 -3.00
C VAL B 89 -10.69 2.80 -3.08
N ASP B 90 -10.21 2.08 -4.08
CA ASP B 90 -10.42 0.64 -4.26
C ASP B 90 -11.67 0.39 -5.10
N GLY B 91 -11.73 -0.79 -5.72
CA GLY B 91 -12.90 -1.21 -6.45
C GLY B 91 -12.70 -2.59 -7.05
N MET B 1 0.38 -20.83 27.36
CA MET B 1 0.98 -20.01 26.29
C MET B 1 1.77 -18.85 26.89
N ALA B 2 3.10 -18.96 26.89
CA ALA B 2 3.97 -17.92 27.44
C ALA B 2 3.78 -16.57 26.74
N PRO B 3 3.56 -16.51 25.42
CA PRO B 3 3.24 -15.28 24.70
C PRO B 3 1.97 -14.57 25.19
N ARG B 4 1.32 -15.09 26.24
CA ARG B 4 0.05 -14.59 26.75
C ARG B 4 -1.05 -14.55 25.68
N GLY B 5 -0.86 -15.33 24.61
CA GLY B 5 -1.81 -15.41 23.51
C GLY B 5 -1.36 -16.45 22.48
N ARG B 6 -2.18 -16.67 21.45
CA ARG B 6 -1.88 -17.64 20.40
C ARG B 6 -2.53 -17.26 19.07
N TYR B 7 -3.04 -16.02 18.97
CA TYR B 7 -3.71 -15.52 17.78
C TYR B 7 -3.33 -14.06 17.53
N GLY B 8 -3.72 -13.52 16.37
CA GLY B 8 -3.44 -12.14 16.01
C GLY B 8 -4.01 -11.80 14.63
N PRO B 9 -3.82 -10.56 14.17
CA PRO B 9 -4.26 -10.07 12.87
C PRO B 9 -3.82 -10.99 11.71
N PRO B 10 -4.53 -10.94 10.58
CA PRO B 10 -4.24 -11.75 9.41
C PRO B 10 -2.78 -11.66 8.95
N SER B 11 -2.16 -10.47 9.08
CA SER B 11 -0.77 -10.22 8.70
C SER B 11 -0.44 -8.91 9.38
N ARG B 12 -1.47 -8.05 9.36
CA ARG B 12 -1.67 -6.82 10.10
C ARG B 12 -2.74 -5.90 9.49
N ARG B 13 -3.71 -6.49 8.77
CA ARG B 13 -4.77 -5.78 8.06
C ARG B 13 -5.56 -4.80 8.94
N SER B 14 -6.39 -3.97 8.29
CA SER B 14 -7.13 -2.90 8.95
C SER B 14 -8.55 -2.77 8.40
N GLU B 15 -8.96 -1.53 8.10
CA GLU B 15 -10.34 -1.14 7.86
C GLU B 15 -10.58 -0.25 6.65
N ASN B 16 -9.52 0.41 6.20
CA ASN B 16 -9.57 1.47 5.21
C ASN B 16 -8.45 1.28 4.19
N ARG B 17 -8.69 0.31 3.31
CA ARG B 17 -7.85 -0.03 2.17
C ARG B 17 -8.06 0.90 0.97
N VAL B 18 -6.97 1.12 0.25
CA VAL B 18 -6.89 1.86 -1.01
C VAL B 18 -5.95 1.12 -1.94
N VAL B 19 -6.36 0.92 -3.20
CA VAL B 19 -5.52 0.32 -4.21
C VAL B 19 -4.35 1.23 -4.54
N VAL B 20 -3.27 0.64 -5.05
CA VAL B 20 -2.10 1.36 -5.52
C VAL B 20 -1.74 0.83 -6.89
N SER B 21 -2.12 1.57 -7.93
CA SER B 21 -1.86 1.16 -9.30
C SER B 21 -0.82 2.05 -9.99
N GLY B 22 -0.03 1.44 -10.87
CA GLY B 22 1.04 2.12 -11.60
C GLY B 22 2.40 1.65 -11.07
N LEU B 23 2.33 0.76 -10.08
CA LEU B 23 3.42 0.19 -9.32
C LEU B 23 4.43 -0.51 -10.24
N PRO B 24 5.72 -0.54 -9.87
CA PRO B 24 6.74 -1.25 -10.60
C PRO B 24 6.76 -2.72 -10.19
N PRO B 25 7.41 -3.59 -10.96
CA PRO B 25 7.59 -5.00 -10.61
C PRO B 25 8.54 -5.12 -9.43
N SER B 26 9.29 -4.05 -9.14
CA SER B 26 10.19 -3.96 -8.01
C SER B 26 9.46 -3.64 -6.71
N GLY B 27 8.14 -3.45 -6.76
CA GLY B 27 7.38 -3.10 -5.58
C GLY B 27 7.17 -4.33 -4.70
N SER B 28 6.70 -4.12 -3.48
CA SER B 28 6.47 -5.17 -2.50
C SER B 28 5.49 -4.68 -1.45
N TRP B 29 4.92 -5.55 -0.61
CA TRP B 29 4.03 -5.07 0.43
C TRP B 29 4.84 -4.37 1.54
N GLN B 30 6.09 -4.79 1.75
CA GLN B 30 6.93 -4.19 2.79
C GLN B 30 7.27 -2.74 2.44
N ASP B 31 7.57 -2.50 1.16
CA ASP B 31 8.03 -1.19 0.73
C ASP B 31 6.87 -0.20 0.55
N LEU B 32 5.64 -0.72 0.39
CA LEU B 32 4.48 0.13 0.19
C LEU B 32 4.15 0.86 1.50
N LYS B 33 4.39 0.19 2.63
CA LYS B 33 4.08 0.77 3.94
C LYS B 33 5.12 1.83 4.28
N ASP B 34 6.36 1.56 3.91
CA ASP B 34 7.51 2.44 4.15
C ASP B 34 7.44 3.75 3.36
N HIS B 35 6.38 3.98 2.60
CA HIS B 35 6.28 5.17 1.77
C HIS B 35 4.92 5.84 1.92
N MET B 36 3.84 5.08 2.05
CA MET B 36 2.53 5.65 2.33
C MET B 36 2.49 6.17 3.78
N ARG B 37 3.49 5.82 4.59
CA ARG B 37 3.68 6.39 5.93
C ARG B 37 3.57 7.92 5.96
N GLU B 38 3.77 8.58 4.82
CA GLU B 38 3.61 10.02 4.71
C GLU B 38 2.15 10.43 4.91
N ALA B 39 1.25 9.64 4.32
CA ALA B 39 -0.18 9.91 4.36
C ALA B 39 -0.74 9.73 5.77
N GLY B 40 -0.09 8.88 6.56
CA GLY B 40 -0.57 8.52 7.86
C GLY B 40 0.09 7.23 8.32
N ASP B 41 -0.41 6.68 9.42
CA ASP B 41 0.14 5.46 10.00
C ASP B 41 -0.42 4.24 9.31
N VAL B 42 0.07 4.01 8.09
CA VAL B 42 -0.24 2.80 7.34
C VAL B 42 0.28 1.63 8.15
N CYS B 43 -0.38 0.49 8.03
CA CYS B 43 -0.05 -0.68 8.81
C CYS B 43 0.06 -1.92 7.93
N TYR B 44 -0.74 -2.02 6.87
CA TYR B 44 -0.72 -3.20 6.02
C TYR B 44 -0.76 -2.81 4.56
N ALA B 45 -0.31 -3.74 3.72
CA ALA B 45 -0.34 -3.57 2.28
C ALA B 45 -0.41 -4.95 1.66
N ASP B 46 -0.72 -5.05 0.37
CA ASP B 46 -0.59 -6.30 -0.33
C ASP B 46 -0.15 -5.98 -1.74
N VAL B 47 0.59 -6.90 -2.37
CA VAL B 47 1.18 -6.65 -3.65
C VAL B 47 0.85 -7.78 -4.61
N TYR B 48 0.60 -7.38 -5.85
CA TYR B 48 0.23 -8.31 -6.91
C TYR B 48 1.40 -8.49 -7.88
N ARG B 49 2.57 -7.99 -7.48
CA ARG B 49 3.85 -8.05 -8.19
C ARG B 49 3.76 -7.80 -9.68
N ASP B 50 2.72 -7.09 -10.14
CA ASP B 50 2.47 -6.98 -11.57
C ASP B 50 1.97 -5.60 -11.99
N GLY B 51 1.95 -4.62 -11.08
CA GLY B 51 1.60 -3.24 -11.43
C GLY B 51 0.52 -2.65 -10.52
N THR B 52 -0.03 -3.47 -9.62
CA THR B 52 -1.11 -3.05 -8.74
C THR B 52 -0.94 -3.68 -7.36
N GLY B 53 -1.65 -3.12 -6.38
CA GLY B 53 -1.60 -3.61 -5.00
C GLY B 53 -2.61 -2.85 -4.14
N VAL B 54 -2.51 -3.03 -2.82
CA VAL B 54 -3.34 -2.30 -1.85
C VAL B 54 -2.53 -1.90 -0.63
N VAL B 55 -3.06 -0.94 0.14
CA VAL B 55 -2.46 -0.45 1.37
C VAL B 55 -3.56 0.14 2.27
N GLU B 56 -3.35 0.14 3.59
CA GLU B 56 -4.33 0.66 4.53
C GLU B 56 -3.71 1.14 5.84
N PHE B 57 -4.45 1.98 6.55
CA PHE B 57 -3.95 2.68 7.73
C PHE B 57 -4.79 2.40 8.96
N VAL B 58 -4.28 2.86 10.09
CA VAL B 58 -4.92 2.73 11.39
C VAL B 58 -6.25 3.46 11.45
N ARG B 59 -6.47 4.43 10.56
CA ARG B 59 -7.65 5.26 10.57
C ARG B 59 -8.07 5.61 9.14
N LYS B 60 -9.38 5.69 8.89
CA LYS B 60 -9.92 5.84 7.56
C LYS B 60 -9.64 7.23 6.96
N GLU B 61 -9.43 8.25 7.80
CA GLU B 61 -9.21 9.59 7.27
C GLU B 61 -7.82 9.71 6.65
N ASP B 62 -6.87 8.93 7.17
CA ASP B 62 -5.50 8.95 6.66
C ASP B 62 -5.43 8.25 5.31
N MET B 63 -6.44 7.42 5.02
CA MET B 63 -6.51 6.68 3.78
C MET B 63 -6.98 7.58 2.64
N THR B 64 -8.11 8.27 2.83
CA THR B 64 -8.58 9.21 1.82
C THR B 64 -7.59 10.36 1.69
N TYR B 65 -6.74 10.56 2.70
CA TYR B 65 -5.70 11.58 2.60
C TYR B 65 -4.60 11.11 1.65
N ALA B 66 -4.40 9.80 1.53
CA ALA B 66 -3.40 9.24 0.64
C ALA B 66 -3.86 9.34 -0.82
N VAL B 67 -5.16 9.16 -1.08
CA VAL B 67 -5.67 9.20 -2.43
C VAL B 67 -5.70 10.63 -3.00
N ARG B 68 -5.21 11.62 -2.26
CA ARG B 68 -5.34 13.02 -2.67
C ARG B 68 -4.03 13.80 -2.52
N LYS B 69 -3.11 13.31 -1.67
CA LYS B 69 -1.80 13.93 -1.51
C LYS B 69 -0.70 13.01 -2.02
N LEU B 70 -0.95 11.70 -1.99
CA LEU B 70 0.04 10.67 -2.29
C LEU B 70 -0.40 9.86 -3.52
N ASP B 71 -1.53 10.23 -4.11
CA ASP B 71 -1.98 9.66 -5.38
C ASP B 71 -1.23 10.33 -6.53
N ASN B 72 -1.07 9.61 -7.65
CA ASN B 72 -0.54 10.15 -8.89
C ASN B 72 0.81 10.87 -8.73
N THR B 73 1.64 10.42 -7.78
CA THR B 73 2.97 10.96 -7.56
C THR B 73 4.00 9.85 -7.44
N LYS B 74 5.27 10.24 -7.33
CA LYS B 74 6.41 9.32 -7.28
C LYS B 74 6.28 8.33 -6.12
N PHE B 75 6.79 7.12 -6.36
CA PHE B 75 6.99 6.09 -5.35
C PHE B 75 8.32 5.39 -5.58
N ARG B 76 8.83 4.75 -4.53
CA ARG B 76 10.14 4.12 -4.49
C ARG B 76 10.05 2.82 -3.71
N SER B 77 10.80 1.81 -4.13
CA SER B 77 10.78 0.50 -3.51
C SER B 77 12.15 -0.17 -3.62
N HIS B 78 12.26 -1.40 -3.13
CA HIS B 78 13.46 -2.19 -3.25
C HIS B 78 13.81 -2.46 -4.71
N GLU B 79 14.85 -3.27 -4.94
CA GLU B 79 15.45 -3.55 -6.24
C GLU B 79 16.20 -2.32 -6.78
N GLY B 80 15.77 -1.11 -6.38
CA GLY B 80 16.51 0.12 -6.67
C GLY B 80 15.81 0.98 -7.71
N GLU B 81 14.48 0.92 -7.80
CA GLU B 81 13.73 1.61 -8.83
C GLU B 81 12.60 2.45 -8.27
N THR B 82 11.90 3.12 -9.18
CA THR B 82 10.82 4.04 -8.83
C THR B 82 9.73 4.01 -9.89
N ALA B 83 8.57 4.59 -9.57
CA ALA B 83 7.42 4.62 -10.46
C ALA B 83 6.44 5.70 -9.99
N TYR B 84 5.18 5.58 -10.41
CA TYR B 84 4.10 6.46 -10.02
C TYR B 84 3.00 5.63 -9.38
N ILE B 85 2.32 6.19 -8.38
CA ILE B 85 1.26 5.47 -7.67
C ILE B 85 -0.07 6.20 -7.74
N ARG B 86 -0.88 5.84 -8.74
CA ARG B 86 -2.27 6.29 -8.82
C ARG B 86 -3.09 5.53 -7.79
N VAL B 87 -3.09 6.05 -6.57
CA VAL B 87 -3.81 5.47 -5.45
C VAL B 87 -5.31 5.59 -5.70
N LYS B 88 -6.05 4.51 -5.49
CA LYS B 88 -7.49 4.53 -5.60
C LYS B 88 -8.18 4.01 -4.34
N VAL B 89 -9.48 4.27 -4.26
CA VAL B 89 -10.38 3.87 -3.18
C VAL B 89 -10.77 2.41 -3.26
N ASP B 90 -9.83 1.63 -3.77
CA ASP B 90 -9.89 0.17 -3.83
C ASP B 90 -10.87 -0.29 -4.89
N GLY B 91 -11.20 0.61 -5.80
CA GLY B 91 -12.23 0.38 -6.79
C GLY B 91 -11.62 -0.01 -8.14
N MET B 1 11.44 -7.05 31.09
CA MET B 1 11.49 -7.93 29.90
C MET B 1 10.71 -7.31 28.75
N ALA B 2 11.22 -7.47 27.52
CA ALA B 2 10.58 -6.93 26.33
C ALA B 2 10.96 -7.78 25.11
N PRO B 3 10.21 -7.67 24.00
CA PRO B 3 10.48 -8.37 22.75
C PRO B 3 11.89 -8.14 22.20
N ARG B 4 12.60 -7.13 22.73
CA ARG B 4 13.95 -6.76 22.30
C ARG B 4 14.06 -6.57 20.78
N GLY B 5 12.93 -6.29 20.11
CA GLY B 5 12.89 -6.10 18.67
C GLY B 5 11.45 -5.88 18.21
N ARG B 6 11.28 -5.74 16.88
CA ARG B 6 10.00 -5.48 16.20
C ARG B 6 9.13 -4.43 16.90
N TYR B 7 7.85 -4.36 16.52
CA TYR B 7 6.91 -3.40 17.08
C TYR B 7 5.48 -3.94 17.09
N GLY B 8 5.27 -5.17 16.60
CA GLY B 8 3.94 -5.75 16.50
C GLY B 8 3.99 -7.08 15.74
N PRO B 9 2.83 -7.64 15.41
CA PRO B 9 2.71 -8.87 14.65
C PRO B 9 3.19 -8.66 13.21
N PRO B 10 3.50 -9.74 12.49
CA PRO B 10 4.04 -9.69 11.13
C PRO B 10 3.00 -9.29 10.09
N SER B 11 1.83 -8.79 10.52
CA SER B 11 0.74 -8.39 9.66
C SER B 11 -0.28 -7.79 10.61
N ARG B 12 -0.92 -6.72 10.19
CA ARG B 12 -1.53 -5.87 11.17
C ARG B 12 -2.57 -4.90 10.57
N ARG B 13 -3.31 -5.39 9.58
CA ARG B 13 -4.23 -4.63 8.74
C ARG B 13 -5.38 -3.93 9.48
N SER B 14 -6.29 -3.31 8.72
CA SER B 14 -7.32 -2.40 9.22
C SER B 14 -8.69 -2.59 8.57
N GLU B 15 -9.31 -1.46 8.22
CA GLU B 15 -10.71 -1.31 7.86
C GLU B 15 -10.98 -0.42 6.65
N ASN B 16 -9.99 0.38 6.29
CA ASN B 16 -10.09 1.46 5.33
C ASN B 16 -8.93 1.34 4.34
N ARG B 17 -9.15 0.45 3.39
CA ARG B 17 -8.32 0.17 2.22
C ARG B 17 -8.55 1.16 1.07
N VAL B 18 -7.55 1.24 0.19
CA VAL B 18 -7.46 2.03 -1.03
C VAL B 18 -6.61 1.25 -2.04
N VAL B 19 -7.00 1.21 -3.31
CA VAL B 19 -6.21 0.50 -4.31
C VAL B 19 -4.95 1.31 -4.58
N VAL B 20 -3.96 0.69 -5.22
CA VAL B 20 -2.78 1.41 -5.69
C VAL B 20 -2.32 0.76 -6.99
N SER B 21 -2.05 1.59 -8.00
CA SER B 21 -1.54 1.07 -9.26
C SER B 21 -0.42 1.94 -9.82
N GLY B 22 0.61 1.29 -10.37
CA GLY B 22 1.69 1.97 -11.04
C GLY B 22 3.04 1.44 -10.56
N LEU B 23 3.00 0.49 -9.63
CA LEU B 23 4.19 -0.10 -9.04
C LEU B 23 5.13 -0.63 -10.12
N PRO B 24 6.44 -0.61 -9.86
CA PRO B 24 7.47 -1.14 -10.74
C PRO B 24 7.42 -2.67 -10.77
N PRO B 25 8.11 -3.29 -11.74
CA PRO B 25 8.12 -4.74 -11.96
C PRO B 25 8.52 -5.61 -10.77
N SER B 26 8.90 -5.03 -9.62
CA SER B 26 9.33 -5.82 -8.48
C SER B 26 8.90 -5.22 -7.13
N GLY B 27 8.02 -4.22 -7.12
CA GLY B 27 7.49 -3.68 -5.87
C GLY B 27 6.87 -4.78 -5.03
N SER B 28 6.75 -4.55 -3.71
CA SER B 28 6.26 -5.56 -2.78
C SER B 28 5.51 -4.89 -1.62
N TRP B 29 4.83 -5.68 -0.80
CA TRP B 29 4.03 -5.15 0.30
C TRP B 29 4.91 -4.49 1.37
N GLN B 30 6.17 -4.92 1.50
CA GLN B 30 7.06 -4.35 2.52
C GLN B 30 7.39 -2.91 2.17
N ASP B 31 7.54 -2.60 0.88
CA ASP B 31 7.89 -1.26 0.45
C ASP B 31 6.65 -0.36 0.37
N LEU B 32 5.48 -0.96 0.21
CA LEU B 32 4.26 -0.19 0.07
C LEU B 32 3.92 0.48 1.41
N LYS B 33 4.20 -0.20 2.52
CA LYS B 33 3.91 0.33 3.84
C LYS B 33 4.97 1.38 4.19
N ASP B 34 6.20 1.11 3.78
CA ASP B 34 7.36 1.97 4.02
C ASP B 34 7.30 3.28 3.24
N HIS B 35 6.27 3.48 2.41
CA HIS B 35 6.17 4.68 1.59
C HIS B 35 4.83 5.37 1.79
N MET B 36 3.74 4.62 1.97
CA MET B 36 2.45 5.20 2.30
C MET B 36 2.48 5.72 3.74
N ARG B 37 3.51 5.36 4.52
CA ARG B 37 3.73 5.93 5.85
C ARG B 37 3.68 7.46 5.85
N GLU B 38 3.87 8.09 4.69
CA GLU B 38 3.76 9.54 4.55
C GLU B 38 2.33 10.00 4.74
N ALA B 39 1.37 9.28 4.15
CA ALA B 39 -0.03 9.61 4.22
C ALA B 39 -0.57 9.43 5.63
N GLY B 40 0.05 8.51 6.38
CA GLY B 40 -0.40 8.18 7.71
C GLY B 40 0.18 6.83 8.13
N ASP B 41 -0.35 6.30 9.22
CA ASP B 41 0.13 5.04 9.78
C ASP B 41 -0.50 3.86 9.05
N VAL B 42 -0.02 3.63 7.84
CA VAL B 42 -0.39 2.47 7.05
C VAL B 42 0.04 1.24 7.85
N CYS B 43 -0.69 0.15 7.68
CA CYS B 43 -0.49 -1.04 8.48
C CYS B 43 -0.58 -2.31 7.64
N TYR B 44 -1.09 -2.23 6.41
CA TYR B 44 -1.11 -3.41 5.55
C TYR B 44 -1.17 -3.01 4.10
N ALA B 45 -0.69 -3.91 3.24
CA ALA B 45 -0.70 -3.72 1.81
C ALA B 45 -0.67 -5.08 1.13
N ASP B 46 -1.57 -5.32 0.17
CA ASP B 46 -1.55 -6.58 -0.56
C ASP B 46 -1.14 -6.28 -1.99
N VAL B 47 -0.04 -6.90 -2.42
CA VAL B 47 0.56 -6.59 -3.69
C VAL B 47 0.35 -7.74 -4.67
N TYR B 48 0.09 -7.38 -5.93
CA TYR B 48 -0.22 -8.36 -6.97
C TYR B 48 1.02 -8.75 -7.79
N ARG B 49 2.19 -8.26 -7.38
CA ARG B 49 3.47 -8.66 -7.95
C ARG B 49 3.60 -8.30 -9.43
N ASP B 50 2.72 -7.44 -9.95
CA ASP B 50 2.73 -7.11 -11.37
C ASP B 50 2.58 -5.61 -11.65
N GLY B 51 2.38 -4.79 -10.61
CA GLY B 51 2.28 -3.34 -10.78
C GLY B 51 1.06 -2.73 -10.09
N THR B 52 0.33 -3.55 -9.31
CA THR B 52 -0.88 -3.10 -8.63
C THR B 52 -0.99 -3.74 -7.25
N GLY B 53 -1.86 -3.20 -6.41
CA GLY B 53 -2.09 -3.73 -5.08
C GLY B 53 -3.14 -2.92 -4.33
N VAL B 54 -3.19 -3.10 -3.01
CA VAL B 54 -4.04 -2.34 -2.12
C VAL B 54 -3.24 -2.01 -0.86
N VAL B 55 -3.69 -1.01 -0.10
CA VAL B 55 -3.02 -0.58 1.13
C VAL B 55 -4.06 0.02 2.07
N GLU B 56 -3.77 0.04 3.38
CA GLU B 56 -4.70 0.56 4.38
C GLU B 56 -3.98 1.02 5.64
N PHE B 57 -4.65 1.88 6.42
CA PHE B 57 -4.06 2.53 7.58
C PHE B 57 -4.92 2.34 8.82
N VAL B 58 -4.36 2.74 9.96
CA VAL B 58 -5.02 2.65 11.25
C VAL B 58 -6.21 3.58 11.37
N ARG B 59 -6.44 4.46 10.38
CA ARG B 59 -7.52 5.42 10.41
C ARG B 59 -8.00 5.72 9.00
N LYS B 60 -9.32 5.77 8.81
CA LYS B 60 -9.91 5.98 7.49
C LYS B 60 -9.62 7.37 6.94
N GLU B 61 -9.29 8.34 7.80
CA GLU B 61 -9.02 9.70 7.34
C GLU B 61 -7.64 9.80 6.71
N ASP B 62 -6.69 9.00 7.20
CA ASP B 62 -5.34 9.00 6.68
C ASP B 62 -5.30 8.30 5.32
N MET B 63 -6.33 7.49 5.06
CA MET B 63 -6.48 6.75 3.83
C MET B 63 -6.93 7.66 2.69
N THR B 64 -8.00 8.42 2.90
CA THR B 64 -8.45 9.39 1.91
C THR B 64 -7.40 10.49 1.78
N TYR B 65 -6.51 10.64 2.76
CA TYR B 65 -5.43 11.60 2.63
C TYR B 65 -4.39 11.07 1.66
N ALA B 66 -4.28 9.74 1.54
CA ALA B 66 -3.34 9.14 0.61
C ALA B 66 -3.84 9.32 -0.82
N VAL B 67 -5.14 9.21 -1.06
CA VAL B 67 -5.69 9.32 -2.41
C VAL B 67 -5.64 10.75 -2.94
N ARG B 68 -5.05 11.70 -2.22
CA ARG B 68 -5.10 13.12 -2.60
C ARG B 68 -3.74 13.80 -2.49
N LYS B 69 -2.79 13.20 -1.77
CA LYS B 69 -1.42 13.69 -1.70
C LYS B 69 -0.41 12.62 -2.10
N LEU B 70 -0.80 11.36 -1.99
CA LEU B 70 0.08 10.23 -2.28
C LEU B 70 -0.44 9.46 -3.49
N ASP B 71 -1.55 9.94 -4.07
CA ASP B 71 -2.08 9.45 -5.33
C ASP B 71 -1.56 10.34 -6.46
N ASN B 72 -1.21 9.73 -7.59
CA ASN B 72 -0.70 10.42 -8.77
C ASN B 72 0.61 11.13 -8.47
N THR B 73 1.42 10.51 -7.60
CA THR B 73 2.76 11.01 -7.24
C THR B 73 3.75 9.86 -7.18
N LYS B 74 5.02 10.20 -6.90
CA LYS B 74 6.13 9.26 -6.86
C LYS B 74 5.94 8.12 -5.87
N PHE B 75 6.64 7.02 -6.16
CA PHE B 75 6.86 5.87 -5.29
C PHE B 75 8.28 5.36 -5.51
N ARG B 76 8.77 4.56 -4.56
CA ARG B 76 10.16 4.09 -4.52
C ARG B 76 10.19 2.69 -3.92
N SER B 77 11.10 1.84 -4.39
CA SER B 77 11.19 0.46 -3.93
C SER B 77 12.63 -0.01 -3.81
N HIS B 78 12.80 -1.19 -3.21
CA HIS B 78 14.10 -1.83 -2.98
C HIS B 78 14.88 -2.07 -4.27
N GLU B 79 14.25 -1.93 -5.44
CA GLU B 79 14.91 -2.18 -6.71
C GLU B 79 16.00 -1.15 -6.98
N GLY B 80 15.92 -0.01 -6.28
CA GLY B 80 16.92 1.05 -6.39
C GLY B 80 16.44 2.18 -7.29
N GLU B 81 15.15 2.23 -7.62
CA GLU B 81 14.60 3.22 -8.53
C GLU B 81 13.19 3.64 -8.10
N THR B 82 12.60 4.57 -8.85
CA THR B 82 11.29 5.15 -8.52
C THR B 82 10.29 4.93 -9.65
N ALA B 83 9.03 5.20 -9.34
CA ALA B 83 7.91 5.06 -10.25
C ALA B 83 6.80 6.00 -9.76
N TYR B 84 5.57 5.79 -10.24
CA TYR B 84 4.42 6.57 -9.79
C TYR B 84 3.33 5.63 -9.28
N ILE B 85 2.45 6.15 -8.42
CA ILE B 85 1.31 5.39 -7.96
C ILE B 85 0.04 6.20 -8.06
N ARG B 86 -1.04 5.47 -8.34
CA ARG B 86 -2.40 5.98 -8.40
C ARG B 86 -3.19 5.28 -7.31
N VAL B 87 -3.07 5.81 -6.09
CA VAL B 87 -3.76 5.30 -4.91
C VAL B 87 -5.27 5.56 -5.00
N LYS B 88 -6.02 4.67 -5.64
CA LYS B 88 -7.48 4.80 -5.75
C LYS B 88 -8.15 4.55 -4.40
N VAL B 89 -9.45 4.85 -4.31
CA VAL B 89 -10.26 4.75 -3.11
C VAL B 89 -10.40 3.34 -2.53
N ASP B 90 -10.32 2.31 -3.38
CA ASP B 90 -10.55 0.88 -3.09
C ASP B 90 -11.41 0.29 -4.20
N GLY B 91 -11.49 -1.04 -4.23
CA GLY B 91 -12.36 -1.76 -5.15
C GLY B 91 -12.19 -3.26 -5.02
#